data_7EDT
# 
_entry.id   7EDT 
# 
_audit_conform.dict_name       mmcif_pdbx.dic 
_audit_conform.dict_version    5.387 
_audit_conform.dict_location   http://mmcif.pdb.org/dictionaries/ascii/mmcif_pdbx.dic 
# 
loop_
_database_2.database_id 
_database_2.database_code 
_database_2.pdbx_database_accession 
_database_2.pdbx_DOI 
PDB   7EDT         pdb_00007edt 10.2210/pdb7edt/pdb 
WWPDB D_1300021243 ?            ?                   
# 
loop_
_pdbx_audit_revision_history.ordinal 
_pdbx_audit_revision_history.data_content_type 
_pdbx_audit_revision_history.major_revision 
_pdbx_audit_revision_history.minor_revision 
_pdbx_audit_revision_history.revision_date 
1 'Structure model' 1 0 2022-03-23 
2 'Structure model' 1 1 2024-04-03 
# 
_pdbx_audit_revision_details.ordinal             1 
_pdbx_audit_revision_details.revision_ordinal    1 
_pdbx_audit_revision_details.data_content_type   'Structure model' 
_pdbx_audit_revision_details.provider            repository 
_pdbx_audit_revision_details.type                'Initial release' 
_pdbx_audit_revision_details.description         ? 
_pdbx_audit_revision_details.details             ? 
# 
loop_
_pdbx_audit_revision_group.ordinal 
_pdbx_audit_revision_group.revision_ordinal 
_pdbx_audit_revision_group.data_content_type 
_pdbx_audit_revision_group.group 
1 2 'Structure model' 'Data collection'        
2 2 'Structure model' 'Refinement description' 
# 
loop_
_pdbx_audit_revision_category.ordinal 
_pdbx_audit_revision_category.revision_ordinal 
_pdbx_audit_revision_category.data_content_type 
_pdbx_audit_revision_category.category 
1 2 'Structure model' chem_comp_atom                
2 2 'Structure model' chem_comp_bond                
3 2 'Structure model' pdbx_initial_refinement_model 
# 
_pdbx_database_status.status_code                     REL 
_pdbx_database_status.status_code_sf                  REL 
_pdbx_database_status.status_code_mr                  ? 
_pdbx_database_status.entry_id                        7EDT 
_pdbx_database_status.recvd_initial_deposition_date   2021-03-17 
_pdbx_database_status.SG_entry                        N 
_pdbx_database_status.deposit_site                    PDBJ 
_pdbx_database_status.process_site                    PDBJ 
_pdbx_database_status.status_code_cs                  ? 
_pdbx_database_status.status_code_nmr_data            ? 
_pdbx_database_status.methods_development_category    ? 
_pdbx_database_status.pdb_format_compatible           Y 
# 
loop_
_audit_author.name 
_audit_author.pdbx_ordinal 
_audit_author.identifier_ORCID 
'Kondo, J.' 1 0000-0002-5682-3685 
'Tada, Y.'  2 ?                   
# 
_citation.abstract                  ? 
_citation.abstract_id_CAS           ? 
_citation.book_id_ISBN              ? 
_citation.book_publisher            ? 
_citation.book_publisher_city       ? 
_citation.book_title                ? 
_citation.coordinate_linkage        ? 
_citation.country                   ? 
_citation.database_id_Medline       ? 
_citation.details                   ? 
_citation.id                        primary 
_citation.journal_abbrev            'To Be Published' 
_citation.journal_id_ASTM           ? 
_citation.journal_id_CSD            0353 
_citation.journal_id_ISSN           ? 
_citation.journal_full              ? 
_citation.journal_issue             ? 
_citation.journal_volume            ? 
_citation.language                  ? 
_citation.page_first                ? 
_citation.page_last                 ? 
_citation.title                     'RNA duplex containing CC mispairs' 
_citation.year                      ? 
_citation.database_id_CSD           ? 
_citation.pdbx_database_id_DOI      ? 
_citation.pdbx_database_id_PubMed   ? 
_citation.pdbx_database_id_patent   ? 
_citation.unpublished_flag          ? 
# 
loop_
_citation_author.citation_id 
_citation_author.name 
_citation_author.ordinal 
_citation_author.identifier_ORCID 
primary 'Kondo, J.' 1 0000-0002-5682-3685 
primary 'Tada, Y.'  2 ?                   
# 
loop_
_entity.id 
_entity.type 
_entity.src_method 
_entity.pdbx_description 
_entity.formula_weight 
_entity.pdbx_number_of_molecules 
_entity.pdbx_ec 
_entity.pdbx_mutation 
_entity.pdbx_fragment 
_entity.details 
1 polymer     syn 
;RNA (5'-R(*GP*GP*AP*CP*UP*CP*CP*GP*GP*(5BU)P*CP*C)-3')
;
3882.208 2   ? ? ? ? 
2 non-polymer syn SPERMINE                                                 202.340  1   ? ? ? ? 
3 non-polymer syn 'SODIUM ION'                                             22.990   1   ? ? ? ? 
4 water       nat water                                                    18.015   163 ? ? ? ? 
# 
_entity_poly.entity_id                      1 
_entity_poly.type                           polyribonucleotide 
_entity_poly.nstd_linkage                   no 
_entity_poly.nstd_monomer                   yes 
_entity_poly.pdbx_seq_one_letter_code       'GGACUCCGG(5BU)CC' 
_entity_poly.pdbx_seq_one_letter_code_can   GGACUCCGGUCC 
_entity_poly.pdbx_strand_id                 A,B 
_entity_poly.pdbx_target_identifier         ? 
# 
loop_
_pdbx_entity_nonpoly.entity_id 
_pdbx_entity_nonpoly.name 
_pdbx_entity_nonpoly.comp_id 
2 SPERMINE     SPM 
3 'SODIUM ION' NA  
4 water        HOH 
# 
loop_
_entity_poly_seq.entity_id 
_entity_poly_seq.num 
_entity_poly_seq.mon_id 
_entity_poly_seq.hetero 
1 1  G   n 
1 2  G   n 
1 3  A   n 
1 4  C   n 
1 5  U   n 
1 6  C   n 
1 7  C   n 
1 8  G   n 
1 9  G   n 
1 10 5BU n 
1 11 C   n 
1 12 C   n 
# 
_pdbx_entity_src_syn.entity_id              1 
_pdbx_entity_src_syn.pdbx_src_id            1 
_pdbx_entity_src_syn.pdbx_alt_source_flag   sample 
_pdbx_entity_src_syn.pdbx_beg_seq_num       1 
_pdbx_entity_src_syn.pdbx_end_seq_num       12 
_pdbx_entity_src_syn.organism_scientific    'synthetic construct' 
_pdbx_entity_src_syn.organism_common_name   ? 
_pdbx_entity_src_syn.ncbi_taxonomy_id       32630 
_pdbx_entity_src_syn.details                ? 
# 
loop_
_chem_comp.id 
_chem_comp.type 
_chem_comp.mon_nstd_flag 
_chem_comp.name 
_chem_comp.pdbx_synonyms 
_chem_comp.formula 
_chem_comp.formula_weight 
5BU 'RNA linking' n "5-BROMO-URIDINE-5'-MONOPHOSPHATE" ? 'C9 H12 Br N2 O9 P' 403.077 
A   'RNA linking' y "ADENOSINE-5'-MONOPHOSPHATE"       ? 'C10 H14 N5 O7 P'   347.221 
C   'RNA linking' y "CYTIDINE-5'-MONOPHOSPHATE"        ? 'C9 H14 N3 O8 P'    323.197 
G   'RNA linking' y "GUANOSINE-5'-MONOPHOSPHATE"       ? 'C10 H14 N5 O8 P'   363.221 
HOH non-polymer   . WATER                              ? 'H2 O'              18.015  
NA  non-polymer   . 'SODIUM ION'                       ? 'Na 1'              22.990  
SPM non-polymer   . SPERMINE                           ? 'C10 H26 N4'        202.340 
U   'RNA linking' y "URIDINE-5'-MONOPHOSPHATE"         ? 'C9 H13 N2 O9 P'    324.181 
# 
loop_
_pdbx_poly_seq_scheme.asym_id 
_pdbx_poly_seq_scheme.entity_id 
_pdbx_poly_seq_scheme.seq_id 
_pdbx_poly_seq_scheme.mon_id 
_pdbx_poly_seq_scheme.ndb_seq_num 
_pdbx_poly_seq_scheme.pdb_seq_num 
_pdbx_poly_seq_scheme.auth_seq_num 
_pdbx_poly_seq_scheme.pdb_mon_id 
_pdbx_poly_seq_scheme.auth_mon_id 
_pdbx_poly_seq_scheme.pdb_strand_id 
_pdbx_poly_seq_scheme.pdb_ins_code 
_pdbx_poly_seq_scheme.hetero 
A 1 1  G   1  1  1  G   G   A . n 
A 1 2  G   2  2  2  G   G   A . n 
A 1 3  A   3  3  3  A   A   A . n 
A 1 4  C   4  4  4  C   C   A . n 
A 1 5  U   5  5  5  U   U   A . n 
A 1 6  C   6  6  6  C   C   A . n 
A 1 7  C   7  7  7  C   C   A . n 
A 1 8  G   8  8  8  G   G   A . n 
A 1 9  G   9  9  9  G   G   A . n 
A 1 10 5BU 10 10 10 5BU 5BU A . n 
A 1 11 C   11 11 11 C   C   A . n 
A 1 12 C   12 12 12 C   C   A . n 
B 1 1  G   1  13 13 G   G   B . n 
B 1 2  G   2  14 14 G   G   B . n 
B 1 3  A   3  15 15 A   A   B . n 
B 1 4  C   4  16 16 C   C   B . n 
B 1 5  U   5  17 17 U   U   B . n 
B 1 6  C   6  18 18 C   C   B . n 
B 1 7  C   7  19 19 C   C   B . n 
B 1 8  G   8  20 20 G   G   B . n 
B 1 9  G   9  21 21 G   G   B . n 
B 1 10 5BU 10 22 22 5BU 5BU B . n 
B 1 11 C   11 23 23 C   C   B . n 
B 1 12 C   12 24 24 C   C   B . n 
# 
loop_
_pdbx_nonpoly_scheme.asym_id 
_pdbx_nonpoly_scheme.entity_id 
_pdbx_nonpoly_scheme.mon_id 
_pdbx_nonpoly_scheme.ndb_seq_num 
_pdbx_nonpoly_scheme.pdb_seq_num 
_pdbx_nonpoly_scheme.auth_seq_num 
_pdbx_nonpoly_scheme.pdb_mon_id 
_pdbx_nonpoly_scheme.auth_mon_id 
_pdbx_nonpoly_scheme.pdb_strand_id 
_pdbx_nonpoly_scheme.pdb_ins_code 
C 2 SPM 1  401 401 SPM SPM A . 
D 3 NA  1  402 1   NA  NA  A . 
E 4 HOH 1  501 336 HOH HOH A . 
E 4 HOH 2  502 202 HOH HOH A . 
E 4 HOH 3  503 227 HOH HOH A . 
E 4 HOH 4  504 269 HOH HOH A . 
E 4 HOH 5  505 127 HOH HOH A . 
E 4 HOH 6  506 273 HOH HOH A . 
E 4 HOH 7  507 157 HOH HOH A . 
E 4 HOH 8  508 165 HOH HOH A . 
E 4 HOH 9  509 197 HOH HOH A . 
E 4 HOH 10 510 200 HOH HOH A . 
E 4 HOH 11 511 188 HOH HOH A . 
E 4 HOH 12 512 159 HOH HOH A . 
E 4 HOH 13 513 106 HOH HOH A . 
E 4 HOH 14 514 109 HOH HOH A . 
E 4 HOH 15 515 120 HOH HOH A . 
E 4 HOH 16 516 115 HOH HOH A . 
E 4 HOH 17 517 233 HOH HOH A . 
E 4 HOH 18 518 125 HOH HOH A . 
E 4 HOH 19 519 163 HOH HOH A . 
E 4 HOH 20 520 128 HOH HOH A . 
E 4 HOH 21 521 103 HOH HOH A . 
E 4 HOH 22 522 146 HOH HOH A . 
E 4 HOH 23 523 258 HOH HOH A . 
E 4 HOH 24 524 231 HOH HOH A . 
E 4 HOH 25 525 250 HOH HOH A . 
E 4 HOH 26 526 153 HOH HOH A . 
E 4 HOH 27 527 122 HOH HOH A . 
E 4 HOH 28 528 123 HOH HOH A . 
E 4 HOH 29 529 190 HOH HOH A . 
E 4 HOH 30 530 105 HOH HOH A . 
E 4 HOH 31 531 256 HOH HOH A . 
E 4 HOH 32 532 175 HOH HOH A . 
E 4 HOH 33 533 230 HOH HOH A . 
E 4 HOH 34 534 140 HOH HOH A . 
E 4 HOH 35 535 143 HOH HOH A . 
E 4 HOH 36 536 116 HOH HOH A . 
E 4 HOH 37 537 102 HOH HOH A . 
E 4 HOH 38 538 131 HOH HOH A . 
E 4 HOH 39 539 174 HOH HOH A . 
E 4 HOH 40 540 214 HOH HOH A . 
E 4 HOH 41 541 181 HOH HOH A . 
E 4 HOH 42 542 107 HOH HOH A . 
E 4 HOH 43 543 178 HOH HOH A . 
E 4 HOH 44 544 170 HOH HOH A . 
E 4 HOH 45 545 132 HOH HOH A . 
E 4 HOH 46 546 111 HOH HOH A . 
E 4 HOH 47 547 240 HOH HOH A . 
E 4 HOH 48 548 201 HOH HOH A . 
E 4 HOH 49 549 150 HOH HOH A . 
E 4 HOH 50 550 162 HOH HOH A . 
E 4 HOH 51 551 168 HOH HOH A . 
E 4 HOH 52 552 110 HOH HOH A . 
E 4 HOH 53 553 161 HOH HOH A . 
E 4 HOH 54 554 169 HOH HOH A . 
E 4 HOH 55 555 272 HOH HOH A . 
E 4 HOH 56 556 180 HOH HOH A . 
E 4 HOH 57 557 172 HOH HOH A . 
E 4 HOH 58 558 193 HOH HOH A . 
E 4 HOH 59 559 267 HOH HOH A . 
E 4 HOH 60 560 192 HOH HOH A . 
E 4 HOH 61 561 289 HOH HOH A . 
E 4 HOH 62 562 237 HOH HOH A . 
E 4 HOH 63 563 290 HOH HOH A . 
E 4 HOH 64 564 114 HOH HOH A . 
E 4 HOH 65 565 158 HOH HOH A . 
E 4 HOH 66 566 204 HOH HOH A . 
E 4 HOH 67 567 210 HOH HOH A . 
E 4 HOH 68 568 212 HOH HOH A . 
E 4 HOH 69 569 321 HOH HOH A . 
E 4 HOH 70 570 314 HOH HOH A . 
E 4 HOH 71 571 217 HOH HOH A . 
E 4 HOH 72 572 263 HOH HOH A . 
E 4 HOH 73 573 270 HOH HOH A . 
E 4 HOH 74 574 322 HOH HOH A . 
E 4 HOH 75 575 326 HOH HOH A . 
E 4 HOH 76 576 313 HOH HOH A . 
E 4 HOH 77 577 293 HOH HOH A . 
F 4 HOH 1  101 185 HOH HOH B . 
F 4 HOH 2  102 337 HOH HOH B . 
F 4 HOH 3  103 275 HOH HOH B . 
F 4 HOH 4  104 189 HOH HOH B . 
F 4 HOH 5  105 309 HOH HOH B . 
F 4 HOH 6  106 129 HOH HOH B . 
F 4 HOH 7  107 221 HOH HOH B . 
F 4 HOH 8  108 134 HOH HOH B . 
F 4 HOH 9  109 171 HOH HOH B . 
F 4 HOH 10 110 176 HOH HOH B . 
F 4 HOH 11 111 155 HOH HOH B . 
F 4 HOH 12 112 137 HOH HOH B . 
F 4 HOH 13 113 130 HOH HOH B . 
F 4 HOH 14 114 135 HOH HOH B . 
F 4 HOH 15 115 308 HOH HOH B . 
F 4 HOH 16 116 154 HOH HOH B . 
F 4 HOH 17 117 118 HOH HOH B . 
F 4 HOH 18 118 104 HOH HOH B . 
F 4 HOH 19 119 166 HOH HOH B . 
F 4 HOH 20 120 160 HOH HOH B . 
F 4 HOH 21 121 126 HOH HOH B . 
F 4 HOH 22 122 121 HOH HOH B . 
F 4 HOH 23 123 198 HOH HOH B . 
F 4 HOH 24 124 177 HOH HOH B . 
F 4 HOH 25 125 199 HOH HOH B . 
F 4 HOH 26 126 297 HOH HOH B . 
F 4 HOH 27 127 264 HOH HOH B . 
F 4 HOH 28 128 141 HOH HOH B . 
F 4 HOH 29 129 164 HOH HOH B . 
F 4 HOH 30 130 281 HOH HOH B . 
F 4 HOH 31 131 216 HOH HOH B . 
F 4 HOH 32 132 151 HOH HOH B . 
F 4 HOH 33 133 223 HOH HOH B . 
F 4 HOH 34 134 101 HOH HOH B . 
F 4 HOH 35 135 124 HOH HOH B . 
F 4 HOH 36 136 108 HOH HOH B . 
F 4 HOH 37 137 144 HOH HOH B . 
F 4 HOH 38 138 156 HOH HOH B . 
F 4 HOH 39 139 117 HOH HOH B . 
F 4 HOH 40 140 173 HOH HOH B . 
F 4 HOH 41 141 196 HOH HOH B . 
F 4 HOH 42 142 276 HOH HOH B . 
F 4 HOH 43 143 208 HOH HOH B . 
F 4 HOH 44 144 139 HOH HOH B . 
F 4 HOH 45 145 112 HOH HOH B . 
F 4 HOH 46 146 182 HOH HOH B . 
F 4 HOH 47 147 136 HOH HOH B . 
F 4 HOH 48 148 310 HOH HOH B . 
F 4 HOH 49 149 300 HOH HOH B . 
F 4 HOH 50 150 213 HOH HOH B . 
F 4 HOH 51 151 191 HOH HOH B . 
F 4 HOH 52 152 149 HOH HOH B . 
F 4 HOH 53 153 119 HOH HOH B . 
F 4 HOH 54 154 243 HOH HOH B . 
F 4 HOH 55 155 142 HOH HOH B . 
F 4 HOH 56 156 259 HOH HOH B . 
F 4 HOH 57 157 335 HOH HOH B . 
F 4 HOH 58 158 138 HOH HOH B . 
F 4 HOH 59 159 277 HOH HOH B . 
F 4 HOH 60 160 113 HOH HOH B . 
F 4 HOH 61 161 167 HOH HOH B . 
F 4 HOH 62 162 133 HOH HOH B . 
F 4 HOH 63 163 247 HOH HOH B . 
F 4 HOH 64 164 261 HOH HOH B . 
F 4 HOH 65 165 184 HOH HOH B . 
F 4 HOH 66 166 187 HOH HOH B . 
F 4 HOH 67 167 249 HOH HOH B . 
F 4 HOH 68 168 179 HOH HOH B . 
F 4 HOH 69 169 148 HOH HOH B . 
F 4 HOH 70 170 205 HOH HOH B . 
F 4 HOH 71 171 268 HOH HOH B . 
F 4 HOH 72 172 152 HOH HOH B . 
F 4 HOH 73 173 209 HOH HOH B . 
F 4 HOH 74 174 266 HOH HOH B . 
F 4 HOH 75 175 257 HOH HOH B . 
F 4 HOH 76 176 278 HOH HOH B . 
F 4 HOH 77 177 262 HOH HOH B . 
F 4 HOH 78 178 242 HOH HOH B . 
F 4 HOH 79 179 234 HOH HOH B . 
F 4 HOH 80 180 145 HOH HOH B . 
F 4 HOH 81 181 255 HOH HOH B . 
F 4 HOH 82 182 282 HOH HOH B . 
F 4 HOH 83 183 238 HOH HOH B . 
F 4 HOH 84 184 226 HOH HOH B . 
F 4 HOH 85 185 316 HOH HOH B . 
F 4 HOH 86 186 294 HOH HOH B . 
# 
loop_
_pdbx_unobs_or_zero_occ_atoms.id 
_pdbx_unobs_or_zero_occ_atoms.PDB_model_num 
_pdbx_unobs_or_zero_occ_atoms.polymer_flag 
_pdbx_unobs_or_zero_occ_atoms.occupancy_flag 
_pdbx_unobs_or_zero_occ_atoms.auth_asym_id 
_pdbx_unobs_or_zero_occ_atoms.auth_comp_id 
_pdbx_unobs_or_zero_occ_atoms.auth_seq_id 
_pdbx_unobs_or_zero_occ_atoms.PDB_ins_code 
_pdbx_unobs_or_zero_occ_atoms.auth_atom_id 
_pdbx_unobs_or_zero_occ_atoms.label_alt_id 
_pdbx_unobs_or_zero_occ_atoms.label_asym_id 
_pdbx_unobs_or_zero_occ_atoms.label_comp_id 
_pdbx_unobs_or_zero_occ_atoms.label_seq_id 
_pdbx_unobs_or_zero_occ_atoms.label_atom_id 
1 1 N 1 A SPM 401 ? N1 ? C SPM 1 N1 
2 1 N 1 A SPM 401 ? C2 ? C SPM 1 C2 
3 1 N 1 A SPM 401 ? C3 ? C SPM 1 C3 
# 
loop_
_software.citation_id 
_software.classification 
_software.compiler_name 
_software.compiler_version 
_software.contact_author 
_software.contact_author_email 
_software.date 
_software.description 
_software.dependencies 
_software.hardware 
_software.language 
_software.location 
_software.mods 
_software.name 
_software.os 
_software.os_version 
_software.type 
_software.version 
_software.pdbx_ordinal 
? refinement       ? ? ? ? ? ? ? ? ? ? ? PHENIX ? ? ? 1.17.1 1 
? 'data scaling'   ? ? ? ? ? ? ? ? ? ? ? d*TREK ? ? ? 9.4SSI 2 
? 'data reduction' ? ? ? ? ? ? ? ? ? ? ? d*TREK ? ? ? .      3 
? phasing          ? ? ? ? ? ? ? ? ? ? ? PHASER ? ? ? .      4 
# 
_cell.angle_alpha                  93.850 
_cell.angle_alpha_esd              ? 
_cell.angle_beta                   106.020 
_cell.angle_beta_esd               ? 
_cell.angle_gamma                  103.210 
_cell.angle_gamma_esd              ? 
_cell.entry_id                     7EDT 
_cell.details                      ? 
_cell.formula_units_Z              ? 
_cell.length_a                     24.296 
_cell.length_a_esd                 ? 
_cell.length_b                     24.852 
_cell.length_b_esd                 ? 
_cell.length_c                     28.249 
_cell.length_c_esd                 ? 
_cell.volume                       ? 
_cell.volume_esd                   ? 
_cell.Z_PDB                        2 
_cell.reciprocal_angle_alpha       ? 
_cell.reciprocal_angle_beta        ? 
_cell.reciprocal_angle_gamma       ? 
_cell.reciprocal_angle_alpha_esd   ? 
_cell.reciprocal_angle_beta_esd    ? 
_cell.reciprocal_angle_gamma_esd   ? 
_cell.reciprocal_length_a          ? 
_cell.reciprocal_length_b          ? 
_cell.reciprocal_length_c          ? 
_cell.reciprocal_length_a_esd      ? 
_cell.reciprocal_length_b_esd      ? 
_cell.reciprocal_length_c_esd      ? 
_cell.pdbx_unique_axis             ? 
# 
_symmetry.entry_id                         7EDT 
_symmetry.cell_setting                     ? 
_symmetry.Int_Tables_number                1 
_symmetry.space_group_name_Hall            ? 
_symmetry.space_group_name_H-M             'P 1' 
_symmetry.pdbx_full_space_group_name_H-M   ? 
# 
_exptl.absorpt_coefficient_mu     ? 
_exptl.absorpt_correction_T_max   ? 
_exptl.absorpt_correction_T_min   ? 
_exptl.absorpt_correction_type    ? 
_exptl.absorpt_process_details    ? 
_exptl.entry_id                   7EDT 
_exptl.crystals_number            1 
_exptl.details                    ? 
_exptl.method                     'X-RAY DIFFRACTION' 
_exptl.method_details             ? 
# 
_exptl_crystal.colour                      ? 
_exptl_crystal.density_diffrn              ? 
_exptl_crystal.density_Matthews            2.04 
_exptl_crystal.density_method              ? 
_exptl_crystal.density_percent_sol         39.58 
_exptl_crystal.description                 ? 
_exptl_crystal.F_000                       ? 
_exptl_crystal.id                          1 
_exptl_crystal.preparation                 ? 
_exptl_crystal.size_max                    ? 
_exptl_crystal.size_mid                    ? 
_exptl_crystal.size_min                    ? 
_exptl_crystal.size_rad                    ? 
_exptl_crystal.colour_lustre               ? 
_exptl_crystal.colour_modifier             ? 
_exptl_crystal.colour_primary              ? 
_exptl_crystal.density_meas                ? 
_exptl_crystal.density_meas_esd            ? 
_exptl_crystal.density_meas_gt             ? 
_exptl_crystal.density_meas_lt             ? 
_exptl_crystal.density_meas_temp           ? 
_exptl_crystal.density_meas_temp_esd       ? 
_exptl_crystal.density_meas_temp_gt        ? 
_exptl_crystal.density_meas_temp_lt        ? 
_exptl_crystal.pdbx_crystal_image_url      ? 
_exptl_crystal.pdbx_crystal_image_format   ? 
_exptl_crystal.pdbx_mosaicity              ? 
_exptl_crystal.pdbx_mosaicity_esd          ? 
# 
_exptl_crystal_grow.apparatus       ? 
_exptl_crystal_grow.atmosphere      ? 
_exptl_crystal_grow.crystal_id      1 
_exptl_crystal_grow.details         ? 
_exptl_crystal_grow.method          'VAPOR DIFFUSION, HANGING DROP' 
_exptl_crystal_grow.method_ref      ? 
_exptl_crystal_grow.pH              ? 
_exptl_crystal_grow.pressure        ? 
_exptl_crystal_grow.pressure_esd    ? 
_exptl_crystal_grow.seeding         ? 
_exptl_crystal_grow.seeding_ref     ? 
_exptl_crystal_grow.temp            293 
_exptl_crystal_grow.temp_details    ? 
_exptl_crystal_grow.temp_esd        ? 
_exptl_crystal_grow.time            ? 
_exptl_crystal_grow.pdbx_details    'sodium cacodylate, MPD, spermine tetrahydrochloride' 
_exptl_crystal_grow.pdbx_pH_range   ? 
# 
_diffrn.ambient_environment              ? 
_diffrn.ambient_temp                     100 
_diffrn.ambient_temp_details             ? 
_diffrn.ambient_temp_esd                 ? 
_diffrn.crystal_id                       1 
_diffrn.crystal_support                  ? 
_diffrn.crystal_treatment                ? 
_diffrn.details                          ? 
_diffrn.id                               1 
_diffrn.ambient_pressure                 ? 
_diffrn.ambient_pressure_esd             ? 
_diffrn.ambient_pressure_gt              ? 
_diffrn.ambient_pressure_lt              ? 
_diffrn.ambient_temp_gt                  ? 
_diffrn.ambient_temp_lt                  ? 
_diffrn.pdbx_serial_crystal_experiment   N 
# 
_diffrn_detector.details                      ? 
_diffrn_detector.detector                     CCD 
_diffrn_detector.diffrn_id                    1 
_diffrn_detector.type                         'ADSC QUANTUM 315r' 
_diffrn_detector.area_resol_mean              ? 
_diffrn_detector.dtime                        ? 
_diffrn_detector.pdbx_frames_total            ? 
_diffrn_detector.pdbx_collection_time_total   ? 
_diffrn_detector.pdbx_collection_date         2014-06-06 
_diffrn_detector.pdbx_frequency               ? 
# 
_diffrn_radiation.collimation                      ? 
_diffrn_radiation.diffrn_id                        1 
_diffrn_radiation.filter_edge                      ? 
_diffrn_radiation.inhomogeneity                    ? 
_diffrn_radiation.monochromator                    ? 
_diffrn_radiation.polarisn_norm                    ? 
_diffrn_radiation.polarisn_ratio                   ? 
_diffrn_radiation.probe                            ? 
_diffrn_radiation.type                             ? 
_diffrn_radiation.xray_symbol                      ? 
_diffrn_radiation.wavelength_id                    1 
_diffrn_radiation.pdbx_monochromatic_or_laue_m_l   M 
_diffrn_radiation.pdbx_wavelength_list             ? 
_diffrn_radiation.pdbx_wavelength                  ? 
_diffrn_radiation.pdbx_diffrn_protocol             'SINGLE WAVELENGTH' 
_diffrn_radiation.pdbx_analyzer                    ? 
_diffrn_radiation.pdbx_scattering_type             x-ray 
# 
_diffrn_radiation_wavelength.id           1 
_diffrn_radiation_wavelength.wavelength   0.9204 
_diffrn_radiation_wavelength.wt           1.0 
# 
_diffrn_source.current                     ? 
_diffrn_source.details                     ? 
_diffrn_source.diffrn_id                   1 
_diffrn_source.power                       ? 
_diffrn_source.size                        ? 
_diffrn_source.source                      SYNCHROTRON 
_diffrn_source.target                      ? 
_diffrn_source.type                        'PHOTON FACTORY BEAMLINE AR-NE3A' 
_diffrn_source.voltage                     ? 
_diffrn_source.take-off_angle              ? 
_diffrn_source.pdbx_wavelength_list        0.9204 
_diffrn_source.pdbx_wavelength             ? 
_diffrn_source.pdbx_synchrotron_beamline   AR-NE3A 
_diffrn_source.pdbx_synchrotron_site       'Photon Factory' 
# 
_reflns.B_iso_Wilson_estimate            ? 
_reflns.entry_id                         7EDT 
_reflns.data_reduction_details           ? 
_reflns.data_reduction_method            ? 
_reflns.d_resolution_high                1.200 
_reflns.d_resolution_low                 19.270 
_reflns.details                          ? 
_reflns.limit_h_max                      ? 
_reflns.limit_h_min                      ? 
_reflns.limit_k_max                      ? 
_reflns.limit_k_min                      ? 
_reflns.limit_l_max                      ? 
_reflns.limit_l_min                      ? 
_reflns.number_all                       ? 
_reflns.number_obs                       17973 
_reflns.observed_criterion               ? 
_reflns.observed_criterion_F_max         ? 
_reflns.observed_criterion_F_min         ? 
_reflns.observed_criterion_I_max         ? 
_reflns.observed_criterion_I_min         ? 
_reflns.observed_criterion_sigma_F       ? 
_reflns.observed_criterion_sigma_I       ? 
_reflns.percent_possible_obs             93.800 
_reflns.R_free_details                   ? 
_reflns.Rmerge_F_all                     ? 
_reflns.Rmerge_F_obs                     ? 
_reflns.Friedel_coverage                 ? 
_reflns.number_gt                        ? 
_reflns.threshold_expression             ? 
_reflns.pdbx_redundancy                  3.850 
_reflns.pdbx_Rmerge_I_obs                0.079 
_reflns.pdbx_Rmerge_I_all                ? 
_reflns.pdbx_Rsym_value                  ? 
_reflns.pdbx_netI_over_av_sigmaI         ? 
_reflns.pdbx_netI_over_sigmaI            10.000 
_reflns.pdbx_res_netI_over_av_sigmaI_2   ? 
_reflns.pdbx_res_netI_over_sigmaI_2      ? 
_reflns.pdbx_chi_squared                 0.940 
_reflns.pdbx_scaling_rejects             524 
_reflns.pdbx_d_res_high_opt              ? 
_reflns.pdbx_d_res_low_opt               ? 
_reflns.pdbx_d_res_opt_method            ? 
_reflns.phase_calculation_details        ? 
_reflns.pdbx_Rrim_I_all                  0.079 
_reflns.pdbx_Rpim_I_all                  ? 
_reflns.pdbx_d_opt                       ? 
_reflns.pdbx_number_measured_all         69661 
_reflns.pdbx_diffrn_id                   1 
_reflns.pdbx_ordinal                     1 
_reflns.pdbx_CC_half                     ? 
_reflns.pdbx_CC_star                     ? 
_reflns.pdbx_R_split                     ? 
# 
loop_
_reflns_shell.d_res_high 
_reflns_shell.d_res_low 
_reflns_shell.meanI_over_sigI_all 
_reflns_shell.meanI_over_sigI_obs 
_reflns_shell.number_measured_all 
_reflns_shell.number_measured_obs 
_reflns_shell.number_possible 
_reflns_shell.number_unique_all 
_reflns_shell.number_unique_obs 
_reflns_shell.percent_possible_all 
_reflns_shell.percent_possible_obs 
_reflns_shell.Rmerge_F_all 
_reflns_shell.Rmerge_F_obs 
_reflns_shell.Rmerge_I_all 
_reflns_shell.Rmerge_I_obs 
_reflns_shell.meanI_over_sigI_gt 
_reflns_shell.meanI_over_uI_all 
_reflns_shell.meanI_over_uI_gt 
_reflns_shell.number_measured_gt 
_reflns_shell.number_unique_gt 
_reflns_shell.percent_possible_gt 
_reflns_shell.Rmerge_F_gt 
_reflns_shell.Rmerge_I_gt 
_reflns_shell.pdbx_redundancy 
_reflns_shell.pdbx_Rsym_value 
_reflns_shell.pdbx_chi_squared 
_reflns_shell.pdbx_netI_over_sigmaI_all 
_reflns_shell.pdbx_netI_over_sigmaI_obs 
_reflns_shell.pdbx_Rrim_I_all 
_reflns_shell.pdbx_Rpim_I_all 
_reflns_shell.pdbx_rejects 
_reflns_shell.pdbx_ordinal 
_reflns_shell.pdbx_diffrn_id 
_reflns_shell.pdbx_CC_half 
_reflns_shell.pdbx_CC_star 
_reflns_shell.pdbx_R_split 
1.200 1.240  ? 3.600  6621 ? ? ? 1766 92.300 ? ? ? ? 0.261 ? ? ? ? ? ? ? ? 3.750 ? 0.820 ? ? ? ? ?   1  1 ? ? ? 
1.240 1.290  ? 3.800  6966 ? ? ? 1786 92.800 ? ? ? ? 0.252 ? ? ? ? ? ? ? ? 3.900 ? 0.800 ? ? ? ? 8   2  1 ? ? ? 
1.290 1.350  ? 4.100  7035 ? ? ? 1799 93.500 ? ? ? ? 0.228 ? ? ? ? ? ? ? ? 3.910 ? 0.790 ? ? ? ? ?   3  1 ? ? ? 
1.350 1.420  ? 4.600  7015 ? ? ? 1796 93.800 ? ? ? ? 0.199 ? ? ? ? ? ? ? ? 3.900 ? 0.730 ? ? ? ? 3   4  1 ? ? ? 
1.420 1.510  ? 5.200  7047 ? ? ? 1814 94.500 ? ? ? ? 0.166 ? ? ? ? ? ? ? ? 3.880 ? 0.730 ? ? ? ? 9   5  1 ? ? ? 
1.510 1.630  ? 6.800  7096 ? ? ? 1812 94.900 ? ? ? ? 0.122 ? ? ? ? ? ? ? ? 3.910 ? 0.710 ? ? ? ? 13  6  1 ? ? ? 
1.630 1.790  ? 10.100 7167 ? ? ? 1823 95.300 ? ? ? ? 0.091 ? ? ? ? ? ? ? ? 3.910 ? 0.750 ? ? ? ? 38  7  1 ? ? ? 
1.790 2.050  ? 14.200 7203 ? ? ? 1842 95.700 ? ? ? ? 0.070 ? ? ? ? ? ? ? ? 3.860 ? 0.870 ? ? ? ? 91  8  1 ? ? ? 
2.050 2.580  ? 22.200 7141 ? ? ? 1830 95.900 ? ? ? ? 0.055 ? ? ? ? ? ? ? ? 3.820 ? 1.260 ? ? ? ? 154 9  1 ? ? ? 
2.580 19.270 ? 27.600 6370 ? ? ? 1705 89.100 ? ? ? ? 0.061 ? ? ? ? ? ? ? ? 3.610 ? 2.120 ? ? ? ? 208 10 1 ? ? ? 
# 
_refine.aniso_B[1][1]                            ? 
_refine.aniso_B[1][2]                            ? 
_refine.aniso_B[1][3]                            ? 
_refine.aniso_B[2][2]                            ? 
_refine.aniso_B[2][3]                            ? 
_refine.aniso_B[3][3]                            ? 
_refine.B_iso_max                                64.900 
_refine.B_iso_mean                               15.9171 
_refine.B_iso_min                                8.350 
_refine.correlation_coeff_Fo_to_Fc               ? 
_refine.correlation_coeff_Fo_to_Fc_free          ? 
_refine.details                                  ? 
_refine.diff_density_max                         ? 
_refine.diff_density_max_esd                     ? 
_refine.diff_density_min                         ? 
_refine.diff_density_min_esd                     ? 
_refine.diff_density_rms                         ? 
_refine.diff_density_rms_esd                     ? 
_refine.entry_id                                 7EDT 
_refine.pdbx_refine_id                           'X-RAY DIFFRACTION' 
_refine.ls_abs_structure_details                 ? 
_refine.ls_abs_structure_Flack                   ? 
_refine.ls_abs_structure_Flack_esd               ? 
_refine.ls_abs_structure_Rogers                  ? 
_refine.ls_abs_structure_Rogers_esd              ? 
_refine.ls_d_res_high                            1.2000 
_refine.ls_d_res_low                             19.2700 
_refine.ls_extinction_coef                       ? 
_refine.ls_extinction_coef_esd                   ? 
_refine.ls_extinction_expression                 ? 
_refine.ls_extinction_method                     ? 
_refine.ls_goodness_of_fit_all                   ? 
_refine.ls_goodness_of_fit_all_esd               ? 
_refine.ls_goodness_of_fit_obs                   ? 
_refine.ls_goodness_of_fit_obs_esd               ? 
_refine.ls_hydrogen_treatment                    ? 
_refine.ls_matrix_type                           ? 
_refine.ls_number_constraints                    ? 
_refine.ls_number_parameters                     ? 
_refine.ls_number_reflns_all                     ? 
_refine.ls_number_reflns_obs                     17949 
_refine.ls_number_reflns_R_free                  1840 
_refine.ls_number_reflns_R_work                  16109 
_refine.ls_number_restraints                     ? 
_refine.ls_percent_reflns_obs                    93.6400 
_refine.ls_percent_reflns_R_free                 10.2500 
_refine.ls_R_factor_all                          ? 
_refine.ls_R_factor_obs                          0.1471 
_refine.ls_R_factor_R_free                       0.1767 
_refine.ls_R_factor_R_free_error                 ? 
_refine.ls_R_factor_R_free_error_details         ? 
_refine.ls_R_factor_R_work                       0.1439 
_refine.ls_R_Fsqd_factor_obs                     ? 
_refine.ls_R_I_factor_obs                        ? 
_refine.ls_redundancy_reflns_all                 ? 
_refine.ls_redundancy_reflns_obs                 ? 
_refine.ls_restrained_S_all                      ? 
_refine.ls_restrained_S_obs                      ? 
_refine.ls_shift_over_esd_max                    ? 
_refine.ls_shift_over_esd_mean                   ? 
_refine.ls_structure_factor_coef                 ? 
_refine.ls_weighting_details                     ? 
_refine.ls_weighting_scheme                      ? 
_refine.ls_wR_factor_all                         ? 
_refine.ls_wR_factor_obs                         ? 
_refine.ls_wR_factor_R_free                      ? 
_refine.ls_wR_factor_R_work                      ? 
_refine.occupancy_max                            ? 
_refine.occupancy_min                            ? 
_refine.solvent_model_details                    'FLAT BULK SOLVENT MODEL' 
_refine.solvent_model_param_bsol                 ? 
_refine.solvent_model_param_ksol                 ? 
_refine.pdbx_R_complete                          ? 
_refine.ls_R_factor_gt                           ? 
_refine.ls_goodness_of_fit_gt                    ? 
_refine.ls_goodness_of_fit_ref                   ? 
_refine.ls_shift_over_su_max                     ? 
_refine.ls_shift_over_su_max_lt                  ? 
_refine.ls_shift_over_su_mean                    ? 
_refine.ls_shift_over_su_mean_lt                 ? 
_refine.pdbx_ls_sigma_I                          ? 
_refine.pdbx_ls_sigma_F                          2.000 
_refine.pdbx_ls_sigma_Fsqd                       ? 
_refine.pdbx_data_cutoff_high_absF               ? 
_refine.pdbx_data_cutoff_high_rms_absF           ? 
_refine.pdbx_data_cutoff_low_absF                ? 
_refine.pdbx_isotropic_thermal_model             ? 
_refine.pdbx_ls_cross_valid_method               THROUGHOUT 
_refine.pdbx_method_to_determine_struct          'MOLECULAR REPLACEMENT' 
_refine.pdbx_starting_model                      'RNA duplex constructed using Coot' 
_refine.pdbx_stereochemistry_target_values       ML 
_refine.pdbx_R_Free_selection_details            ? 
_refine.pdbx_stereochem_target_val_spec_case     ? 
_refine.pdbx_overall_ESU_R                       ? 
_refine.pdbx_overall_ESU_R_Free                  ? 
_refine.pdbx_solvent_vdw_probe_radii             1.1100 
_refine.pdbx_solvent_ion_probe_radii             ? 
_refine.pdbx_solvent_shrinkage_radii             0.9000 
_refine.pdbx_real_space_R                        ? 
_refine.pdbx_density_correlation                 ? 
_refine.pdbx_pd_number_of_powder_patterns        ? 
_refine.pdbx_pd_number_of_points                 ? 
_refine.pdbx_pd_meas_number_of_points            ? 
_refine.pdbx_pd_proc_ls_prof_R_factor            ? 
_refine.pdbx_pd_proc_ls_prof_wR_factor           ? 
_refine.pdbx_pd_Marquardt_correlation_coeff      ? 
_refine.pdbx_pd_Fsqrd_R_factor                   ? 
_refine.pdbx_pd_ls_matrix_band_width             ? 
_refine.pdbx_overall_phase_error                 15.7300 
_refine.pdbx_overall_SU_R_free_Cruickshank_DPI   ? 
_refine.pdbx_overall_SU_R_free_Blow_DPI          ? 
_refine.pdbx_overall_SU_R_Blow_DPI               ? 
_refine.pdbx_TLS_residual_ADP_flag               ? 
_refine.pdbx_diffrn_id                           1 
_refine.overall_SU_B                             ? 
_refine.overall_SU_ML                            0.1000 
_refine.overall_SU_R_Cruickshank_DPI             ? 
_refine.overall_SU_R_free                        ? 
_refine.overall_FOM_free_R_set                   ? 
_refine.overall_FOM_work_R_set                   ? 
_refine.pdbx_average_fsc_overall                 ? 
_refine.pdbx_average_fsc_work                    ? 
_refine.pdbx_average_fsc_free                    ? 
# 
_refine_hist.pdbx_refine_id                   'X-RAY DIFFRACTION' 
_refine_hist.cycle_id                         final 
_refine_hist.details                          ? 
_refine_hist.d_res_high                       1.2000 
_refine_hist.d_res_low                        19.2700 
_refine_hist.number_atoms_solvent             163 
_refine_hist.number_atoms_total               679 
_refine_hist.number_reflns_all                ? 
_refine_hist.number_reflns_obs                ? 
_refine_hist.number_reflns_R_free             ? 
_refine_hist.number_reflns_R_work             ? 
_refine_hist.R_factor_all                     ? 
_refine_hist.R_factor_obs                     ? 
_refine_hist.R_factor_R_free                  ? 
_refine_hist.R_factor_R_work                  ? 
_refine_hist.pdbx_number_residues_total       24 
_refine_hist.pdbx_B_iso_mean_ligand           21.65 
_refine_hist.pdbx_B_iso_mean_solvent          28.66 
_refine_hist.pdbx_number_atoms_protein        0 
_refine_hist.pdbx_number_atoms_nucleic_acid   504 
_refine_hist.pdbx_number_atoms_ligand         12 
_refine_hist.pdbx_number_atoms_lipid          ? 
_refine_hist.pdbx_number_atoms_carb           ? 
_refine_hist.pdbx_pseudo_atom_details         ? 
# 
loop_
_refine_ls_shell.pdbx_refine_id 
_refine_ls_shell.d_res_high 
_refine_ls_shell.d_res_low 
_refine_ls_shell.number_reflns_all 
_refine_ls_shell.number_reflns_obs 
_refine_ls_shell.number_reflns_R_free 
_refine_ls_shell.number_reflns_R_work 
_refine_ls_shell.percent_reflns_obs 
_refine_ls_shell.percent_reflns_R_free 
_refine_ls_shell.R_factor_all 
_refine_ls_shell.R_factor_obs 
_refine_ls_shell.R_factor_R_free 
_refine_ls_shell.R_factor_R_free_error 
_refine_ls_shell.R_factor_R_work 
_refine_ls_shell.redundancy_reflns_all 
_refine_ls_shell.redundancy_reflns_obs 
_refine_ls_shell.wR_factor_all 
_refine_ls_shell.wR_factor_obs 
_refine_ls_shell.wR_factor_R_free 
_refine_ls_shell.wR_factor_R_work 
_refine_ls_shell.pdbx_R_complete 
_refine_ls_shell.pdbx_total_number_of_bins_used 
_refine_ls_shell.pdbx_phase_error 
_refine_ls_shell.pdbx_fsc_work 
_refine_ls_shell.pdbx_fsc_free 
'X-RAY DIFFRACTION' 1.2000 1.2300  1371 . 153 1218 92.0000 . . . 0.1953 0.0000 0.1549 . . . . . . . 13 . . . 
'X-RAY DIFFRACTION' 1.2300 1.2700  1357 . 142 1215 92.0000 . . . 0.1970 0.0000 0.1416 . . . . . . . 13 . . . 
'X-RAY DIFFRACTION' 1.2700 1.3100  1364 . 145 1219 93.0000 . . . 0.2101 0.0000 0.1576 . . . . . . . 13 . . . 
'X-RAY DIFFRACTION' 1.3100 1.3600  1392 . 137 1255 94.0000 . . . 0.1862 0.0000 0.1372 . . . . . . . 13 . . . 
'X-RAY DIFFRACTION' 1.3600 1.4100  1361 . 133 1228 93.0000 . . . 0.1739 0.0000 0.1429 . . . . . . . 13 . . . 
'X-RAY DIFFRACTION' 1.4100 1.4700  1384 . 150 1234 95.0000 . . . 0.1797 0.0000 0.1444 . . . . . . . 13 . . . 
'X-RAY DIFFRACTION' 1.4700 1.5500  1402 . 138 1264 94.0000 . . . 0.1849 0.0000 0.1411 . . . . . . . 13 . . . 
'X-RAY DIFFRACTION' 1.5500 1.6500  1384 . 127 1257 95.0000 . . . 0.1676 0.0000 0.1270 . . . . . . . 13 . . . 
'X-RAY DIFFRACTION' 1.6500 1.7800  1426 . 158 1268 96.0000 . . . 0.1473 0.0000 0.1220 . . . . . . . 13 . . . 
'X-RAY DIFFRACTION' 1.7800 1.9600  1391 . 156 1235 95.0000 . . . 0.1771 0.0000 0.1391 . . . . . . . 13 . . . 
'X-RAY DIFFRACTION' 1.9600 2.2400  1408 . 140 1268 95.0000 . . . 0.1644 0.0000 0.1408 . . . . . . . 13 . . . 
'X-RAY DIFFRACTION' 2.2400 2.8200  1427 . 131 1296 97.0000 . . . 0.1922 0.0000 0.1611 . . . . . . . 13 . . . 
'X-RAY DIFFRACTION' 2.8200 19.2700 1282 . 130 1152 87.0000 . . . 0.1760 0.0000 0.1478 . . . . . . . 13 . . . 
# 
_struct.entry_id                     7EDT 
_struct.title                        'RNA duplex containing CC mispairs' 
_struct.pdbx_model_details           ? 
_struct.pdbx_formula_weight          ? 
_struct.pdbx_formula_weight_method   ? 
_struct.pdbx_model_type_details      ? 
_struct.pdbx_CASP_flag               N 
# 
_struct_keywords.entry_id        7EDT 
_struct_keywords.text            'Mismatch, base pair, RNA' 
_struct_keywords.pdbx_keywords   RNA 
# 
loop_
_struct_asym.id 
_struct_asym.pdbx_blank_PDB_chainid_flag 
_struct_asym.pdbx_modified 
_struct_asym.entity_id 
_struct_asym.details 
A N N 1 ? 
B N N 1 ? 
C N N 2 ? 
D N N 3 ? 
E N N 4 ? 
F N N 4 ? 
# 
_struct_ref.id                         1 
_struct_ref.db_name                    PDB 
_struct_ref.db_code                    7EDT 
_struct_ref.pdbx_db_accession          7EDT 
_struct_ref.pdbx_db_isoform            ? 
_struct_ref.entity_id                  1 
_struct_ref.pdbx_seq_one_letter_code   ? 
_struct_ref.pdbx_align_begin           1 
# 
loop_
_struct_ref_seq.align_id 
_struct_ref_seq.ref_id 
_struct_ref_seq.pdbx_PDB_id_code 
_struct_ref_seq.pdbx_strand_id 
_struct_ref_seq.seq_align_beg 
_struct_ref_seq.pdbx_seq_align_beg_ins_code 
_struct_ref_seq.seq_align_end 
_struct_ref_seq.pdbx_seq_align_end_ins_code 
_struct_ref_seq.pdbx_db_accession 
_struct_ref_seq.db_align_beg 
_struct_ref_seq.pdbx_db_align_beg_ins_code 
_struct_ref_seq.db_align_end 
_struct_ref_seq.pdbx_db_align_end_ins_code 
_struct_ref_seq.pdbx_auth_seq_align_beg 
_struct_ref_seq.pdbx_auth_seq_align_end 
1 1 7EDT A 1 ? 12 ? 7EDT 1  ? 12 ? 1  12 
2 1 7EDT B 1 ? 12 ? 7EDT 13 ? 24 ? 13 24 
# 
_pdbx_struct_assembly.id                   1 
_pdbx_struct_assembly.details              author_and_software_defined_assembly 
_pdbx_struct_assembly.method_details       PISA 
_pdbx_struct_assembly.oligomeric_details   dimeric 
_pdbx_struct_assembly.oligomeric_count     2 
# 
loop_
_pdbx_struct_assembly_prop.biol_id 
_pdbx_struct_assembly_prop.type 
_pdbx_struct_assembly_prop.value 
_pdbx_struct_assembly_prop.details 
1 'ABSA (A^2)' 2930 ? 
1 MORE         -16  ? 
1 'SSA (A^2)'  4180 ? 
# 
_pdbx_struct_assembly_gen.assembly_id       1 
_pdbx_struct_assembly_gen.oper_expression   1 
_pdbx_struct_assembly_gen.asym_id_list      A,B,C,D,E,F 
# 
_pdbx_struct_assembly_auth_evidence.id                     1 
_pdbx_struct_assembly_auth_evidence.assembly_id            1 
_pdbx_struct_assembly_auth_evidence.experimental_support   none 
_pdbx_struct_assembly_auth_evidence.details                ? 
# 
_pdbx_struct_oper_list.id                   1 
_pdbx_struct_oper_list.type                 'identity operation' 
_pdbx_struct_oper_list.name                 1_555 
_pdbx_struct_oper_list.symmetry_operation   x,y,z 
_pdbx_struct_oper_list.matrix[1][1]         1.0000000000 
_pdbx_struct_oper_list.matrix[1][2]         0.0000000000 
_pdbx_struct_oper_list.matrix[1][3]         0.0000000000 
_pdbx_struct_oper_list.vector[1]            0.0000000000 
_pdbx_struct_oper_list.matrix[2][1]         0.0000000000 
_pdbx_struct_oper_list.matrix[2][2]         1.0000000000 
_pdbx_struct_oper_list.matrix[2][3]         0.0000000000 
_pdbx_struct_oper_list.vector[2]            0.0000000000 
_pdbx_struct_oper_list.matrix[3][1]         0.0000000000 
_pdbx_struct_oper_list.matrix[3][2]         0.0000000000 
_pdbx_struct_oper_list.matrix[3][3]         1.0000000000 
_pdbx_struct_oper_list.vector[3]            0.0000000000 
# 
loop_
_struct_conn.id 
_struct_conn.conn_type_id 
_struct_conn.pdbx_leaving_atom_flag 
_struct_conn.pdbx_PDB_id 
_struct_conn.ptnr1_label_asym_id 
_struct_conn.ptnr1_label_comp_id 
_struct_conn.ptnr1_label_seq_id 
_struct_conn.ptnr1_label_atom_id 
_struct_conn.pdbx_ptnr1_label_alt_id 
_struct_conn.pdbx_ptnr1_PDB_ins_code 
_struct_conn.pdbx_ptnr1_standard_comp_id 
_struct_conn.ptnr1_symmetry 
_struct_conn.ptnr2_label_asym_id 
_struct_conn.ptnr2_label_comp_id 
_struct_conn.ptnr2_label_seq_id 
_struct_conn.ptnr2_label_atom_id 
_struct_conn.pdbx_ptnr2_label_alt_id 
_struct_conn.pdbx_ptnr2_PDB_ins_code 
_struct_conn.ptnr1_auth_asym_id 
_struct_conn.ptnr1_auth_comp_id 
_struct_conn.ptnr1_auth_seq_id 
_struct_conn.ptnr2_auth_asym_id 
_struct_conn.ptnr2_auth_comp_id 
_struct_conn.ptnr2_auth_seq_id 
_struct_conn.ptnr2_symmetry 
_struct_conn.pdbx_ptnr3_label_atom_id 
_struct_conn.pdbx_ptnr3_label_seq_id 
_struct_conn.pdbx_ptnr3_label_comp_id 
_struct_conn.pdbx_ptnr3_label_asym_id 
_struct_conn.pdbx_ptnr3_label_alt_id 
_struct_conn.pdbx_ptnr3_PDB_ins_code 
_struct_conn.details 
_struct_conn.pdbx_dist_value 
_struct_conn.pdbx_value_order 
_struct_conn.pdbx_role 
covale1  covale both ? A G   9  "O3'" ? ? ? 1_555 A 5BU 10 P  ? ? A G   9   A 5BU 10  1_555 ? ? ? ? ? ? ?             1.605 ? ? 
covale2  covale both ? A 5BU 10 "O3'" ? ? ? 1_555 A C   11 P  ? ? A 5BU 10  A C   11  1_555 ? ? ? ? ? ? ?             1.602 ? ? 
covale3  covale both ? B G   9  "O3'" ? ? ? 1_555 B 5BU 10 P  ? ? B G   21  B 5BU 22  1_555 ? ? ? ? ? ? ?             1.604 ? ? 
covale4  covale both ? B 5BU 10 "O3'" ? ? ? 1_555 B C   11 P  ? ? B 5BU 22  B C   23  1_555 ? ? ? ? ? ? ?             1.607 ? ? 
metalc1  metalc ?    ? A C   6  "O2'" ? ? ? 1_555 D NA  .  NA ? ? A C   6   A NA  402 1_555 ? ? ? ? ? ? ?             2.497 ? ? 
metalc2  metalc ?    ? A C   7  OP2   ? ? ? 1_555 D NA  .  NA ? ? A C   7   A NA  402 1_555 ? ? ? ? ? ? ?             2.333 ? ? 
metalc3  metalc ?    ? A G   8  O6    ? ? ? 1_555 D NA  .  NA ? ? A G   8   A NA  402 1_555 ? ? ? ? ? ? ?             2.494 ? ? 
metalc4  metalc ?    ? D NA  .  NA    ? ? ? 1_555 E HOH .  O  ? ? A NA  402 A HOH 537 1_555 ? ? ? ? ? ? ?             2.392 ? ? 
metalc5  metalc ?    ? D NA  .  NA    ? ? ? 1_555 F HOH .  O  ? ? A NA  402 B HOH 134 1_555 ? ? ? ? ? ? ?             2.431 ? ? 
hydrog1  hydrog ?    ? A G   1  N1    ? ? ? 1_555 B C   12 N3 ? ? A G   1   B C   24  1_555 ? ? ? ? ? ? WATSON-CRICK  ?     ? ? 
hydrog2  hydrog ?    ? A G   1  N2    ? ? ? 1_555 B C   12 O2 ? ? A G   1   B C   24  1_555 ? ? ? ? ? ? WATSON-CRICK  ?     ? ? 
hydrog3  hydrog ?    ? A G   1  O6    ? ? ? 1_555 B C   12 N4 ? ? A G   1   B C   24  1_555 ? ? ? ? ? ? WATSON-CRICK  ?     ? ? 
hydrog4  hydrog ?    ? A G   2  N1    ? ? ? 1_555 B C   11 N3 ? ? A G   2   B C   23  1_555 ? ? ? ? ? ? WATSON-CRICK  ?     ? ? 
hydrog5  hydrog ?    ? A G   2  N2    ? ? ? 1_555 B C   11 O2 ? ? A G   2   B C   23  1_555 ? ? ? ? ? ? WATSON-CRICK  ?     ? ? 
hydrog6  hydrog ?    ? A G   2  O6    ? ? ? 1_555 B C   11 N4 ? ? A G   2   B C   23  1_555 ? ? ? ? ? ? WATSON-CRICK  ?     ? ? 
hydrog7  hydrog ?    ? A A   3  N1    ? ? ? 1_555 B 5BU 10 N3 ? ? A A   3   B 5BU 22  1_555 ? ? ? ? ? ? WATSON-CRICK  ?     ? ? 
hydrog8  hydrog ?    ? A A   3  N6    ? ? ? 1_555 B 5BU 10 O4 ? ? A A   3   B 5BU 22  1_555 ? ? ? ? ? ? WATSON-CRICK  ?     ? ? 
hydrog9  hydrog ?    ? A C   4  N3    ? ? ? 1_555 B G   9  N1 ? ? A C   4   B G   21  1_555 ? ? ? ? ? ? WATSON-CRICK  ?     ? ? 
hydrog10 hydrog ?    ? A C   4  N4    ? ? ? 1_555 B G   9  O6 ? ? A C   4   B G   21  1_555 ? ? ? ? ? ? WATSON-CRICK  ?     ? ? 
hydrog11 hydrog ?    ? A C   4  O2    ? ? ? 1_555 B G   9  N2 ? ? A C   4   B G   21  1_555 ? ? ? ? ? ? WATSON-CRICK  ?     ? ? 
hydrog12 hydrog ?    ? A U   5  N3    ? ? ? 1_555 B G   8  O6 ? ? A U   5   B G   20  1_555 ? ? ? ? ? ? TYPE_28_PAIR  ?     ? ? 
hydrog13 hydrog ?    ? A U   5  O2    ? ? ? 1_555 B G   8  N1 ? ? A U   5   B G   20  1_555 ? ? ? ? ? ? TYPE_28_PAIR  ?     ? ? 
hydrog14 hydrog ?    ? A C   6  O2    ? ? ? 1_555 B C   7  N4 ? ? A C   6   B C   19  1_555 ? ? ? ? ? ? 'C-C MISPAIR' ?     ? ? 
hydrog15 hydrog ?    ? A C   7  N4    ? ? ? 1_555 B C   6  O2 ? ? A C   7   B C   18  1_555 ? ? ? ? ? ? 'C-C MISPAIR' ?     ? ? 
hydrog16 hydrog ?    ? A G   8  N1    ? ? ? 1_555 B U   5  O2 ? ? A G   8   B U   17  1_555 ? ? ? ? ? ? TYPE_28_PAIR  ?     ? ? 
hydrog17 hydrog ?    ? A G   8  O6    ? ? ? 1_555 B U   5  N3 ? ? A G   8   B U   17  1_555 ? ? ? ? ? ? TYPE_28_PAIR  ?     ? ? 
hydrog18 hydrog ?    ? A G   9  N1    ? ? ? 1_555 B C   4  N3 ? ? A G   9   B C   16  1_555 ? ? ? ? ? ? WATSON-CRICK  ?     ? ? 
hydrog19 hydrog ?    ? A G   9  N2    ? ? ? 1_555 B C   4  O2 ? ? A G   9   B C   16  1_555 ? ? ? ? ? ? WATSON-CRICK  ?     ? ? 
hydrog20 hydrog ?    ? A G   9  O6    ? ? ? 1_555 B C   4  N4 ? ? A G   9   B C   16  1_555 ? ? ? ? ? ? WATSON-CRICK  ?     ? ? 
hydrog21 hydrog ?    ? A 5BU 10 N3    ? ? ? 1_555 B A   3  N1 ? ? A 5BU 10  B A   15  1_555 ? ? ? ? ? ? WATSON-CRICK  ?     ? ? 
hydrog22 hydrog ?    ? A 5BU 10 O4    ? ? ? 1_555 B A   3  N6 ? ? A 5BU 10  B A   15  1_555 ? ? ? ? ? ? WATSON-CRICK  ?     ? ? 
hydrog23 hydrog ?    ? A C   11 N3    ? ? ? 1_555 B G   2  N1 ? ? A C   11  B G   14  1_555 ? ? ? ? ? ? WATSON-CRICK  ?     ? ? 
hydrog24 hydrog ?    ? A C   11 N4    ? ? ? 1_555 B G   2  O6 ? ? A C   11  B G   14  1_555 ? ? ? ? ? ? WATSON-CRICK  ?     ? ? 
hydrog25 hydrog ?    ? A C   11 O2    ? ? ? 1_555 B G   2  N2 ? ? A C   11  B G   14  1_555 ? ? ? ? ? ? WATSON-CRICK  ?     ? ? 
hydrog26 hydrog ?    ? A C   12 N3    ? ? ? 1_555 B G   1  N1 ? ? A C   12  B G   13  1_555 ? ? ? ? ? ? WATSON-CRICK  ?     ? ? 
hydrog27 hydrog ?    ? A C   12 N4    ? ? ? 1_555 B G   1  O6 ? ? A C   12  B G   13  1_555 ? ? ? ? ? ? WATSON-CRICK  ?     ? ? 
hydrog28 hydrog ?    ? A C   12 O2    ? ? ? 1_555 B G   1  N2 ? ? A C   12  B G   13  1_555 ? ? ? ? ? ? WATSON-CRICK  ?     ? ? 
# 
loop_
_struct_conn_type.id 
_struct_conn_type.criteria 
_struct_conn_type.reference 
covale ? ? 
metalc ? ? 
hydrog ? ? 
# 
loop_
_pdbx_struct_conn_angle.id 
_pdbx_struct_conn_angle.ptnr1_label_atom_id 
_pdbx_struct_conn_angle.ptnr1_label_alt_id 
_pdbx_struct_conn_angle.ptnr1_label_asym_id 
_pdbx_struct_conn_angle.ptnr1_label_comp_id 
_pdbx_struct_conn_angle.ptnr1_label_seq_id 
_pdbx_struct_conn_angle.ptnr1_auth_atom_id 
_pdbx_struct_conn_angle.ptnr1_auth_asym_id 
_pdbx_struct_conn_angle.ptnr1_auth_comp_id 
_pdbx_struct_conn_angle.ptnr1_auth_seq_id 
_pdbx_struct_conn_angle.ptnr1_PDB_ins_code 
_pdbx_struct_conn_angle.ptnr1_symmetry 
_pdbx_struct_conn_angle.ptnr2_label_atom_id 
_pdbx_struct_conn_angle.ptnr2_label_alt_id 
_pdbx_struct_conn_angle.ptnr2_label_asym_id 
_pdbx_struct_conn_angle.ptnr2_label_comp_id 
_pdbx_struct_conn_angle.ptnr2_label_seq_id 
_pdbx_struct_conn_angle.ptnr2_auth_atom_id 
_pdbx_struct_conn_angle.ptnr2_auth_asym_id 
_pdbx_struct_conn_angle.ptnr2_auth_comp_id 
_pdbx_struct_conn_angle.ptnr2_auth_seq_id 
_pdbx_struct_conn_angle.ptnr2_PDB_ins_code 
_pdbx_struct_conn_angle.ptnr2_symmetry 
_pdbx_struct_conn_angle.ptnr3_label_atom_id 
_pdbx_struct_conn_angle.ptnr3_label_alt_id 
_pdbx_struct_conn_angle.ptnr3_label_asym_id 
_pdbx_struct_conn_angle.ptnr3_label_comp_id 
_pdbx_struct_conn_angle.ptnr3_label_seq_id 
_pdbx_struct_conn_angle.ptnr3_auth_atom_id 
_pdbx_struct_conn_angle.ptnr3_auth_asym_id 
_pdbx_struct_conn_angle.ptnr3_auth_comp_id 
_pdbx_struct_conn_angle.ptnr3_auth_seq_id 
_pdbx_struct_conn_angle.ptnr3_PDB_ins_code 
_pdbx_struct_conn_angle.ptnr3_symmetry 
_pdbx_struct_conn_angle.value 
_pdbx_struct_conn_angle.value_esd 
1  "O2'" ? A C   6 ? A C   6   ? 1_555 NA ? D NA . ? A NA 402 ? 1_555 OP2 ? A C   7 ? A C   7   ? 1_555 94.2  ? 
2  "O2'" ? A C   6 ? A C   6   ? 1_555 NA ? D NA . ? A NA 402 ? 1_555 O6  ? A G   8 ? A G   8   ? 1_555 90.4  ? 
3  OP2   ? A C   7 ? A C   7   ? 1_555 NA ? D NA . ? A NA 402 ? 1_555 O6  ? A G   8 ? A G   8   ? 1_555 167.7 ? 
4  "O2'" ? A C   6 ? A C   6   ? 1_555 NA ? D NA . ? A NA 402 ? 1_555 O   ? E HOH . ? A HOH 537 ? 1_555 171.0 ? 
5  OP2   ? A C   7 ? A C   7   ? 1_555 NA ? D NA . ? A NA 402 ? 1_555 O   ? E HOH . ? A HOH 537 ? 1_555 94.7  ? 
6  O6    ? A G   8 ? A G   8   ? 1_555 NA ? D NA . ? A NA 402 ? 1_555 O   ? E HOH . ? A HOH 537 ? 1_555 81.2  ? 
7  "O2'" ? A C   6 ? A C   6   ? 1_555 NA ? D NA . ? A NA 402 ? 1_555 O   ? F HOH . ? B HOH 134 ? 1_555 80.5  ? 
8  OP2   ? A C   7 ? A C   7   ? 1_555 NA ? D NA . ? A NA 402 ? 1_555 O   ? F HOH . ? B HOH 134 ? 1_555 105.0 ? 
9  O6    ? A G   8 ? A G   8   ? 1_555 NA ? D NA . ? A NA 402 ? 1_555 O   ? F HOH . ? B HOH 134 ? 1_555 87.0  ? 
10 O     ? E HOH . ? A HOH 537 ? 1_555 NA ? D NA . ? A NA 402 ? 1_555 O   ? F HOH . ? B HOH 134 ? 1_555 95.6  ? 
# 
_pdbx_entry_details.entry_id                 7EDT 
_pdbx_entry_details.has_ligand_of_interest   N 
_pdbx_entry_details.compound_details         ? 
_pdbx_entry_details.source_details           ? 
_pdbx_entry_details.nonpolymer_details       ? 
_pdbx_entry_details.sequence_details         ? 
# 
loop_
_chem_comp_atom.comp_id 
_chem_comp_atom.atom_id 
_chem_comp_atom.type_symbol 
_chem_comp_atom.pdbx_aromatic_flag 
_chem_comp_atom.pdbx_stereo_config 
_chem_comp_atom.pdbx_ordinal 
5BU P      P  N N 1   
5BU OP1    O  N N 2   
5BU OP2    O  N N 3   
5BU OP3    O  N N 4   
5BU "O5'"  O  N N 5   
5BU "C5'"  C  N N 6   
5BU "C4'"  C  N R 7   
5BU "O4'"  O  N N 8   
5BU "C3'"  C  N S 9   
5BU "O3'"  O  N N 10  
5BU "C2'"  C  N R 11  
5BU "O2'"  O  N N 12  
5BU "C1'"  C  N R 13  
5BU N1     N  N N 14  
5BU C2     C  N N 15  
5BU O2     O  N N 16  
5BU N3     N  N N 17  
5BU C4     C  N N 18  
5BU O4     O  N N 19  
5BU C5     C  N N 20  
5BU C6     C  N N 21  
5BU BR     BR N N 22  
5BU HOP2   H  N N 23  
5BU HOP3   H  N N 24  
5BU "H5'"  H  N N 25  
5BU "H5''" H  N N 26  
5BU "H4'"  H  N N 27  
5BU "H3'"  H  N N 28  
5BU "HO3'" H  N N 29  
5BU "H2'"  H  N N 30  
5BU "HO2'" H  N N 31  
5BU "H1'"  H  N N 32  
5BU H3     H  N N 33  
5BU H6     H  N N 34  
A   OP3    O  N N 35  
A   P      P  N N 36  
A   OP1    O  N N 37  
A   OP2    O  N N 38  
A   "O5'"  O  N N 39  
A   "C5'"  C  N N 40  
A   "C4'"  C  N R 41  
A   "O4'"  O  N N 42  
A   "C3'"  C  N S 43  
A   "O3'"  O  N N 44  
A   "C2'"  C  N R 45  
A   "O2'"  O  N N 46  
A   "C1'"  C  N R 47  
A   N9     N  Y N 48  
A   C8     C  Y N 49  
A   N7     N  Y N 50  
A   C5     C  Y N 51  
A   C6     C  Y N 52  
A   N6     N  N N 53  
A   N1     N  Y N 54  
A   C2     C  Y N 55  
A   N3     N  Y N 56  
A   C4     C  Y N 57  
A   HOP3   H  N N 58  
A   HOP2   H  N N 59  
A   "H5'"  H  N N 60  
A   "H5''" H  N N 61  
A   "H4'"  H  N N 62  
A   "H3'"  H  N N 63  
A   "HO3'" H  N N 64  
A   "H2'"  H  N N 65  
A   "HO2'" H  N N 66  
A   "H1'"  H  N N 67  
A   H8     H  N N 68  
A   H61    H  N N 69  
A   H62    H  N N 70  
A   H2     H  N N 71  
C   OP3    O  N N 72  
C   P      P  N N 73  
C   OP1    O  N N 74  
C   OP2    O  N N 75  
C   "O5'"  O  N N 76  
C   "C5'"  C  N N 77  
C   "C4'"  C  N R 78  
C   "O4'"  O  N N 79  
C   "C3'"  C  N S 80  
C   "O3'"  O  N N 81  
C   "C2'"  C  N R 82  
C   "O2'"  O  N N 83  
C   "C1'"  C  N R 84  
C   N1     N  N N 85  
C   C2     C  N N 86  
C   O2     O  N N 87  
C   N3     N  N N 88  
C   C4     C  N N 89  
C   N4     N  N N 90  
C   C5     C  N N 91  
C   C6     C  N N 92  
C   HOP3   H  N N 93  
C   HOP2   H  N N 94  
C   "H5'"  H  N N 95  
C   "H5''" H  N N 96  
C   "H4'"  H  N N 97  
C   "H3'"  H  N N 98  
C   "HO3'" H  N N 99  
C   "H2'"  H  N N 100 
C   "HO2'" H  N N 101 
C   "H1'"  H  N N 102 
C   H41    H  N N 103 
C   H42    H  N N 104 
C   H5     H  N N 105 
C   H6     H  N N 106 
G   OP3    O  N N 107 
G   P      P  N N 108 
G   OP1    O  N N 109 
G   OP2    O  N N 110 
G   "O5'"  O  N N 111 
G   "C5'"  C  N N 112 
G   "C4'"  C  N R 113 
G   "O4'"  O  N N 114 
G   "C3'"  C  N S 115 
G   "O3'"  O  N N 116 
G   "C2'"  C  N R 117 
G   "O2'"  O  N N 118 
G   "C1'"  C  N R 119 
G   N9     N  Y N 120 
G   C8     C  Y N 121 
G   N7     N  Y N 122 
G   C5     C  Y N 123 
G   C6     C  N N 124 
G   O6     O  N N 125 
G   N1     N  N N 126 
G   C2     C  N N 127 
G   N2     N  N N 128 
G   N3     N  N N 129 
G   C4     C  Y N 130 
G   HOP3   H  N N 131 
G   HOP2   H  N N 132 
G   "H5'"  H  N N 133 
G   "H5''" H  N N 134 
G   "H4'"  H  N N 135 
G   "H3'"  H  N N 136 
G   "HO3'" H  N N 137 
G   "H2'"  H  N N 138 
G   "HO2'" H  N N 139 
G   "H1'"  H  N N 140 
G   H8     H  N N 141 
G   H1     H  N N 142 
G   H21    H  N N 143 
G   H22    H  N N 144 
HOH O      O  N N 145 
HOH H1     H  N N 146 
HOH H2     H  N N 147 
NA  NA     NA N N 148 
SPM N1     N  N N 149 
SPM C2     C  N N 150 
SPM C3     C  N N 151 
SPM C4     C  N N 152 
SPM N5     N  N N 153 
SPM C6     C  N N 154 
SPM C7     C  N N 155 
SPM C8     C  N N 156 
SPM C9     C  N N 157 
SPM N10    N  N N 158 
SPM C11    C  N N 159 
SPM C12    C  N N 160 
SPM C13    C  N N 161 
SPM N14    N  N N 162 
SPM HN11   H  N N 163 
SPM HN12   H  N N 164 
SPM H21    H  N N 165 
SPM H22    H  N N 166 
SPM H31    H  N N 167 
SPM H32    H  N N 168 
SPM H41    H  N N 169 
SPM H42    H  N N 170 
SPM HN5    H  N N 171 
SPM H61    H  N N 172 
SPM H62    H  N N 173 
SPM H71    H  N N 174 
SPM H72    H  N N 175 
SPM H81    H  N N 176 
SPM H82    H  N N 177 
SPM H91    H  N N 178 
SPM H92    H  N N 179 
SPM HN0    H  N N 180 
SPM H111   H  N N 181 
SPM H112   H  N N 182 
SPM H121   H  N N 183 
SPM H122   H  N N 184 
SPM H131   H  N N 185 
SPM H132   H  N N 186 
SPM HN41   H  N N 187 
SPM HN42   H  N N 188 
U   OP3    O  N N 189 
U   P      P  N N 190 
U   OP1    O  N N 191 
U   OP2    O  N N 192 
U   "O5'"  O  N N 193 
U   "C5'"  C  N N 194 
U   "C4'"  C  N R 195 
U   "O4'"  O  N N 196 
U   "C3'"  C  N S 197 
U   "O3'"  O  N N 198 
U   "C2'"  C  N R 199 
U   "O2'"  O  N N 200 
U   "C1'"  C  N R 201 
U   N1     N  N N 202 
U   C2     C  N N 203 
U   O2     O  N N 204 
U   N3     N  N N 205 
U   C4     C  N N 206 
U   O4     O  N N 207 
U   C5     C  N N 208 
U   C6     C  N N 209 
U   HOP3   H  N N 210 
U   HOP2   H  N N 211 
U   "H5'"  H  N N 212 
U   "H5''" H  N N 213 
U   "H4'"  H  N N 214 
U   "H3'"  H  N N 215 
U   "HO3'" H  N N 216 
U   "H2'"  H  N N 217 
U   "HO2'" H  N N 218 
U   "H1'"  H  N N 219 
U   H3     H  N N 220 
U   H5     H  N N 221 
U   H6     H  N N 222 
# 
loop_
_chem_comp_bond.comp_id 
_chem_comp_bond.atom_id_1 
_chem_comp_bond.atom_id_2 
_chem_comp_bond.value_order 
_chem_comp_bond.pdbx_aromatic_flag 
_chem_comp_bond.pdbx_stereo_config 
_chem_comp_bond.pdbx_ordinal 
5BU P     OP1    doub N N 1   
5BU P     OP2    sing N N 2   
5BU P     OP3    sing N N 3   
5BU P     "O5'"  sing N N 4   
5BU OP2   HOP2   sing N N 5   
5BU OP3   HOP3   sing N N 6   
5BU "O5'" "C5'"  sing N N 7   
5BU "C5'" "C4'"  sing N N 8   
5BU "C5'" "H5'"  sing N N 9   
5BU "C5'" "H5''" sing N N 10  
5BU "C4'" "O4'"  sing N N 11  
5BU "C4'" "C3'"  sing N N 12  
5BU "C4'" "H4'"  sing N N 13  
5BU "O4'" "C1'"  sing N N 14  
5BU "C3'" "O3'"  sing N N 15  
5BU "C3'" "C2'"  sing N N 16  
5BU "C3'" "H3'"  sing N N 17  
5BU "O3'" "HO3'" sing N N 18  
5BU "C2'" "O2'"  sing N N 19  
5BU "C2'" "C1'"  sing N N 20  
5BU "C2'" "H2'"  sing N N 21  
5BU "O2'" "HO2'" sing N N 22  
5BU "C1'" N1     sing N N 23  
5BU "C1'" "H1'"  sing N N 24  
5BU N1    C2     sing N N 25  
5BU N1    C6     sing N N 26  
5BU C2    O2     doub N N 27  
5BU C2    N3     sing N N 28  
5BU N3    C4     sing N N 29  
5BU N3    H3     sing N N 30  
5BU C4    O4     doub N N 31  
5BU C4    C5     sing N N 32  
5BU C5    C6     doub N N 33  
5BU C5    BR     sing N N 34  
5BU C6    H6     sing N N 35  
A   OP3   P      sing N N 36  
A   OP3   HOP3   sing N N 37  
A   P     OP1    doub N N 38  
A   P     OP2    sing N N 39  
A   P     "O5'"  sing N N 40  
A   OP2   HOP2   sing N N 41  
A   "O5'" "C5'"  sing N N 42  
A   "C5'" "C4'"  sing N N 43  
A   "C5'" "H5'"  sing N N 44  
A   "C5'" "H5''" sing N N 45  
A   "C4'" "O4'"  sing N N 46  
A   "C4'" "C3'"  sing N N 47  
A   "C4'" "H4'"  sing N N 48  
A   "O4'" "C1'"  sing N N 49  
A   "C3'" "O3'"  sing N N 50  
A   "C3'" "C2'"  sing N N 51  
A   "C3'" "H3'"  sing N N 52  
A   "O3'" "HO3'" sing N N 53  
A   "C2'" "O2'"  sing N N 54  
A   "C2'" "C1'"  sing N N 55  
A   "C2'" "H2'"  sing N N 56  
A   "O2'" "HO2'" sing N N 57  
A   "C1'" N9     sing N N 58  
A   "C1'" "H1'"  sing N N 59  
A   N9    C8     sing Y N 60  
A   N9    C4     sing Y N 61  
A   C8    N7     doub Y N 62  
A   C8    H8     sing N N 63  
A   N7    C5     sing Y N 64  
A   C5    C6     sing Y N 65  
A   C5    C4     doub Y N 66  
A   C6    N6     sing N N 67  
A   C6    N1     doub Y N 68  
A   N6    H61    sing N N 69  
A   N6    H62    sing N N 70  
A   N1    C2     sing Y N 71  
A   C2    N3     doub Y N 72  
A   C2    H2     sing N N 73  
A   N3    C4     sing Y N 74  
C   OP3   P      sing N N 75  
C   OP3   HOP3   sing N N 76  
C   P     OP1    doub N N 77  
C   P     OP2    sing N N 78  
C   P     "O5'"  sing N N 79  
C   OP2   HOP2   sing N N 80  
C   "O5'" "C5'"  sing N N 81  
C   "C5'" "C4'"  sing N N 82  
C   "C5'" "H5'"  sing N N 83  
C   "C5'" "H5''" sing N N 84  
C   "C4'" "O4'"  sing N N 85  
C   "C4'" "C3'"  sing N N 86  
C   "C4'" "H4'"  sing N N 87  
C   "O4'" "C1'"  sing N N 88  
C   "C3'" "O3'"  sing N N 89  
C   "C3'" "C2'"  sing N N 90  
C   "C3'" "H3'"  sing N N 91  
C   "O3'" "HO3'" sing N N 92  
C   "C2'" "O2'"  sing N N 93  
C   "C2'" "C1'"  sing N N 94  
C   "C2'" "H2'"  sing N N 95  
C   "O2'" "HO2'" sing N N 96  
C   "C1'" N1     sing N N 97  
C   "C1'" "H1'"  sing N N 98  
C   N1    C2     sing N N 99  
C   N1    C6     sing N N 100 
C   C2    O2     doub N N 101 
C   C2    N3     sing N N 102 
C   N3    C4     doub N N 103 
C   C4    N4     sing N N 104 
C   C4    C5     sing N N 105 
C   N4    H41    sing N N 106 
C   N4    H42    sing N N 107 
C   C5    C6     doub N N 108 
C   C5    H5     sing N N 109 
C   C6    H6     sing N N 110 
G   OP3   P      sing N N 111 
G   OP3   HOP3   sing N N 112 
G   P     OP1    doub N N 113 
G   P     OP2    sing N N 114 
G   P     "O5'"  sing N N 115 
G   OP2   HOP2   sing N N 116 
G   "O5'" "C5'"  sing N N 117 
G   "C5'" "C4'"  sing N N 118 
G   "C5'" "H5'"  sing N N 119 
G   "C5'" "H5''" sing N N 120 
G   "C4'" "O4'"  sing N N 121 
G   "C4'" "C3'"  sing N N 122 
G   "C4'" "H4'"  sing N N 123 
G   "O4'" "C1'"  sing N N 124 
G   "C3'" "O3'"  sing N N 125 
G   "C3'" "C2'"  sing N N 126 
G   "C3'" "H3'"  sing N N 127 
G   "O3'" "HO3'" sing N N 128 
G   "C2'" "O2'"  sing N N 129 
G   "C2'" "C1'"  sing N N 130 
G   "C2'" "H2'"  sing N N 131 
G   "O2'" "HO2'" sing N N 132 
G   "C1'" N9     sing N N 133 
G   "C1'" "H1'"  sing N N 134 
G   N9    C8     sing Y N 135 
G   N9    C4     sing Y N 136 
G   C8    N7     doub Y N 137 
G   C8    H8     sing N N 138 
G   N7    C5     sing Y N 139 
G   C5    C6     sing N N 140 
G   C5    C4     doub Y N 141 
G   C6    O6     doub N N 142 
G   C6    N1     sing N N 143 
G   N1    C2     sing N N 144 
G   N1    H1     sing N N 145 
G   C2    N2     sing N N 146 
G   C2    N3     doub N N 147 
G   N2    H21    sing N N 148 
G   N2    H22    sing N N 149 
G   N3    C4     sing N N 150 
HOH O     H1     sing N N 151 
HOH O     H2     sing N N 152 
SPM N1    C2     sing N N 153 
SPM N1    HN11   sing N N 154 
SPM N1    HN12   sing N N 155 
SPM C2    C3     sing N N 156 
SPM C2    H21    sing N N 157 
SPM C2    H22    sing N N 158 
SPM C3    C4     sing N N 159 
SPM C3    H31    sing N N 160 
SPM C3    H32    sing N N 161 
SPM C4    N5     sing N N 162 
SPM C4    H41    sing N N 163 
SPM C4    H42    sing N N 164 
SPM N5    C6     sing N N 165 
SPM N5    HN5    sing N N 166 
SPM C6    C7     sing N N 167 
SPM C6    H61    sing N N 168 
SPM C6    H62    sing N N 169 
SPM C7    C8     sing N N 170 
SPM C7    H71    sing N N 171 
SPM C7    H72    sing N N 172 
SPM C8    C9     sing N N 173 
SPM C8    H81    sing N N 174 
SPM C8    H82    sing N N 175 
SPM C9    N10    sing N N 176 
SPM C9    H91    sing N N 177 
SPM C9    H92    sing N N 178 
SPM N10   C11    sing N N 179 
SPM N10   HN0    sing N N 180 
SPM C11   C12    sing N N 181 
SPM C11   H111   sing N N 182 
SPM C11   H112   sing N N 183 
SPM C12   C13    sing N N 184 
SPM C12   H121   sing N N 185 
SPM C12   H122   sing N N 186 
SPM C13   N14    sing N N 187 
SPM C13   H131   sing N N 188 
SPM C13   H132   sing N N 189 
SPM N14   HN41   sing N N 190 
SPM N14   HN42   sing N N 191 
U   OP3   P      sing N N 192 
U   OP3   HOP3   sing N N 193 
U   P     OP1    doub N N 194 
U   P     OP2    sing N N 195 
U   P     "O5'"  sing N N 196 
U   OP2   HOP2   sing N N 197 
U   "O5'" "C5'"  sing N N 198 
U   "C5'" "C4'"  sing N N 199 
U   "C5'" "H5'"  sing N N 200 
U   "C5'" "H5''" sing N N 201 
U   "C4'" "O4'"  sing N N 202 
U   "C4'" "C3'"  sing N N 203 
U   "C4'" "H4'"  sing N N 204 
U   "O4'" "C1'"  sing N N 205 
U   "C3'" "O3'"  sing N N 206 
U   "C3'" "C2'"  sing N N 207 
U   "C3'" "H3'"  sing N N 208 
U   "O3'" "HO3'" sing N N 209 
U   "C2'" "O2'"  sing N N 210 
U   "C2'" "C1'"  sing N N 211 
U   "C2'" "H2'"  sing N N 212 
U   "O2'" "HO2'" sing N N 213 
U   "C1'" N1     sing N N 214 
U   "C1'" "H1'"  sing N N 215 
U   N1    C2     sing N N 216 
U   N1    C6     sing N N 217 
U   C2    O2     doub N N 218 
U   C2    N3     sing N N 219 
U   N3    C4     sing N N 220 
U   N3    H3     sing N N 221 
U   C4    O4     doub N N 222 
U   C4    C5     sing N N 223 
U   C5    C6     doub N N 224 
U   C5    H5     sing N N 225 
U   C6    H6     sing N N 226 
# 
loop_
_ndb_struct_conf_na.entry_id 
_ndb_struct_conf_na.feature 
7EDT 'double helix'        
7EDT 'a-form double helix' 
# 
loop_
_ndb_struct_na_base_pair.model_number 
_ndb_struct_na_base_pair.i_label_asym_id 
_ndb_struct_na_base_pair.i_label_comp_id 
_ndb_struct_na_base_pair.i_label_seq_id 
_ndb_struct_na_base_pair.i_symmetry 
_ndb_struct_na_base_pair.j_label_asym_id 
_ndb_struct_na_base_pair.j_label_comp_id 
_ndb_struct_na_base_pair.j_label_seq_id 
_ndb_struct_na_base_pair.j_symmetry 
_ndb_struct_na_base_pair.shear 
_ndb_struct_na_base_pair.stretch 
_ndb_struct_na_base_pair.stagger 
_ndb_struct_na_base_pair.buckle 
_ndb_struct_na_base_pair.propeller 
_ndb_struct_na_base_pair.opening 
_ndb_struct_na_base_pair.pair_number 
_ndb_struct_na_base_pair.pair_name 
_ndb_struct_na_base_pair.i_auth_asym_id 
_ndb_struct_na_base_pair.i_auth_seq_id 
_ndb_struct_na_base_pair.i_PDB_ins_code 
_ndb_struct_na_base_pair.j_auth_asym_id 
_ndb_struct_na_base_pair.j_auth_seq_id 
_ndb_struct_na_base_pair.j_PDB_ins_code 
_ndb_struct_na_base_pair.hbond_type_28 
_ndb_struct_na_base_pair.hbond_type_12 
1 A G   1  1_555 B C   12 1_555 -0.143 -0.059 0.116  -8.441 -9.748  0.582   1  A_G1:C24_B    A 1  ? B 24 ? 19 1 
1 A G   2  1_555 B C   11 1_555 -0.265 -0.130 0.134  -4.140 -8.611  0.039   2  A_G2:C23_B    A 2  ? B 23 ? 19 1 
1 A A   3  1_555 B 5BU 10 1_555 0.089  -0.130 -0.033 -0.255 -12.959 1.348   3  A_A3:5BU22_B  A 3  ? B 22 ? 20 1 
1 A C   4  1_555 B G   9  1_555 0.300  -0.122 0.150  -0.014 -15.321 2.239   4  A_C4:G21_B    A 4  ? B 21 ? 19 1 
1 A U   5  1_555 B G   8  1_555 2.488  -0.574 0.013  -8.647 -12.587 -2.270  5  A_U5:G20_B    A 5  ? B 20 ? 28 1 
1 A C   6  1_555 B C   7  1_555 5.077  -2.353 0.817  20.722 28.139  -82.001 6  A_C6:C19_B    A 6  ? B 19 ? ?  4 
1 A C   7  1_555 B C   6  1_555 -6.403 -4.959 -0.822 16.145 -28.447 -40.224 7  A_C7:C18_B    A 7  ? B 18 ? ?  4 
1 A G   8  1_555 B U   5  1_555 -2.393 -0.619 -0.229 -6.144 -12.650 1.263   8  A_G8:U17_B    A 8  ? B 17 ? 28 1 
1 A G   9  1_555 B C   4  1_555 -0.256 -0.124 -0.047 -9.768 -9.031  1.117   9  A_G9:C16_B    A 9  ? B 16 ? 19 1 
1 A 5BU 10 1_555 B A   3  1_555 -0.107 -0.141 0.002  -3.377 -11.938 0.025   10 A_5BU10:A15_B A 10 ? B 15 ? 20 1 
1 A C   11 1_555 B G   2  1_555 0.279  -0.166 -0.023 1.749  -8.733  -1.043  11 A_C11:G14_B   A 11 ? B 14 ? 19 1 
1 A C   12 1_555 B G   1  1_555 0.210  -0.111 0.039  3.312  -10.201 -0.188  12 A_C12:G13_B   A 12 ? B 13 ? 19 1 
# 
loop_
_ndb_struct_na_base_pair_step.model_number 
_ndb_struct_na_base_pair_step.i_label_asym_id_1 
_ndb_struct_na_base_pair_step.i_label_comp_id_1 
_ndb_struct_na_base_pair_step.i_label_seq_id_1 
_ndb_struct_na_base_pair_step.i_symmetry_1 
_ndb_struct_na_base_pair_step.j_label_asym_id_1 
_ndb_struct_na_base_pair_step.j_label_comp_id_1 
_ndb_struct_na_base_pair_step.j_label_seq_id_1 
_ndb_struct_na_base_pair_step.j_symmetry_1 
_ndb_struct_na_base_pair_step.i_label_asym_id_2 
_ndb_struct_na_base_pair_step.i_label_comp_id_2 
_ndb_struct_na_base_pair_step.i_label_seq_id_2 
_ndb_struct_na_base_pair_step.i_symmetry_2 
_ndb_struct_na_base_pair_step.j_label_asym_id_2 
_ndb_struct_na_base_pair_step.j_label_comp_id_2 
_ndb_struct_na_base_pair_step.j_label_seq_id_2 
_ndb_struct_na_base_pair_step.j_symmetry_2 
_ndb_struct_na_base_pair_step.shift 
_ndb_struct_na_base_pair_step.slide 
_ndb_struct_na_base_pair_step.rise 
_ndb_struct_na_base_pair_step.tilt 
_ndb_struct_na_base_pair_step.roll 
_ndb_struct_na_base_pair_step.twist 
_ndb_struct_na_base_pair_step.x_displacement 
_ndb_struct_na_base_pair_step.y_displacement 
_ndb_struct_na_base_pair_step.helical_rise 
_ndb_struct_na_base_pair_step.inclination 
_ndb_struct_na_base_pair_step.tip 
_ndb_struct_na_base_pair_step.helical_twist 
_ndb_struct_na_base_pair_step.step_number 
_ndb_struct_na_base_pair_step.step_name 
_ndb_struct_na_base_pair_step.i_auth_asym_id_1 
_ndb_struct_na_base_pair_step.i_auth_seq_id_1 
_ndb_struct_na_base_pair_step.i_PDB_ins_code_1 
_ndb_struct_na_base_pair_step.j_auth_asym_id_1 
_ndb_struct_na_base_pair_step.j_auth_seq_id_1 
_ndb_struct_na_base_pair_step.j_PDB_ins_code_1 
_ndb_struct_na_base_pair_step.i_auth_asym_id_2 
_ndb_struct_na_base_pair_step.i_auth_seq_id_2 
_ndb_struct_na_base_pair_step.i_PDB_ins_code_2 
_ndb_struct_na_base_pair_step.j_auth_asym_id_2 
_ndb_struct_na_base_pair_step.j_auth_seq_id_2 
_ndb_struct_na_base_pair_step.j_PDB_ins_code_2 
1 A G   1  1_555 B C   12 1_555 A G   2  1_555 B C   11 1_555 -0.629 -1.582 3.094 -1.510 3.914  35.526 -3.097  0.823  2.932 6.388 
2.465   35.765  1  AA_G1G2:C23C24_BB     A 1  ? B 24 ? A 2  ? B 23 ? 
1 A G   2  1_555 B C   11 1_555 A A   3  1_555 B 5BU 10 1_555 0.805  -1.851 3.115 3.931  7.648  26.880 -5.394  -0.833 2.590 15.942 
-8.194  28.198  2  AA_G2A3:5BU22C23_BB   A 2  ? B 23 ? A 3  ? B 22 ? 
1 A A   3  1_555 B 5BU 10 1_555 A C   4  1_555 B G   9  1_555 0.430  -1.812 3.226 0.335  0.175  35.153 -3.025  -0.663 3.221 0.290 
-0.554  35.155  3  AA_A3C4:G215BU22_BB   A 3  ? B 22 ? A 4  ? B 21 ? 
1 A C   4  1_555 B G   9  1_555 A U   5  1_555 B G   8  1_555 -0.190 -1.647 3.420 4.874  6.264  40.920 -2.982  0.786  3.104 8.859 
-6.893  41.650  4  AA_C4U5:G20G21_BB     A 4  ? B 21 ? A 5  ? B 20 ? 
1 A U   5  1_555 B G   8  1_555 A C   6  1_555 B C   7  1_555 -4.736 -2.309 2.986 10.512 8.377  32.584 -4.585  8.796  0.860 14.200 
-17.819 35.178  5  AA_U5C6:C19G20_BB     A 5  ? B 20 ? A 6  ? B 19 ? 
1 A C   6  1_555 B C   7  1_555 A C   7  1_555 B C   6  1_555 2.271  2.559  3.603 0.498  11.772 -8.885 -17.059 9.149  0.059 
-53.060 2.245   -14.748 6  AA_C6C7:C18C19_BB     A 6  ? B 19 ? A 7  ? B 18 ? 
1 A C   7  1_555 B C   6  1_555 A G   8  1_555 B U   5  1_555 3.372  -1.443 4.147 -8.536 17.767 58.252 -2.387  -3.777 3.153 17.706 
8.506   61.218  7  AA_C7G8:U17C18_BB     A 7  ? B 18 ? A 8  ? B 17 ? 
1 A G   8  1_555 B U   5  1_555 A G   9  1_555 B C   4  1_555 -0.030 -1.626 3.315 -2.686 6.205  39.072 -3.107  -0.263 3.027 9.193 
3.980   39.630  8  AA_G8G9:C16U17_BB     A 8  ? B 17 ? A 9  ? B 16 ? 
1 A G   9  1_555 B C   4  1_555 A 5BU 10 1_555 B A   3  1_555 -0.629 -1.484 3.098 -0.871 3.367  32.156 -3.217  0.986  2.947 6.057 
1.567   32.338  9  AA_G95BU10:A15C16_BB  A 9  ? B 16 ? A 10 ? B 15 ? 
1 A 5BU 10 1_555 B A   3  1_555 A C   11 1_555 B G   2  1_555 0.091  -1.205 3.124 -0.348 4.194  33.598 -2.700  -0.209 2.955 7.220 
0.598   33.853  10 AA_5BU10C11:G14A15_BB A 10 ? B 15 ? A 11 ? B 14 ? 
1 A C   11 1_555 B G   2  1_555 A C   12 1_555 B G   1  1_555 0.848  -1.903 3.142 2.800  4.707  32.298 -4.130  -1.056 2.904 8.387 
-4.988  32.747  11 AA_C11C12:G13G14_BB   A 11 ? B 14 ? A 12 ? B 13 ? 
# 
_pdbx_audit_support.funding_organization   'Ministry of Education, Culture, Sports, Science and Technology (Japan)' 
_pdbx_audit_support.country                Japan 
_pdbx_audit_support.grant_number           24245037 
_pdbx_audit_support.ordinal                1 
# 
_pdbx_initial_refinement_model.accession_code   ? 
_pdbx_initial_refinement_model.id               1 
_pdbx_initial_refinement_model.entity_id_list   ? 
_pdbx_initial_refinement_model.type             other 
_pdbx_initial_refinement_model.source_name      ? 
_pdbx_initial_refinement_model.details          'RNA duplex constructed using Coot' 
# 
_atom_sites.entry_id                    7EDT 
_atom_sites.Cartn_transf_matrix[1][1]   ? 
_atom_sites.Cartn_transf_matrix[1][2]   ? 
_atom_sites.Cartn_transf_matrix[1][3]   ? 
_atom_sites.Cartn_transf_matrix[2][1]   ? 
_atom_sites.Cartn_transf_matrix[2][2]   ? 
_atom_sites.Cartn_transf_matrix[2][3]   ? 
_atom_sites.Cartn_transf_matrix[3][1]   ? 
_atom_sites.Cartn_transf_matrix[3][2]   ? 
_atom_sites.Cartn_transf_matrix[3][3]   ? 
_atom_sites.Cartn_transf_vector[1]      ? 
_atom_sites.Cartn_transf_vector[2]      ? 
_atom_sites.Cartn_transf_vector[3]      ? 
_atom_sites.fract_transf_matrix[1][1]   -0.00704449 
_atom_sites.fract_transf_matrix[1][2]   0.04340552 
_atom_sites.fract_transf_matrix[1][3]   0.00551573 
_atom_sites.fract_transf_matrix[2][1]   -0.04127432 
_atom_sites.fract_transf_matrix[2][2]   0.00478602 
_atom_sites.fract_transf_matrix[2][3]   -0.00396351 
_atom_sites.fract_transf_matrix[3][1]   -0.00804231 
_atom_sites.fract_transf_matrix[3][2]   0.00552250 
_atom_sites.fract_transf_matrix[3][3]   0.03588966 
_atom_sites.fract_transf_vector[1]      0.048988 
_atom_sites.fract_transf_vector[2]      0.360541 
_atom_sites.fract_transf_vector[3]      0.473679 
_atom_sites.solution_primary            ? 
_atom_sites.solution_secondary          ? 
_atom_sites.solution_hydrogens          ? 
_atom_sites.special_details             ? 
# 
loop_
_atom_type.symbol 
BR 
C  
N  
NA 
O  
P  
# 
loop_
_atom_site.group_PDB 
_atom_site.id 
_atom_site.type_symbol 
_atom_site.label_atom_id 
_atom_site.label_alt_id 
_atom_site.label_comp_id 
_atom_site.label_asym_id 
_atom_site.label_entity_id 
_atom_site.label_seq_id 
_atom_site.pdbx_PDB_ins_code 
_atom_site.Cartn_x 
_atom_site.Cartn_y 
_atom_site.Cartn_z 
_atom_site.occupancy 
_atom_site.B_iso_or_equiv 
_atom_site.pdbx_formal_charge 
_atom_site.auth_seq_id 
_atom_site.auth_comp_id 
_atom_site.auth_asym_id 
_atom_site.auth_atom_id 
_atom_site.pdbx_PDB_model_num 
ATOM   1   O  "O5'" . G   A 1 1  ? -12.207 0.474   10.473  1.00 16.47 ? 1   G   A "O5'" 1 
ATOM   2   C  "C5'" . G   A 1 1  ? -13.338 -0.331  10.779  1.00 13.99 ? 1   G   A "C5'" 1 
ATOM   3   C  "C4'" . G   A 1 1  ? -14.541 0.059   9.958   1.00 11.95 ? 1   G   A "C4'" 1 
ATOM   4   O  "O4'" . G   A 1 1  ? -14.939 1.415   10.275  1.00 11.38 ? 1   G   A "O4'" 1 
ATOM   5   C  "C3'" . G   A 1 1  ? -14.326 0.064   8.453   1.00 11.03 ? 1   G   A "C3'" 1 
ATOM   6   O  "O3'" . G   A 1 1  ? -14.501 -1.227  7.903   1.00 11.56 ? 1   G   A "O3'" 1 
ATOM   7   C  "C2'" . G   A 1 1  ? -15.350 1.078   7.972   1.00 10.93 ? 1   G   A "C2'" 1 
ATOM   8   O  "O2'" . G   A 1 1  ? -16.648 0.500   7.978   1.00 11.67 ? 1   G   A "O2'" 1 
ATOM   9   C  "C1'" . G   A 1 1  ? -15.294 2.099   9.097   1.00 10.40 ? 1   G   A "C1'" 1 
ATOM   10  N  N9    . G   A 1 1  ? -14.308 3.176   8.884   1.00 10.59 ? 1   G   A N9    1 
ATOM   11  C  C8    . G   A 1 1  ? -13.311 3.543   9.760   1.00 11.46 ? 1   G   A C8    1 
ATOM   12  N  N7    . G   A 1 1  ? -12.608 4.563   9.357   1.00 10.79 ? 1   G   A N7    1 
ATOM   13  C  C5    . G   A 1 1  ? -13.193 4.926   8.154   1.00 9.59  ? 1   G   A C5    1 
ATOM   14  C  C6    . G   A 1 1  ? -12.874 5.981   7.256   1.00 9.40  ? 1   G   A C6    1 
ATOM   15  O  O6    . G   A 1 1  ? -11.983 6.840   7.341   1.00 11.41 ? 1   G   A O6    1 
ATOM   16  N  N1    . G   A 1 1  ? -13.716 5.981   6.148   1.00 8.96  ? 1   G   A N1    1 
ATOM   17  C  C2    . G   A 1 1  ? -14.744 5.095   5.946   1.00 8.58  ? 1   G   A C2    1 
ATOM   18  N  N2    . G   A 1 1  ? -15.438 5.251   4.817   1.00 8.73  ? 1   G   A N2    1 
ATOM   19  N  N3    . G   A 1 1  ? -15.051 4.111   6.777   1.00 9.22  ? 1   G   A N3    1 
ATOM   20  C  C4    . G   A 1 1  ? -14.246 4.085   7.852   1.00 9.43  ? 1   G   A C4    1 
ATOM   21  P  P     . G   A 1 2  ? -13.562 -1.745  6.712   1.00 13.38 ? 2   G   A P     1 
ATOM   22  O  OP1   . G   A 1 2  ? -13.845 -3.187  6.547   1.00 14.93 ? 2   G   A OP1   1 
ATOM   23  O  OP2   . G   A 1 2  ? -12.165 -1.286  6.926   1.00 14.20 ? 2   G   A OP2   1 
ATOM   24  O  "O5'" . G   A 1 2  ? -14.084 -0.952  5.441   1.00 11.61 ? 2   G   A "O5'" 1 
ATOM   25  C  "C5'" . G   A 1 2  ? -15.348 -1.222  4.867   1.00 11.45 ? 2   G   A "C5'" 1 
ATOM   26  C  "C4'" . G   A 1 2  ? -15.504 -0.420  3.611   1.00 10.70 ? 2   G   A "C4'" 1 
ATOM   27  O  "O4'" . G   A 1 2  ? -15.566 0.985   3.949   1.00 10.24 ? 2   G   A "O4'" 1 
ATOM   28  C  "C3'" . G   A 1 2  ? -14.333 -0.505  2.660   1.00 10.38 ? 2   G   A "C3'" 1 
ATOM   29  O  "O3'" . G   A 1 2  ? -14.356 -1.686  1.887   1.00 10.54 ? 2   G   A "O3'" 1 
ATOM   30  C  "C2'" . G   A 1 2  ? -14.464 0.786   1.866   1.00 10.30 ? 2   G   A "C2'" 1 
ATOM   31  O  "O2'" . G   A 1 2  ? -15.550 0.695   0.949   1.00 11.25 ? 2   G   A "O2'" 1 
ATOM   32  C  "C1'" . G   A 1 2  ? -14.884 1.744   2.973   1.00 10.16 ? 2   G   A "C1'" 1 
ATOM   33  N  N9    . G   A 1 2  ? -13.757 2.433   3.631   1.00 9.91  ? 2   G   A N9    1 
ATOM   34  C  C8    . G   A 1 2  ? -13.160 2.122   4.828   1.00 9.87  ? 2   G   A C8    1 
ATOM   35  N  N7    . G   A 1 2  ? -12.214 2.962   5.161   1.00 10.23 ? 2   G   A N7    1 
ATOM   36  C  C5    . G   A 1 2  ? -12.199 3.894   4.136   1.00 9.99  ? 2   G   A C5    1 
ATOM   37  C  C6    . G   A 1 2  ? -11.395 5.049   3.945   1.00 10.37 ? 2   G   A C6    1 
ATOM   38  O  O6    . G   A 1 2  ? -10.504 5.495   4.684   1.00 10.16 ? 2   G   A O6    1 
ATOM   39  N  N1    . G   A 1 2  ? -11.720 5.711   2.767   1.00 9.68  ? 2   G   A N1    1 
ATOM   40  C  C2    . G   A 1 2  ? -12.688 5.311   1.880   1.00 10.09 ? 2   G   A C2    1 
ATOM   41  N  N2    . G   A 1 2  ? -12.848 6.076   0.795   1.00 10.22 ? 2   G   A N2    1 
ATOM   42  N  N3    . G   A 1 2  ? -13.443 4.237   2.042   1.00 9.61  ? 2   G   A N3    1 
ATOM   43  C  C4    . G   A 1 2  ? -13.153 3.586   3.193   1.00 9.47  ? 2   G   A C4    1 
ATOM   44  P  P     . A   A 1 3  ? -12.990 -2.276  1.299   1.00 11.07 ? 3   A   A P     1 
ATOM   45  O  OP1   . A   A 1 3  ? -13.354 -3.547  0.611   1.00 11.10 ? 3   A   A OP1   1 
ATOM   46  O  OP2   . A   A 1 3  ? -11.953 -2.309  2.363   1.00 12.34 ? 3   A   A OP2   1 
ATOM   47  O  "O5'" . A   A 1 3  ? -12.620 -1.202  0.189   1.00 11.09 ? 3   A   A "O5'" 1 
ATOM   48  C  "C5'" . A   A 1 3  ? -11.282 -0.867  -0.107  1.00 10.65 ? 3   A   A "C5'" 1 
ATOM   49  C  "C4'" . A   A 1 3  ? -11.246 0.413   -0.883  1.00 9.97  ? 3   A   A "C4'" 1 
ATOM   50  O  "O4'" . A   A 1 3  ? -11.711 1.502   -0.043  1.00 9.82  ? 3   A   A "O4'" 1 
ATOM   51  C  "C3'" . A   A 1 3  ? -9.874  0.852   -1.343  1.00 9.70  ? 3   A   A "C3'" 1 
ATOM   52  O  "O3'" . A   A 1 3  ? -9.481  0.188   -2.528  1.00 10.08 ? 3   A   A "O3'" 1 
ATOM   53  C  "C2'" . A   A 1 3  ? -10.044 2.352   -1.490  1.00 9.20  ? 3   A   A "C2'" 1 
ATOM   54  O  "O2'" . A   A 1 3  ? -10.738 2.653   -2.690  1.00 9.66  ? 3   A   A "O2'" 1 
ATOM   55  C  "C1'" . A   A 1 3  ? -10.951 2.661   -0.300  1.00 9.57  ? 3   A   A "C1'" 1 
ATOM   56  N  N9    . A   A 1 3  ? -10.154 2.957   0.905   1.00 10.12 ? 3   A   A N9    1 
ATOM   57  C  C8    . A   A 1 3  ? -9.978  2.169   2.016   1.00 10.36 ? 3   A   A C8    1 
ATOM   58  N  N7    . A   A 1 3  ? -9.187  2.705   2.916   1.00 10.46 ? 3   A   A N7    1 
ATOM   59  C  C5    . A   A 1 3  ? -8.808  3.922   2.359   1.00 10.06 ? 3   A   A C5    1 
ATOM   60  C  C6    . A   A 1 3  ? -7.982  4.972   2.806   1.00 10.39 ? 3   A   A C6    1 
ATOM   61  N  N6    . A   A 1 3  ? -7.337  4.973   3.980   1.00 10.93 ? 3   A   A N6    1 
ATOM   62  N  N1    . A   A 1 3  ? -7.836  6.036   1.984   1.00 10.08 ? 3   A   A N1    1 
ATOM   63  C  C2    . A   A 1 3  ? -8.466  6.050   0.806   1.00 9.28  ? 3   A   A C2    1 
ATOM   64  N  N3    . A   A 1 3  ? -9.271  5.128   0.286   1.00 9.36  ? 3   A   A N3    1 
ATOM   65  C  C4    . A   A 1 3  ? -9.398  4.083   1.118   1.00 9.71  ? 3   A   A C4    1 
ATOM   66  P  P     . C   A 1 4  ? -7.934  -0.173  -2.755  1.00 10.73 ? 4   C   A P     1 
ATOM   67  O  OP1   . C   A 1 4  ? -7.885  -1.071  -3.935  1.00 11.08 ? 4   C   A OP1   1 
ATOM   68  O  OP2   . C   A 1 4  ? -7.321  -0.610  -1.471  1.00 11.65 ? 4   C   A OP2   1 
ATOM   69  O  "O5'" . C   A 1 4  ? -7.250  1.220   -3.106  1.00 10.11 ? 4   C   A "O5'" 1 
ATOM   70  C  "C5'" . C   A 1 4  ? -7.676  2.004   -4.209  1.00 10.67 ? 4   C   A "C5'" 1 
ATOM   71  C  "C4'" . C   A 1 4  ? -7.125  3.402   -4.101  1.00 10.75 ? 4   C   A "C4'" 1 
ATOM   72  O  "O4'" . C   A 1 4  ? -7.548  3.989   -2.845  1.00 11.22 ? 4   C   A "O4'" 1 
ATOM   73  C  "C3'" . C   A 1 4  ? -5.610  3.513   -4.059  1.00 12.28 ? 4   C   A "C3'" 1 
ATOM   74  O  "O3'" . C   A 1 4  ? -5.031  3.441   -5.343  1.00 14.12 ? 4   C   A "O3'" 1 
ATOM   75  C  "C2'" . C   A 1 4  ? -5.399  4.850   -3.370  1.00 12.13 ? 4   C   A "C2'" 1 
ATOM   76  O  "O2'" . C   A 1 4  ? -5.641  5.915   -4.279  1.00 13.33 ? 4   C   A "O2'" 1 
ATOM   77  C  "C1'" . C   A 1 4  ? -6.526  4.826   -2.342  1.00 11.49 ? 4   C   A "C1'" 1 
ATOM   78  N  N1    . C   A 1 4  ? -6.077  4.313   -1.025  1.00 11.39 ? 4   C   A N1    1 
ATOM   79  C  C2    . C   A 1 4  ? -5.302  5.160   -0.227  1.00 11.16 ? 4   C   A C2    1 
ATOM   80  O  O2    . C   A 1 4  ? -5.019  6.280   -0.662  1.00 11.17 ? 4   C   A O2    1 
ATOM   81  N  N3    . C   A 1 4  ? -4.886  4.743   0.990   1.00 11.18 ? 4   C   A N3    1 
ATOM   82  C  C4    . C   A 1 4  ? -5.212  3.529   1.429   1.00 11.43 ? 4   C   A C4    1 
ATOM   83  N  N4    . C   A 1 4  ? -4.786  3.158   2.639   1.00 11.62 ? 4   C   A N4    1 
ATOM   84  C  C5    . C   A 1 4  ? -6.001  2.642   0.638   1.00 11.59 ? 4   C   A C5    1 
ATOM   85  C  C6    . C   A 1 4  ? -6.410  3.062   -0.569  1.00 11.83 ? 4   C   A C6    1 
ATOM   86  P  P     . U   A 1 5  ? -3.553  2.848   -5.514  1.00 15.84 ? 5   U   A P     1 
ATOM   87  O  OP1   . U   A 1 5  ? -3.242  2.905   -6.959  1.00 16.99 ? 5   U   A OP1   1 
ATOM   88  O  OP2   . U   A 1 5  ? -3.474  1.539   -4.825  1.00 16.75 ? 5   U   A OP2   1 
ATOM   89  O  "O5'" . U   A 1 5  ? -2.612  3.835   -4.693  1.00 13.63 ? 5   U   A "O5'" 1 
ATOM   90  C  "C5'" . U   A 1 5  ? -2.351  5.151   -5.145  1.00 13.11 ? 5   U   A "C5'" 1 
ATOM   91  C  "C4'" . U   A 1 5  ? -1.475  5.872   -4.160  1.00 12.57 ? 5   U   A "C4'" 1 
ATOM   92  O  "O4'" . U   A 1 5  ? -2.149  5.980   -2.881  1.00 12.05 ? 5   U   A "O4'" 1 
ATOM   93  C  "C3'" . U   A 1 5  ? -0.172  5.178   -3.818  1.00 12.89 ? 5   U   A "C3'" 1 
ATOM   94  O  "O3'" . U   A 1 5  ? 0.809   5.353   -4.822  1.00 13.66 ? 5   U   A "O3'" 1 
ATOM   95  C  "C2'" . U   A 1 5  ? 0.189   5.799   -2.477  1.00 13.03 ? 5   U   A "C2'" 1 
ATOM   96  O  "O2'" . U   A 1 5  ? 0.770   7.082   -2.659  1.00 13.95 ? 5   U   A "O2'" 1 
ATOM   97  C  "C1'" . U   A 1 5  ? -1.193  5.957   -1.836  1.00 12.12 ? 5   U   A "C1'" 1 
ATOM   98  N  N1    . U   A 1 5  ? -1.492  4.835   -0.914  1.00 11.52 ? 5   U   A N1    1 
ATOM   99  C  C2    . U   A 1 5  ? -0.986  4.952   0.366   1.00 11.55 ? 5   U   A C2    1 
ATOM   100 O  O2    . U   A 1 5  ? -0.349  5.932   0.721   1.00 11.07 ? 5   U   A O2    1 
ATOM   101 N  N3    . U   A 1 5  ? -1.259  3.899   1.207   1.00 11.77 ? 5   U   A N3    1 
ATOM   102 C  C4    . U   A 1 5  ? -1.956  2.751   0.889   1.00 12.35 ? 5   U   A C4    1 
ATOM   103 O  O4    . U   A 1 5  ? -2.105  1.885   1.752   1.00 12.66 ? 5   U   A O4    1 
ATOM   104 C  C5    . U   A 1 5  ? -2.436  2.697   -0.462  1.00 12.51 ? 5   U   A C5    1 
ATOM   105 C  C6    . U   A 1 5  ? -2.189  3.712   -1.299  1.00 12.59 ? 5   U   A C6    1 
ATOM   106 P  P     . C   A 1 6  ? 1.913   4.216   -5.059  1.00 14.43 ? 6   C   A P     1 
ATOM   107 O  OP1   . C   A 1 6  ? 2.788   4.686   -6.166  1.00 16.44 ? 6   C   A OP1   1 
ATOM   108 O  OP2   . C   A 1 6  ? 1.242   2.896   -5.135  1.00 15.09 ? 6   C   A OP2   1 
ATOM   109 O  "O5'" . C   A 1 6  ? 2.732   4.184   -3.694  1.00 12.59 ? 6   C   A "O5'" 1 
ATOM   110 C  "C5'" . C   A 1 6  ? 3.602   5.244   -3.344  1.00 11.30 ? 6   C   A "C5'" 1 
ATOM   111 C  "C4'" . C   A 1 6  ? 4.560   4.813   -2.275  1.00 10.88 ? 6   C   A "C4'" 1 
ATOM   112 O  "O4'" . C   A 1 6  ? 3.917   4.876   -0.973  1.00 11.01 ? 6   C   A "O4'" 1 
ATOM   113 C  "C3'" . C   A 1 6  ? 5.121   3.388   -2.419  1.00 9.91  ? 6   C   A "C3'" 1 
ATOM   114 O  "O3'" . C   A 1 6  ? 6.545   3.418   -2.386  1.00 9.74  ? 6   C   A "O3'" 1 
ATOM   115 C  "C2'" . C   A 1 6  ? 4.580   2.665   -1.183  1.00 9.57  ? 6   C   A "C2'" 1 
ATOM   116 O  "O2'" . C   A 1 6  ? 5.409   1.625   -0.696  1.00 9.75  ? 6   C   A "O2'" 1 
ATOM   117 C  "C1'" . C   A 1 6  ? 4.423   3.826   -0.201  1.00 10.06 ? 6   C   A "C1'" 1 
ATOM   118 N  N1    . C   A 1 6  ? 3.581   3.526   0.962   1.00 10.35 ? 6   C   A N1    1 
ATOM   119 C  C2    . C   A 1 6  ? 4.081   3.826   2.237   1.00 10.89 ? 6   C   A C2    1 
ATOM   120 O  O2    . C   A 1 6  ? 5.144   4.462   2.346   1.00 11.39 ? 6   C   A O2    1 
ATOM   121 N  N3    . C   A 1 6  ? 3.377   3.460   3.326   1.00 9.97  ? 6   C   A N3    1 
ATOM   122 C  C4    . C   A 1 6  ? 2.230   2.798   3.184   1.00 10.41 ? 6   C   A C4    1 
ATOM   123 N  N4    . C   A 1 6  ? 1.555   2.440   4.277   1.00 11.01 ? 6   C   A N4    1 
ATOM   124 C  C5    . C   A 1 6  ? 1.705   2.474   1.904   1.00 9.99  ? 6   C   A C5    1 
ATOM   125 C  C6    . C   A 1 6  ? 2.417   2.829   0.829   1.00 10.49 ? 6   C   A C6    1 
ATOM   126 P  P     . C   A 1 7  ? 7.370   2.873   -3.649  1.00 10.43 ? 7   C   A P     1 
ATOM   127 O  OP1   . C   A 1 7  ? 7.122   3.752   -4.811  1.00 12.25 ? 7   C   A OP1   1 
ATOM   128 O  OP2   . C   A 1 7  ? 7.116   1.414   -3.791  1.00 10.98 ? 7   C   A OP2   1 
ATOM   129 O  "O5'" . C   A 1 7  ? 8.879   3.064   -3.193  1.00 9.95  ? 7   C   A "O5'" 1 
ATOM   130 C  "C5'" . C   A 1 7  ? 9.627   4.218   -3.551  1.00 9.75  ? 7   C   A "C5'" 1 
ATOM   131 C  "C4'" . C   A 1 7  ? 10.456  4.707   -2.390  1.00 9.68  ? 7   C   A "C4'" 1 
ATOM   132 O  "O4'" . C   A 1 7  ? 9.597   5.254   -1.359  1.00 10.62 ? 7   C   A "O4'" 1 
ATOM   133 C  "C3'" . C   A 1 7  ? 11.266  3.656   -1.657  1.00 10.26 ? 7   C   A "C3'" 1 
ATOM   134 O  "O3'" . C   A 1 7  ? 12.452  3.318   -2.344  1.00 10.01 ? 7   C   A "O3'" 1 
ATOM   135 C  "C2'" . C   A 1 7  ? 11.512  4.313   -0.300  1.00 11.40 ? 7   C   A "C2'" 1 
ATOM   136 O  "O2'" . C   A 1 7  ? 12.624  5.190   -0.347  1.00 13.08 ? 7   C   A "O2'" 1 
ATOM   137 C  "C1'" . C   A 1 7  ? 10.225  5.128   -0.101  1.00 10.80 ? 7   C   A "C1'" 1 
ATOM   138 N  N1    . C   A 1 7  ? 9.339   4.426   0.848   1.00 11.15 ? 7   C   A N1    1 
ATOM   139 C  C2    . C   A 1 7  ? 9.480   4.734   2.200   1.00 12.33 ? 7   C   A C2    1 
ATOM   140 O  O2    . C   A 1 7  ? 10.265  5.645   2.521   1.00 13.25 ? 7   C   A O2    1 
ATOM   141 N  N3    . C   A 1 7  ? 8.724   4.072   3.106   1.00 12.28 ? 7   C   A N3    1 
ATOM   142 C  C4    . C   A 1 7  ? 7.890   3.108   2.713   1.00 11.66 ? 7   C   A C4    1 
ATOM   143 N  N4    . C   A 1 7  ? 7.184   2.483   3.657   1.00 13.00 ? 7   C   A N4    1 
ATOM   144 C  C5    . C   A 1 7  ? 7.746   2.752   1.339   1.00 11.00 ? 7   C   A C5    1 
ATOM   145 C  C6    . C   A 1 7  ? 8.496   3.425   0.454   1.00 11.03 ? 7   C   A C6    1 
ATOM   146 P  P     . G   A 1 8  ? 12.775  1.794   -2.718  1.00 9.98  ? 8   G   A P     1 
ATOM   147 O  OP1   . G   A 1 8  ? 14.196  1.794   -3.145  1.00 11.51 ? 8   G   A OP1   1 
ATOM   148 O  OP2   . G   A 1 8  ? 11.718  1.283   -3.632  1.00 10.07 ? 8   G   A OP2   1 
ATOM   149 O  "O5'" . G   A 1 8  ? 12.634  1.007   -1.343  1.00 8.78  ? 8   G   A "O5'" 1 
ATOM   150 C  "C5'" . G   A 1 8  ? 13.506  1.283   -0.262  1.00 9.68  ? 8   G   A "C5'" 1 
ATOM   151 C  "C4'" . G   A 1 8  ? 12.965  0.713   1.016   1.00 9.16  ? 8   G   A "C4'" 1 
ATOM   152 O  "O4'" . G   A 1 8  ? 11.655  1.273   1.295   1.00 8.86  ? 8   G   A "O4'" 1 
ATOM   153 C  "C3'" . G   A 1 8  ? 12.715  -0.783  1.020   1.00 9.79  ? 8   G   A "C3'" 1 
ATOM   154 O  "O3'" . G   A 1 8  ? 13.907  -1.526  1.168   1.00 9.96  ? 8   G   A "O3'" 1 
ATOM   155 C  "C2'" . G   A 1 8  ? 11.740  -0.927  2.176   1.00 8.98  ? 8   G   A "C2'" 1 
ATOM   156 O  "O2'" . G   A 1 8  ? 12.421  -0.777  3.417   1.00 9.73  ? 8   G   A "O2'" 1 
ATOM   157 C  "C1'" . G   A 1 8  ? 10.857  0.302   1.947   1.00 8.89  ? 8   G   A "C1'" 1 
ATOM   158 N  N9    . G   A 1 8  ? 9.717   -0.036  1.073   1.00 9.21  ? 8   G   A N9    1 
ATOM   159 C  C8    . G   A 1 8  ? 9.484   0.338   -0.233  1.00 8.55  ? 8   G   A C8    1 
ATOM   160 N  N7    . G   A 1 8  ? 8.389   -0.178  -0.722  1.00 8.83  ? 8   G   A N7    1 
ATOM   161 C  C5    . G   A 1 8  ? 7.871   -0.927  0.319   1.00 9.10  ? 8   G   A C5    1 
ATOM   162 C  C6    . G   A 1 8  ? 6.697   -1.719  0.359   1.00 8.35  ? 8   G   A C6    1 
ATOM   163 O  O6    . G   A 1 8  ? 5.859   -1.885  -0.539  1.00 8.83  ? 8   G   A O6    1 
ATOM   164 N  N1    . G   A 1 8  ? 6.544   -2.350  1.595   1.00 8.76  ? 8   G   A N1    1 
ATOM   165 C  C2    . G   A 1 8  ? 7.412   -2.217  2.654   1.00 9.10  ? 8   G   A C2    1 
ATOM   166 N  N2    . G   A 1 8  ? 7.103   -2.907  3.760   1.00 9.80  ? 8   G   A N2    1 
ATOM   167 N  N3    . G   A 1 8  ? 8.514   -1.473  2.624   1.00 8.84  ? 8   G   A N3    1 
ATOM   168 C  C4    . G   A 1 8  ? 8.683   -0.868  1.427   1.00 9.01  ? 8   G   A C4    1 
ATOM   169 P  P     . G   A 1 9  ? 14.089  -2.955  0.459   1.00 11.72 ? 9   G   A P     1 
ATOM   170 O  OP1   . G   A 1 9  ? 15.476  -3.345  0.821   1.00 13.70 ? 9   G   A OP1   1 
ATOM   171 O  OP2   . G   A 1 9  ? 13.671  -2.878  -0.966  1.00 12.60 ? 9   G   A OP2   1 
ATOM   172 O  "O5'" . G   A 1 9  ? 13.048  -3.900  1.197   1.00 11.20 ? 9   G   A "O5'" 1 
ATOM   173 C  "C5'" . G   A 1 9  ? 13.188  -4.175  2.578   1.00 11.08 ? 9   G   A "C5'" 1 
ATOM   174 C  "C4'" . G   A 1 9  ? 12.002  -4.943  3.089   1.00 10.52 ? 9   G   A "C4'" 1 
ATOM   175 O  "O4'" . G   A 1 9  ? 10.789  -4.177  2.873   1.00 10.16 ? 9   G   A "O4'" 1 
ATOM   176 C  "C3'" . G   A 1 9  ? 11.721  -6.269  2.400   1.00 10.37 ? 9   G   A "C3'" 1 
ATOM   177 O  "O3'" . G   A 1 9  ? 12.561  -7.297  2.887   1.00 10.07 ? 9   G   A "O3'" 1 
ATOM   178 C  "C2'" . G   A 1 9  ? 10.254  -6.481  2.719   1.00 10.17 ? 9   G   A "C2'" 1 
ATOM   179 O  "O2'" . G   A 1 9  ? 10.111  -6.889  4.074   1.00 11.24 ? 9   G   A "O2'" 1 
ATOM   180 C  "C1'" . G   A 1 9  ? 9.721   -5.054  2.597   1.00 9.84  ? 9   G   A "C1'" 1 
ATOM   181 N  N9    . G   A 1 9  ? 9.178   -4.742  1.263   1.00 9.99  ? 9   G   A N9    1 
ATOM   182 C  C8    . G   A 1 9  ? 9.684   -3.877  0.320   1.00 10.12 ? 9   G   A C8    1 
ATOM   183 N  N7    . G   A 1 9  ? 8.938   -3.811  -0.749  1.00 9.71  ? 9   G   A N7    1 
ATOM   184 C  C5    . G   A 1 9  ? 7.881   -4.671  -0.489  1.00 9.18  ? 9   G   A C5    1 
ATOM   185 C  C6    . G   A 1 9  ? 6.752   -5.009  -1.276  1.00 9.00  ? 9   G   A C6    1 
ATOM   186 O  O6    . G   A 1 9  ? 6.436   -4.589  -2.399  1.00 9.80  ? 9   G   A O6    1 
ATOM   187 N  N1    . G   A 1 9  ? 5.929   -5.922  -0.628  1.00 9.50  ? 9   G   A N1    1 
ATOM   188 C  C2    . G   A 1 9  ? 6.159   -6.456  0.615   1.00 9.81  ? 9   G   A C2    1 
ATOM   189 N  N2    . G   A 1 9  ? 5.249   -7.334  1.064   1.00 10.32 ? 9   G   A N2    1 
ATOM   190 N  N3    . G   A 1 9  ? 7.208   -6.141  1.357   1.00 9.40  ? 9   G   A N3    1 
ATOM   191 C  C4    . G   A 1 9  ? 8.017   -5.253  0.746   1.00 9.65  ? 9   G   A C4    1 
HETATM 192 P  P     . 5BU A 1 10 ? 12.865  -8.622  2.034   1.00 10.80 ? 10  5BU A P     1 
HETATM 193 O  OP1   . 5BU A 1 10 ? 13.895  -9.389  2.820   1.00 12.27 ? 10  5BU A OP1   1 
HETATM 194 O  OP2   . 5BU A 1 10 ? 13.108  -8.289  0.589   1.00 11.57 ? 10  5BU A OP2   1 
HETATM 195 O  "O5'" . 5BU A 1 10 ? 11.494  -9.413  2.035   1.00 9.90  ? 10  5BU A "O5'" 1 
HETATM 196 C  "C5'" . 5BU A 1 10 ? 11.001  -10.020 3.217   1.00 10.46 ? 10  5BU A "C5'" 1 
HETATM 197 C  "C4'" . 5BU A 1 10 ? 9.693   -10.709 2.949   1.00 10.52 ? 10  5BU A "C4'" 1 
HETATM 198 O  "O4'" . 5BU A 1 10 ? 8.689   -9.735  2.572   1.00 10.55 ? 10  5BU A "O4'" 1 
HETATM 199 C  "C3'" . 5BU A 1 10 ? 9.690   -11.679 1.782   1.00 10.52 ? 10  5BU A "C3'" 1 
HETATM 200 O  "O3'" . 5BU A 1 10 ? 10.270  -12.919 2.106   1.00 10.35 ? 10  5BU A "O3'" 1 
HETATM 201 C  "C2'" . 5BU A 1 10 ? 8.215   -11.768 1.456   1.00 11.22 ? 10  5BU A "C2'" 1 
HETATM 202 O  "O2'" . 5BU A 1 10 ? 7.537   -12.503 2.469   1.00 12.26 ? 10  5BU A "O2'" 1 
HETATM 203 C  "C1'" . 5BU A 1 10 ? 7.823   -10.306 1.605   1.00 11.13 ? 10  5BU A "C1'" 1 
HETATM 204 N  N1    . 5BU A 1 10 ? 7.951   -9.543  0.341   1.00 10.67 ? 10  5BU A N1    1 
HETATM 205 C  C2    . 5BU A 1 10 ? 6.871   -9.623  -0.556  1.00 10.79 ? 10  5BU A C2    1 
HETATM 206 O  O2    . 5BU A 1 10 ? 5.883   -10.333 -0.343  1.00 11.82 ? 10  5BU A O2    1 
HETATM 207 N  N3    . 5BU A 1 10 ? 6.940   -8.872  -1.734  1.00 10.69 ? 10  5BU A N3    1 
HETATM 208 C  C4    . 5BU A 1 10 ? 8.050   -8.045  -2.049  1.00 10.24 ? 10  5BU A C4    1 
HETATM 209 O  O4    . 5BU A 1 10 ? 7.998   -7.411  -3.098  1.00 11.01 ? 10  5BU A O4    1 
HETATM 210 C  C5    . 5BU A 1 10 ? 9.090   -8.032  -1.073  1.00 11.74 ? 10  5BU A C5    1 
HETATM 211 C  C6    . 5BU A 1 10 ? 9.066   -8.742  0.083   1.00 11.05 ? 10  5BU A C6    1 
HETATM 212 BR BR    . 5BU A 1 10 ? 10.596  -6.966  -1.447  1.00 17.01 ? 10  5BU A BR    1 
ATOM   213 P  P     . C   A 1 11 ? 10.934  -13.830 0.968   1.00 10.74 ? 11  C   A P     1 
ATOM   214 O  OP1   . C   A 1 11 ? 11.565  -14.969 1.687   1.00 11.54 ? 11  C   A OP1   1 
ATOM   215 O  OP2   . C   A 1 11 ? 11.743  -12.990 0.051   1.00 11.81 ? 11  C   A OP2   1 
ATOM   216 O  "O5'" . C   A 1 11 ? 9.699   -14.341 0.107   1.00 10.26 ? 11  C   A "O5'" 1 
ATOM   217 C  "C5'" . C   A 1 11 ? 8.779   -15.284 0.637   1.00 10.71 ? 11  C   A "C5'" 1 
ATOM   218 C  "C4'" . C   A 1 11 ? 7.613   -15.442 -0.292  1.00 10.47 ? 11  C   A "C4'" 1 
ATOM   219 O  "O4'" . C   A 1 11 ? 6.914   -14.171 -0.441  1.00 11.37 ? 11  C   A "O4'" 1 
ATOM   220 C  "C3'" . C   A 1 11 ? 7.965   -15.803 -1.717  1.00 10.17 ? 11  C   A "C3'" 1 
ATOM   221 O  "O3'" . C   A 1 11 ? 8.340   -17.149 -1.888  1.00 9.96  ? 11  C   A "O3'" 1 
ATOM   222 C  "C2'" . C   A 1 11 ? 6.703   -15.401 -2.453  1.00 10.83 ? 11  C   A "C2'" 1 
ATOM   223 O  "O2'" . C   A 1 11 ? 5.649   -16.308 -2.159  1.00 12.84 ? 11  C   A "O2'" 1 
ATOM   224 C  "C1'" . C   A 1 11 ? 6.407   -14.070 -1.762  1.00 11.06 ? 11  C   A "C1'" 1 
ATOM   225 N  N1    . C   A 1 11 ? 7.100   -12.968 -2.472  1.00 10.78 ? 11  C   A N1    1 
ATOM   226 C  C2    . C   A 1 11 ? 6.482   -12.469 -3.616  1.00 10.76 ? 11  C   A C2    1 
ATOM   227 O  O2    . C   A 1 11 ? 5.383   -12.942 -3.941  1.00 11.41 ? 11  C   A O2    1 
ATOM   228 N  N3    . C   A 1 11 ? 7.080   -11.480 -4.318  1.00 10.35 ? 11  C   A N3    1 
ATOM   229 C  C4    . C   A 1 11 ? 8.267   -11.000 -3.924  1.00 10.37 ? 11  C   A C4    1 
ATOM   230 N  N4    . C   A 1 11 ? 8.825   -10.017 -4.639  1.00 11.11 ? 11  C   A N4    1 
ATOM   231 C  C5    . C   A 1 11 ? 8.933   -11.500 -2.766  1.00 10.36 ? 11  C   A C5    1 
ATOM   232 C  C6    . C   A 1 11 ? 8.320   -12.483 -2.088  1.00 10.00 ? 11  C   A C6    1 
ATOM   233 P  P     . C   A 1 12 ? 9.348   -17.537 -3.077  1.00 10.94 ? 12  C   A P     1 
ATOM   234 O  OP1   . C   A 1 12 ? 9.661   -18.980 -2.915  1.00 12.26 ? 12  C   A OP1   1 
ATOM   235 O  OP2   . C   A 1 12 ? 10.429  -16.525 -3.145  1.00 11.73 ? 12  C   A OP2   1 
ATOM   236 O  "O5'" . C   A 1 12 ? 8.495   -17.343 -4.409  1.00 11.49 ? 12  C   A "O5'" 1 
ATOM   237 C  "C5'" . C   A 1 12 ? 7.293   -18.064 -4.631  1.00 11.94 ? 12  C   A "C5'" 1 
ATOM   238 C  "C4'" . C   A 1 12 ? 6.545   -17.517 -5.824  1.00 12.03 ? 12  C   A "C4'" 1 
ATOM   239 O  "O4'" . C   A 1 12 ? 6.269   -16.104 -5.634  1.00 11.27 ? 12  C   A "O4'" 1 
ATOM   240 C  "C3'" . C   A 1 12 ? 7.278   -17.562 -7.156  1.00 12.82 ? 12  C   A "C3'" 1 
ATOM   241 O  "O3'" . C   A 1 12 ? 7.267   -18.837 -7.766  1.00 14.48 ? 12  C   A "O3'" 1 
ATOM   242 C  "C2'" . C   A 1 12 ? 6.542   -16.500 -7.959  1.00 12.40 ? 12  C   A "C2'" 1 
ATOM   243 O  "O2'" . C   A 1 12 ? 5.281   -16.992 -8.394  1.00 14.24 ? 12  C   A "O2'" 1 
ATOM   244 C  "C1'" . C   A 1 12 ? 6.301   -15.439 -6.884  1.00 11.20 ? 12  C   A "C1'" 1 
ATOM   245 N  N1    . C   A 1 12 ? 7.389   -14.433 -6.878  1.00 9.84  ? 12  C   A N1    1 
ATOM   246 C  C2    . C   A 1 12 ? 7.350   -13.436 -7.853  1.00 9.31  ? 12  C   A C2    1 
ATOM   247 O  O2    . C   A 1 12 ? 6.407   -13.428 -8.658  1.00 9.77  ? 12  C   A O2    1 
ATOM   248 N  N3    . C   A 1 12 ? 8.337   -12.513 -7.893  1.00 9.31  ? 12  C   A N3    1 
ATOM   249 C  C4    . C   A 1 12 ? 9.331   -12.560 -7.000  1.00 9.69  ? 12  C   A C4    1 
ATOM   250 N  N4    . C   A 1 12 ? 10.283  -11.630 -7.083  1.00 10.24 ? 12  C   A N4    1 
ATOM   251 C  C5    . C   A 1 12 ? 9.415   -13.580 -6.006  1.00 9.71  ? 12  C   A C5    1 
ATOM   252 C  C6    . C   A 1 12 ? 8.425   -14.486 -5.986  1.00 9.42  ? 12  C   A C6    1 
ATOM   253 O  "O5'" . G   B 1 1  ? 8.340   -4.162  -13.404 1.00 18.36 ? 13  G   B "O5'" 1 
ATOM   254 C  "C5'" . G   B 1 1  ? 7.710   -4.208  -14.676 1.00 16.17 ? 13  G   B "C5'" 1 
ATOM   255 C  "C4'" . G   B 1 1  ? 7.022   -5.530  -14.911 1.00 14.30 ? 13  G   B "C4'" 1 
ATOM   256 O  "O4'" . G   B 1 1  ? 8.000   -6.599  -14.900 1.00 13.45 ? 13  G   B "O4'" 1 
ATOM   257 C  "C3'" . G   B 1 1  ? 5.996   -5.942  -13.859 1.00 13.50 ? 13  G   B "C3'" 1 
ATOM   258 O  "O3'" . G   B 1 1  ? 4.731   -5.358  -14.091 1.00 14.62 ? 13  G   B "O3'" 1 
ATOM   259 C  "C2'" . G   B 1 1  ? 5.994   -7.457  -13.974 1.00 13.03 ? 13  G   B "C2'" 1 
ATOM   260 O  "O2'" . G   B 1 1  ? 5.247   -7.863  -15.117 1.00 13.57 ? 13  G   B "O2'" 1 
ATOM   261 C  "C1'" . G   B 1 1  ? 7.472   -7.726  -14.235 1.00 12.21 ? 13  G   B "C1'" 1 
ATOM   262 N  N9    . G   B 1 1  ? 8.235   -7.897  -12.985 1.00 11.33 ? 13  G   B N9    1 
ATOM   263 C  C8    . G   B 1 1  ? 9.269   -7.111  -12.543 1.00 11.16 ? 13  G   B C8    1 
ATOM   264 N  N7    . G   B 1 1  ? 9.783   -7.504  -11.408 1.00 11.73 ? 13  G   B N7    1 
ATOM   265 C  C5    . G   B 1 1  ? 9.054   -8.640  -11.084 1.00 10.54 ? 13  G   B C5    1 
ATOM   266 C  C6    . G   B 1 1  ? 9.154   -9.509  -9.967  1.00 10.42 ? 13  G   B C6    1 
ATOM   267 O  O6    . G   B 1 1  ? 9.935   -9.456  -9.010  1.00 10.61 ? 13  G   B O6    1 
ATOM   268 N  N1    . G   B 1 1  ? 8.217   -10.538 -10.035 1.00 9.89  ? 13  G   B N1    1 
ATOM   269 C  C2    . G   B 1 1  ? 7.305   -10.694 -11.054 1.00 9.54  ? 13  G   B C2    1 
ATOM   270 N  N2    . G   B 1 1  ? 6.488   -11.746 -10.951 1.00 10.19 ? 13  G   B N2    1 
ATOM   271 N  N3    . G   B 1 1  ? 7.203   -9.896  -12.102 1.00 9.81  ? 13  G   B N3    1 
ATOM   272 C  C4    . G   B 1 1  ? 8.100   -8.898  -12.052 1.00 10.05 ? 13  G   B C4    1 
ATOM   273 P  P     . G   B 1 2  ? 3.780   -4.973  -12.861 1.00 15.79 ? 14  G   B P     1 
ATOM   274 O  OP1   . G   B 1 2  ? 2.647   -4.183  -13.410 1.00 17.47 ? 14  G   B OP1   1 
ATOM   275 O  OP2   . G   B 1 2  ? 4.614   -4.404  -11.772 1.00 17.14 ? 14  G   B OP2   1 
ATOM   276 O  "O5'" . G   B 1 2  ? 3.219   -6.365  -12.352 1.00 14.78 ? 14  G   B "O5'" 1 
ATOM   277 C  "C5'" . G   B 1 2  ? 2.294   -7.103  -13.127 1.00 13.97 ? 14  G   B "C5'" 1 
ATOM   278 C  "C4'" . G   B 1 2  ? 1.865   -8.332  -12.380 1.00 13.75 ? 14  G   B "C4'" 1 
ATOM   279 O  "O4'" . G   B 1 2  ? 3.015   -9.188  -12.166 1.00 13.93 ? 14  G   B "O4'" 1 
ATOM   280 C  "C3'" . G   B 1 2  ? 1.331   -8.086  -10.981 1.00 13.57 ? 14  G   B "C3'" 1 
ATOM   281 O  "O3'" . G   B 1 2  ? -0.018  -7.667  -10.981 1.00 13.37 ? 14  G   B "O3'" 1 
ATOM   282 C  "C2'" . G   B 1 2  ? 1.564   -9.425  -10.306 1.00 14.04 ? 14  G   B "C2'" 1 
ATOM   283 O  "O2'" . G   B 1 2  ? 0.604   -10.369 -10.763 1.00 14.51 ? 14  G   B "O2'" 1 
ATOM   284 C  "C1'" . G   B 1 2  ? 2.918   -9.802  -10.897 1.00 13.30 ? 14  G   B "C1'" 1 
ATOM   285 N  N9    . G   B 1 2  ? 4.053   -9.340  -10.073 1.00 12.32 ? 14  G   B N9    1 
ATOM   286 C  C8    . G   B 1 2  ? 4.902   -8.290  -10.331 1.00 12.46 ? 14  G   B C8    1 
ATOM   287 N  N7    . G   B 1 2  ? 5.840   -8.155  -9.435  1.00 12.32 ? 14  G   B N7    1 
ATOM   288 C  C5    . G   B 1 2  ? 5.607   -9.189  -8.534  1.00 11.31 ? 14  G   B C5    1 
ATOM   289 C  C6    . G   B 1 2  ? 6.297   -9.549  -7.354  1.00 11.24 ? 14  G   B C6    1 
ATOM   290 O  O6    . G   B 1 2  ? 7.297   -9.002  -6.874  1.00 12.10 ? 14  G   B O6    1 
ATOM   291 N  N1    . G   B 1 2  ? 5.720   -10.657 -6.735  1.00 11.65 ? 14  G   B N1    1 
ATOM   292 C  C2    . G   B 1 2  ? 4.613   -11.332 -7.201  1.00 11.09 ? 14  G   B C2    1 
ATOM   293 N  N2    . G   B 1 2  ? 4.187   -12.379 -6.473  1.00 11.78 ? 14  G   B N2    1 
ATOM   294 N  N3    . G   B 1 2  ? 3.965   -10.998 -8.305  1.00 11.80 ? 14  G   B N3    1 
ATOM   295 C  C4    . G   B 1 2  ? 4.508   -9.926  -8.914  1.00 11.31 ? 14  G   B C4    1 
ATOM   296 P  P     . A   B 1 3  ? -0.561  -6.688  -9.831  1.00 14.33 ? 15  A   B P     1 
ATOM   297 O  OP1   . A   B 1 3  ? -1.927  -6.290  -10.261 1.00 15.87 ? 15  A   B OP1   1 
ATOM   298 O  OP2   . A   B 1 3  ? 0.442   -5.632  -9.520  1.00 15.46 ? 15  A   B OP2   1 
ATOM   299 O  "O5'" . A   B 1 3  ? -0.671  -7.612  -8.544  1.00 12.88 ? 15  A   B "O5'" 1 
ATOM   300 C  "C5'" . A   B 1 3  ? -1.577  -8.699  -8.497  1.00 13.09 ? 15  A   B "C5'" 1 
ATOM   301 C  "C4'" . A   B 1 3  ? -1.321  -9.545  -7.281  1.00 13.06 ? 15  A   B "C4'" 1 
ATOM   302 O  "O4'" . A   B 1 3  ? 0.009   -10.122 -7.348  1.00 12.65 ? 15  A   B "O4'" 1 
ATOM   303 C  "C3'" . A   B 1 3  ? -1.320  -8.809  -5.956  1.00 13.14 ? 15  A   B "C3'" 1 
ATOM   304 O  "O3'" . A   B 1 3  ? -2.619  -8.539  -5.474  1.00 12.87 ? 15  A   B "O3'" 1 
ATOM   305 C  "C2'" . A   B 1 3  ? -0.525  -9.754  -5.074  1.00 12.77 ? 15  A   B "C2'" 1 
ATOM   306 O  "O2'" . A   B 1 3  ? -1.316  -10.885 -4.736  1.00 14.03 ? 15  A   B "O2'" 1 
ATOM   307 C  "C1'" . A   B 1 3  ? 0.560   -10.200 -6.049  1.00 12.49 ? 15  A   B "C1'" 1 
ATOM   308 N  N9    . A   B 1 3  ? 1.733   -9.310  -5.992  1.00 11.61 ? 15  A   B N9    1 
ATOM   309 C  C8    . A   B 1 3  ? 2.024   -8.249  -6.811  1.00 11.67 ? 15  A   B C8    1 
ATOM   310 N  N7    . A   B 1 3  ? 3.144   -7.640  -6.502  1.00 11.40 ? 15  A   B N7    1 
ATOM   311 C  C5    . A   B 1 3  ? 3.609   -8.344  -5.403  1.00 11.12 ? 15  A   B C5    1 
ATOM   312 C  C6    . A   B 1 3  ? 4.753   -8.194  -4.604  1.00 10.93 ? 15  A   B C6    1 
ATOM   313 N  N6    . A   B 1 3  ? 5.670   -7.252  -4.810  1.00 11.40 ? 15  A   B N6    1 
ATOM   314 N  N1    . A   B 1 3  ? 4.921   -9.052  -3.572  1.00 10.92 ? 15  A   B N1    1 
ATOM   315 C  C2    . A   B 1 3  ? 4.000   -10.004 -3.377  1.00 12.06 ? 15  A   B C2    1 
ATOM   316 N  N3    . A   B 1 3  ? 2.883   -10.246 -4.060  1.00 11.83 ? 15  A   B N3    1 
ATOM   317 C  C4    . A   B 1 3  ? 2.745   -9.370  -5.071  1.00 11.34 ? 15  A   B C4    1 
ATOM   318 P  P     . C   B 1 4  ? -2.938  -7.173  -4.691  1.00 13.13 ? 16  C   B P     1 
ATOM   319 O  OP1   . C   B 1 4  ? -4.420  -7.134  -4.616  1.00 14.27 ? 16  C   B OP1   1 
ATOM   320 O  OP2   . C   B 1 4  ? -2.167  -6.047  -5.275  1.00 14.09 ? 16  C   B OP2   1 
ATOM   321 O  "O5'" . C   B 1 4  ? -2.336  -7.394  -3.237  1.00 13.37 ? 16  C   B "O5'" 1 
ATOM   322 C  "C5'" . C   B 1 4  ? -2.811  -8.434  -2.399  1.00 14.08 ? 16  C   B "C5'" 1 
ATOM   323 C  "C4'" . C   B 1 4  ? -1.800  -8.761  -1.332  1.00 14.47 ? 16  C   B "C4'" 1 
ATOM   324 O  "O4'" . C   B 1 4  ? -0.533  -9.118  -1.947  1.00 13.49 ? 16  C   B "O4'" 1 
ATOM   325 C  "C3'" . C   B 1 4  ? -1.430  -7.629  -0.388  1.00 14.12 ? 16  C   B "C3'" 1 
ATOM   326 O  "O3'" . C   B 1 4  ? -2.401  -7.417  0.618   1.00 15.02 ? 16  C   B "O3'" 1 
ATOM   327 C  "C2'" . C   B 1 4  ? -0.083  -8.094  0.144   1.00 13.47 ? 16  C   B "C2'" 1 
ATOM   328 O  "O2'" . C   B 1 4  ? -0.255  -9.131  1.098   1.00 14.12 ? 16  C   B "O2'" 1 
ATOM   329 C  "C1'" . C   B 1 4  ? 0.533   -8.698  -1.116  1.00 12.30 ? 16  C   B "C1'" 1 
ATOM   330 N  N1    . C   B 1 4  ? 1.361   -7.696  -1.834  1.00 10.52 ? 16  C   B N1    1 
ATOM   331 C  C2    . C   B 1 4  ? 2.643   -7.440  -1.334  1.00 10.55 ? 16  C   B C2    1 
ATOM   332 O  O2    . C   B 1 4  ? 3.030   -8.060  -0.329  1.00 11.39 ? 16  C   B O2    1 
ATOM   333 N  N3    . C   B 1 4  ? 3.428   -6.521  -1.948  1.00 10.07 ? 16  C   B N3    1 
ATOM   334 C  C4    . C   B 1 4  ? 2.975   -5.872  -3.025  1.00 9.82  ? 16  C   B C4    1 
ATOM   335 N  N4    . C   B 1 4  ? 3.775   -4.985  -3.617  1.00 10.27 ? 16  C   B N4    1 
ATOM   336 C  C5    . C   B 1 4  ? 1.670   -6.108  -3.553  1.00 10.27 ? 16  C   B C5    1 
ATOM   337 C  C6    . C   B 1 4  ? 0.906   -7.022  -2.935  1.00 10.50 ? 16  C   B C6    1 
ATOM   338 P  P     . U   B 1 5  ? -2.647  -5.952  1.233   1.00 17.39 ? 17  U   B P     1 
ATOM   339 O  OP1   . U   B 1 5  ? -3.788  -6.062  2.178   1.00 19.59 ? 17  U   B OP1   1 
ATOM   340 O  OP2   . U   B 1 5  ? -2.699  -4.957  0.131   1.00 19.11 ? 17  U   B OP2   1 
ATOM   341 O  "O5'" . U   B 1 5  ? -1.335  -5.666  2.081   1.00 15.87 ? 17  U   B "O5'" 1 
ATOM   342 C  "C5'" . U   B 1 5  ? -1.011  -6.467  3.204   1.00 15.10 ? 17  U   B "C5'" 1 
ATOM   343 C  "C4'" . U   B 1 5  ? 0.392   -6.181  3.659   1.00 13.84 ? 17  U   B "C4'" 1 
ATOM   344 O  "O4'" . U   B 1 5  ? 1.318   -6.468  2.576   1.00 12.32 ? 17  U   B "O4'" 1 
ATOM   345 C  "C3'" . U   B 1 5  ? 0.684   -4.733  4.014   1.00 13.61 ? 17  U   B "C3'" 1 
ATOM   346 O  "O3'" . U   B 1 5  ? 0.230   -4.388  5.310   1.00 15.11 ? 17  U   B "O3'" 1 
ATOM   347 C  "C2'" . U   B 1 5  ? 2.192   -4.664  3.843   1.00 12.17 ? 17  U   B "C2'" 1 
ATOM   348 O  "O2'" . U   B 1 5  ? 2.843   -5.314  4.927   1.00 13.06 ? 17  U   B "O2'" 1 
ATOM   349 C  "C1'" . U   B 1 5  ? 2.376   -5.533  2.602   1.00 11.05 ? 17  U   B "C1'" 1 
ATOM   350 N  N1    . U   B 1 5  ? 2.361   -4.745  1.342   1.00 10.32 ? 17  U   B N1    1 
ATOM   351 C  C2    . U   B 1 5  ? 3.525   -4.077  1.028   1.00 9.79  ? 17  U   B C2    1 
ATOM   352 O  O2    . U   B 1 5  ? 4.511   -4.107  1.752   1.00 10.50 ? 17  U   B O2    1 
ATOM   353 N  N3    . U   B 1 5  ? 3.502   -3.378  -0.159  1.00 9.63  ? 17  U   B N3    1 
ATOM   354 C  C4    . U   B 1 5  ? 2.436   -3.283  -1.038  1.00 10.12 ? 17  U   B C4    1 
ATOM   355 O  O4    . U   B 1 5  ? 2.548   -2.628  -2.073  1.00 9.83  ? 17  U   B O4    1 
ATOM   356 C  C5    . U   B 1 5  ? 1.267   -4.005  -0.644  1.00 9.94  ? 17  U   B C5    1 
ATOM   357 C  C6    . U   B 1 5  ? 1.266   -4.690  0.506   1.00 10.02 ? 17  U   B C6    1 
ATOM   358 P  P     . C   B 1 6  ? -0.244  -2.888  5.663   1.00 15.32 ? 18  C   B P     1 
ATOM   359 O  OP1   . C   B 1 6  ? -0.940  -2.939  6.972   1.00 16.01 ? 18  C   B OP1   1 
ATOM   360 O  OP2   . C   B 1 6  ? -0.947  -2.280  4.509   1.00 17.59 ? 18  C   B OP2   1 
ATOM   361 O  "O5'" . C   B 1 6  ? 1.121   -2.092  5.825   1.00 13.08 ? 18  C   B "O5'" 1 
ATOM   362 C  "C5'" . C   B 1 6  ? 2.109   -2.468  6.773   1.00 12.80 ? 18  C   B "C5'" 1 
ATOM   363 C  "C4'" . C   B 1 6  ? 3.363   -1.665  6.548   1.00 12.02 ? 18  C   B "C4'" 1 
ATOM   364 O  "O4'" . C   B 1 6  ? 3.927   -2.009  5.259   1.00 10.87 ? 18  C   B "O4'" 1 
ATOM   365 C  "C3'" . C   B 1 6  ? 3.157   -0.163  6.474   1.00 11.65 ? 18  C   B "C3'" 1 
ATOM   366 O  "O3'" . C   B 1 6  ? 3.146   0.418   7.756   1.00 12.15 ? 18  C   B "O3'" 1 
ATOM   367 C  "C2'" . C   B 1 6  ? 4.336   0.301   5.628   1.00 11.40 ? 18  C   B "C2'" 1 
ATOM   368 O  "O2'" . C   B 1 6  ? 5.513   0.361   6.426   1.00 12.00 ? 18  C   B "O2'" 1 
ATOM   369 C  "C1'" . C   B 1 6  ? 4.486   -0.863  4.653   1.00 10.79 ? 18  C   B "C1'" 1 
ATOM   370 N  N1    . C   B 1 6  ? 3.813   -0.652  3.352   1.00 10.79 ? 18  C   B N1    1 
ATOM   371 C  C2    . C   B 1 6  ? 4.510   -0.011  2.325   1.00 10.49 ? 18  C   B C2    1 
ATOM   372 O  O2    . C   B 1 6  ? 5.651   0.407   2.560   1.00 11.01 ? 18  C   B O2    1 
ATOM   373 N  N3    . C   B 1 6  ? 3.923   0.142   1.113   1.00 10.53 ? 18  C   B N3    1 
ATOM   374 C  C4    . C   B 1 6  ? 2.687   -0.328  0.915   1.00 10.87 ? 18  C   B C4    1 
ATOM   375 N  N4    . C   B 1 6  ? 2.131   -0.158  -0.288  1.00 11.88 ? 18  C   B N4    1 
ATOM   376 C  C5    . C   B 1 6  ? 1.951   -0.985  1.944   1.00 11.42 ? 18  C   B C5    1 
ATOM   377 C  C6    . C   B 1 6  ? 2.550   -1.124  3.133   1.00 11.38 ? 18  C   B C6    1 
ATOM   378 P  P     . C   B 1 7  ? 1.897   1.272   8.281   1.00 11.34 ? 19  C   B P     1 
ATOM   379 O  OP1   . C   B 1 7  ? 1.064   0.361   9.108   1.00 12.07 ? 19  C   B OP1   1 
ATOM   380 O  OP2   . C   B 1 7  ? 1.268   1.999   7.158   1.00 12.17 ? 19  C   B OP2   1 
ATOM   381 O  "O5'" . C   B 1 7  ? 2.577   2.346   9.236   1.00 11.61 ? 19  C   B "O5'" 1 
ATOM   382 C  "C5'" . C   B 1 7  ? 3.113   1.972   10.497  1.00 11.45 ? 19  C   B "C5'" 1 
ATOM   383 C  "C4'" . C   B 1 7  ? 4.007   3.062   11.032  1.00 11.48 ? 19  C   B "C4'" 1 
ATOM   384 O  "O4'" . C   B 1 7  ? 5.199   3.160   10.208  1.00 10.90 ? 19  C   B "O4'" 1 
ATOM   385 C  "C3'" . C   B 1 7  ? 3.423   4.467   10.991  1.00 10.86 ? 19  C   B "C3'" 1 
ATOM   386 O  "O3'" . C   B 1 7  ? 2.562   4.766   12.074  1.00 12.04 ? 19  C   B "O3'" 1 
ATOM   387 C  "C2'" . C   B 1 7  ? 4.665   5.338   10.966  1.00 10.14 ? 19  C   B "C2'" 1 
ATOM   388 O  "O2'" . C   B 1 7  ? 5.254   5.391   12.260  1.00 10.73 ? 19  C   B "O2'" 1 
ATOM   389 C  "C1'" . C   B 1 7  ? 5.581   4.512   10.077  1.00 10.37 ? 19  C   B "C1'" 1 
ATOM   390 N  N1    . C   B 1 7  ? 5.525   4.890   8.641   1.00 9.56  ? 19  C   B N1    1 
ATOM   391 C  C2    . C   B 1 7  ? 6.086   6.107   8.252   1.00 10.02 ? 19  C   B C2    1 
ATOM   392 O  O2    . C   B 1 7  ? 6.542   6.850   9.136   1.00 10.64 ? 19  C   B O2    1 
ATOM   393 N  N3    . C   B 1 7  ? 6.093   6.444   6.936   1.00 9.94  ? 19  C   B N3    1 
ATOM   394 C  C4    . C   B 1 7  ? 5.584   5.622   6.014   1.00 10.68 ? 19  C   B C4    1 
ATOM   395 N  N4    . C   B 1 7  ? 5.622   5.997   4.732   1.00 11.43 ? 19  C   B N4    1 
ATOM   396 C  C5    . C   B 1 7  ? 5.018   4.374   6.383   1.00 10.63 ? 19  C   B C5    1 
ATOM   397 C  C6    . C   B 1 7  ? 5.017   4.051   7.681   1.00 10.41 ? 19  C   B C6    1 
ATOM   398 P  P     . G   B 1 8  ? 1.049   5.236   11.797  1.00 12.96 ? 20  G   B P     1 
ATOM   399 O  OP1   . G   B 1 8  ? 0.473   5.644   13.095  1.00 14.49 ? 20  G   B OP1   1 
ATOM   400 O  OP2   . G   B 1 8  ? 0.377   4.183   10.986  1.00 14.12 ? 20  G   B OP2   1 
ATOM   401 O  "O5'" . G   B 1 8  ? 1.145   6.468   10.779  1.00 14.50 ? 20  G   B "O5'" 1 
ATOM   402 C  "C5'" . G   B 1 8  ? 1.781   7.685   11.128  1.00 13.98 ? 20  G   B "C5'" 1 
ATOM   403 C  "C4'" . G   B 1 8  ? 2.342   8.371   9.906   1.00 11.99 ? 20  G   B "C4'" 1 
ATOM   404 O  "O4'" . G   B 1 8  ? 3.008   7.403   9.048   1.00 10.95 ? 20  G   B "O4'" 1 
ATOM   405 C  "C3'" . G   B 1 8  ? 1.359   9.057   8.975   1.00 12.14 ? 20  G   B "C3'" 1 
ATOM   406 O  "O3'" . G   B 1 8  ? 0.943   10.314  9.475   1.00 13.27 ? 20  G   B "O3'" 1 
ATOM   407 C  "C2'" . G   B 1 8  ? 2.166   9.150   7.690   1.00 11.94 ? 20  G   B "C2'" 1 
ATOM   408 O  "O2'" . G   B 1 8  ? 3.144   10.176  7.796   1.00 13.27 ? 20  G   B "O2'" 1 
ATOM   409 C  "C1'" . G   B 1 8  ? 2.876   7.792   7.695   1.00 11.51 ? 20  G   B "C1'" 1 
ATOM   410 N  N9    . G   B 1 8  ? 2.045   6.794   6.995   1.00 11.45 ? 20  G   B N9    1 
ATOM   411 C  C8    . G   B 1 8  ? 1.296   5.786   7.555   1.00 11.31 ? 20  G   B C8    1 
ATOM   412 N  N7    . G   B 1 8  ? 0.620   5.092   6.670   1.00 10.93 ? 20  G   B N7    1 
ATOM   413 C  C5    . G   B 1 8  ? 0.926   5.687   5.458   1.00 10.50 ? 20  G   B C5    1 
ATOM   414 C  C6    . G   B 1 8  ? 0.486   5.384   4.145   1.00 10.61 ? 20  G   B C6    1 
ATOM   415 O  O6    . G   B 1 8  ? -0.295  4.494   3.779   1.00 10.09 ? 20  G   B O6    1 
ATOM   416 N  N1    . G   B 1 8  ? 1.040   6.243   3.206   1.00 11.29 ? 20  G   B N1    1 
ATOM   417 C  C2    . G   B 1 8  ? 1.909   7.266   3.482   1.00 11.30 ? 20  G   B C2    1 
ATOM   418 N  N2    . G   B 1 8  ? 2.335   7.988   2.432   1.00 12.19 ? 20  G   B N2    1 
ATOM   419 N  N3    . G   B 1 8  ? 2.328   7.559   4.703   1.00 10.76 ? 20  G   B N3    1 
ATOM   420 C  C4    . G   B 1 8  ? 1.802   6.736   5.637   1.00 10.91 ? 20  G   B C4    1 
ATOM   421 P  P     . G   B 1 9  ? -0.541  10.877  9.205   1.00 15.23 ? 21  G   B P     1 
ATOM   422 O  OP1   . G   B 1 9  ? -0.652  12.161  9.949   1.00 16.93 ? 21  G   B OP1   1 
ATOM   423 O  OP2   . G   B 1 9  ? -1.528  9.801   9.458   1.00 17.28 ? 21  G   B OP2   1 
ATOM   424 O  "O5'" . G   B 1 9  ? -0.586  11.160  7.641   1.00 14.15 ? 21  G   B "O5'" 1 
ATOM   425 C  "C5'" . G   B 1 9  ? 0.218   12.177  7.069   1.00 13.42 ? 21  G   B "C5'" 1 
ATOM   426 C  "C4'" . G   B 1 9  ? 0.184   12.086  5.570   1.00 12.86 ? 21  G   B "C4'" 1 
ATOM   427 O  "O4'" . G   B 1 9  ? 0.609   10.762  5.158   1.00 12.79 ? 21  G   B "O4'" 1 
ATOM   428 C  "C3'" . G   B 1 9  ? -1.187  12.250  4.940   1.00 12.74 ? 21  G   B "C3'" 1 
ATOM   429 O  "O3'" . G   B 1 9  ? -1.536  13.609  4.795   1.00 13.37 ? 21  G   B "O3'" 1 
ATOM   430 C  "C2'" . G   B 1 9  ? -1.035  11.508  3.622   1.00 12.87 ? 21  G   B "C2'" 1 
ATOM   431 O  "O2'" . G   B 1 9  ? -0.313  12.303  2.692   1.00 14.47 ? 21  G   B "O2'" 1 
ATOM   432 C  "C1'" . G   B 1 9  ? -0.145  10.341  4.045   1.00 12.37 ? 21  G   B "C1'" 1 
ATOM   433 N  N9    . G   B 1 9  ? -0.915  9.137   4.427   1.00 11.79 ? 21  G   B N9    1 
ATOM   434 C  C8    . G   B 1 9  ? -0.976  8.537   5.660   1.00 12.00 ? 21  G   B C8    1 
ATOM   435 N  N7    . G   B 1 9  ? -1.730  7.468   5.682   1.00 11.00 ? 21  G   B N7    1 
ATOM   436 C  C5    . G   B 1 9  ? -2.189  7.345   4.373   1.00 11.10 ? 21  G   B C5    1 
ATOM   437 C  C6    . G   B 1 9  ? -3.035  6.378   3.761   1.00 11.07 ? 21  G   B C6    1 
ATOM   438 O  O6    . G   B 1 9  ? -3.580  5.394   4.273   1.00 11.66 ? 21  G   B O6    1 
ATOM   439 N  N1    . G   B 1 9  ? -3.234  6.649   2.409   1.00 11.00 ? 21  G   B N1    1 
ATOM   440 C  C2    . G   B 1 9  ? -2.681  7.716   1.736   1.00 11.41 ? 21  G   B C2    1 
ATOM   441 N  N2    . G   B 1 9  ? -2.979  7.838   0.438   1.00 10.81 ? 21  G   B N2    1 
ATOM   442 N  N3    . G   B 1 9  ? -1.883  8.610   2.291   1.00 11.37 ? 21  G   B N3    1 
ATOM   443 C  C4    . G   B 1 9  ? -1.684  8.361   3.596   1.00 11.68 ? 21  G   B C4    1 
HETATM 444 P  P     . 5BU B 1 10 ? -3.073  14.070  4.793   1.00 14.69 ? 22  5BU B P     1 
HETATM 445 O  OP1   . 5BU B 1 10 ? -3.060  15.575  4.717   1.00 16.22 ? 22  5BU B OP1   1 
HETATM 446 O  OP2   . 5BU B 1 10 ? -3.787  13.417  5.936   1.00 15.85 ? 22  5BU B OP2   1 
HETATM 447 O  "O5'" . 5BU B 1 10 ? -3.684  13.471  3.450   1.00 14.01 ? 22  5BU B "O5'" 1 
HETATM 448 C  "C5'" . 5BU B 1 10 ? -3.343  14.007  2.183   1.00 13.91 ? 22  5BU B "C5'" 1 
HETATM 449 C  "C4'" . 5BU B 1 10 ? -4.125  13.316  1.099   1.00 13.13 ? 22  5BU B "C4'" 1 
HETATM 450 O  "O4'" . 5BU B 1 10 ? -3.750  11.919  1.041   1.00 12.83 ? 22  5BU B "O4'" 1 
HETATM 451 C  "C3'" . 5BU B 1 10 ? -5.630  13.272  1.288   1.00 12.94 ? 22  5BU B "C3'" 1 
HETATM 452 O  "O3'" . 5BU B 1 10 ? -6.259  14.484  0.939   1.00 13.81 ? 22  5BU B "O3'" 1 
HETATM 453 C  "C2'" . 5BU B 1 10 ? -6.018  12.109  0.397   1.00 12.55 ? 22  5BU B "C2'" 1 
HETATM 454 O  "O2'" . 5BU B 1 10 ? -5.920  12.494  -0.968  1.00 13.14 ? 22  5BU B "O2'" 1 
HETATM 455 C  "C1'" . 5BU B 1 10 ? -4.878  11.143  0.693   1.00 12.20 ? 22  5BU B "C1'" 1 
HETATM 456 N  N1    . 5BU B 1 10 ? -5.174  10.224  1.814   1.00 11.73 ? 22  5BU B N1    1 
HETATM 457 C  C2    . 5BU B 1 10 ? -5.924  9.088   1.496   1.00 11.24 ? 22  5BU B C2    1 
HETATM 458 O  O2    . 5BU B 1 10 ? -6.367  8.897   0.356   1.00 11.62 ? 22  5BU B O2    1 
HETATM 459 N  N3    . 5BU B 1 10 ? -6.202  8.184   2.517   1.00 11.50 ? 22  5BU B N3    1 
HETATM 460 C  C4    . 5BU B 1 10 ? -5.750  8.356   3.852   1.00 11.42 ? 22  5BU B C4    1 
HETATM 461 O  O4    . 5BU B 1 10 ? -6.037  7.487   4.665   1.00 11.61 ? 22  5BU B O4    1 
HETATM 462 C  C5    . 5BU B 1 10 ? -4.986  9.540   4.071   1.00 12.97 ? 22  5BU B C5    1 
HETATM 463 C  C6    . 5BU B 1 10 ? -4.693  10.450  3.106   1.00 11.97 ? 22  5BU B C6    1 
HETATM 464 BR BR    . 5BU B 1 10 ? -4.374  9.839   5.828   1.00 17.20 ? 22  5BU B BR    1 
ATOM   465 P  P     . C   B 1 11 ? -7.662  14.894  1.607   1.00 14.52 ? 23  C   B P     1 
ATOM   466 O  OP1   . C   B 1 11 ? -7.939  16.292  1.187   1.00 15.66 ? 23  C   B OP1   1 
ATOM   467 O  OP2   . C   B 1 11 ? -7.654  14.554  3.048   1.00 15.55 ? 23  C   B OP2   1 
ATOM   468 O  "O5'" . C   B 1 11 ? -8.725  13.939  0.914   1.00 12.81 ? 23  C   B "O5'" 1 
ATOM   469 C  "C5'" . C   B 1 11 ? -8.956  14.008  -0.483  1.00 12.33 ? 23  C   B "C5'" 1 
ATOM   470 C  "C4'" . C   B 1 11 ? -9.859  12.893  -0.926  1.00 11.63 ? 23  C   B "C4'" 1 
ATOM   471 O  "O4'" . C   B 1 11 ? -9.218  11.611  -0.708  1.00 11.36 ? 23  C   B "O4'" 1 
ATOM   472 C  "C3'" . C   B 1 11 ? -11.170 12.756  -0.176  1.00 11.12 ? 23  C   B "C3'" 1 
ATOM   473 O  "O3'" . C   B 1 11 ? -12.127 13.728  -0.549  1.00 11.09 ? 23  C   B "O3'" 1 
ATOM   474 C  "C2'" . C   B 1 11 ? -11.566 11.332  -0.517  1.00 11.12 ? 23  C   B "C2'" 1 
ATOM   475 O  "O2'" . C   B 1 11 ? -11.995 11.261  -1.869  1.00 11.76 ? 23  C   B "O2'" 1 
ATOM   476 C  "C1'" . C   B 1 11 ? -10.204 10.640  -0.429  1.00 11.28 ? 23  C   B "C1'" 1 
ATOM   477 N  N1    . C   B 1 11 ? -9.938  10.062  0.904   1.00 10.68 ? 23  C   B N1    1 
ATOM   478 C  C2    . C   B 1 11 ? -10.546 8.839   1.172   1.00 10.50 ? 23  C   B C2    1 
ATOM   479 O  O2    . C   B 1 11 ? -11.286 8.334   0.315   1.00 11.04 ? 23  C   B O2    1 
ATOM   480 N  N3    . C   B 1 11 ? -10.330 8.233   2.358   1.00 10.42 ? 23  C   B N3    1 
ATOM   481 C  C4    . C   B 1 11 ? -9.534  8.809   3.262   1.00 10.69 ? 23  C   B C4    1 
ATOM   482 N  N4    . C   B 1 11 ? -9.334  8.162   4.415   1.00 10.87 ? 23  C   B N4    1 
ATOM   483 C  C5    . C   B 1 11 ? -8.889  10.058  3.012   1.00 11.80 ? 23  C   B C5    1 
ATOM   484 C  C6    . C   B 1 11 ? -9.113  10.647  1.827   1.00 11.68 ? 23  C   B C6    1 
ATOM   485 P  P     . C   B 1 12 ? -13.248 14.198  0.496   1.00 11.89 ? 24  C   B P     1 
ATOM   486 O  OP1   . C   B 1 12 ? -13.983 15.319  -0.153  1.00 12.96 ? 24  C   B OP1   1 
ATOM   487 O  OP2   . C   B 1 12 ? -12.630 14.392  1.826   1.00 12.74 ? 24  C   B OP2   1 
ATOM   488 O  "O5'" . C   B 1 12 ? -14.220 12.950  0.634   1.00 11.48 ? 24  C   B "O5'" 1 
ATOM   489 C  "C5'" . C   B 1 12 ? -14.972 12.490  -0.477  1.00 12.18 ? 24  C   B "C5'" 1 
ATOM   490 C  "C4'" . C   B 1 12 ? -15.662 11.189  -0.156  1.00 11.44 ? 24  C   B "C4'" 1 
ATOM   491 O  "O4'" . C   B 1 12 ? -14.674 10.166  0.144   1.00 10.98 ? 24  C   B "O4'" 1 
ATOM   492 C  "C3'" . C   B 1 12 ? -16.561 11.194  1.071   1.00 12.20 ? 24  C   B "C3'" 1 
ATOM   493 O  "O3'" . C   B 1 12 ? -17.832 11.770  0.831   1.00 14.39 ? 24  C   B "O3'" 1 
ATOM   494 C  "C2'" . C   B 1 12 ? -16.619 9.719   1.435   1.00 12.18 ? 24  C   B "C2'" 1 
ATOM   495 O  "O2'" . C   B 1 12 ? -17.502 9.030   0.559   1.00 13.23 ? 24  C   B "O2'" 1 
ATOM   496 C  "C1'" . C   B 1 12 ? -15.187 9.281   1.123   1.00 11.18 ? 24  C   B "C1'" 1 
ATOM   497 N  N1    . C   B 1 12 ? -14.323 9.343   2.327   1.00 10.34 ? 24  C   B N1    1 
ATOM   498 C  C2    . C   B 1 12 ? -14.340 8.252   3.195   1.00 9.92  ? 24  C   B C2    1 
ATOM   499 O  O2    . C   B 1 12 ? -15.078 7.291   2.932   1.00 10.67 ? 24  C   B O2    1 
ATOM   500 N  N3    . C   B 1 12 ? -13.565 8.273   4.302   1.00 10.23 ? 24  C   B N3    1 
ATOM   501 C  C4    . C   B 1 12 ? -12.796 9.332   4.558   1.00 10.57 ? 24  C   B C4    1 
ATOM   502 N  N4    . C   B 1 12 ? -12.056 9.294   5.668   1.00 10.86 ? 24  C   B N4    1 
ATOM   503 C  C5    . C   B 1 12 ? -12.756 10.463  3.692   1.00 10.79 ? 24  C   B C5    1 
ATOM   504 C  C6    . C   B 1 12 ? -13.528 10.425  2.597   1.00 10.30 ? 24  C   B C6    1 
HETATM 505 C  C4    . SPM C 2 .  ? -9.001  1.225   -9.039  1.00 18.30 ? 401 SPM A C4    1 
HETATM 506 N  N5    . SPM C 2 .  ? -7.597  1.502   -9.337  1.00 33.70 ? 401 SPM A N5    1 
HETATM 507 C  C6    . SPM C 2 .  ? -7.464  2.918   -9.682  1.00 22.42 ? 401 SPM A C6    1 
HETATM 508 C  C7    . SPM C 2 .  ? -7.168  3.700   -8.420  1.00 16.28 ? 401 SPM A C7    1 
HETATM 509 C  C8    . SPM C 2 .  ? -6.633  5.026   -8.915  1.00 13.97 ? 401 SPM A C8    1 
HETATM 510 C  C9    . SPM C 2 .  ? -6.412  5.919   -7.707  1.00 17.79 ? 401 SPM A C9    1 
HETATM 511 N  N10   . SPM C 2 .  ? -6.065  7.264   -8.210  1.00 19.37 ? 401 SPM A N10   1 
HETATM 512 C  C11   . SPM C 2 .  ? -5.757  8.144   -7.068  1.00 19.96 ? 401 SPM A C11   1 
HETATM 513 C  C12   . SPM C 2 .  ? -5.327  9.488   -7.634  1.00 24.27 ? 401 SPM A C12   1 
HETATM 514 C  C13   . SPM C 2 .  ? -4.687  10.280  -6.506  1.00 21.85 ? 401 SPM A C13   1 
HETATM 515 N  N14   . SPM C 2 .  ? -4.337  11.595  -7.014  1.00 41.39 ? 401 SPM A N14   1 
HETATM 516 NA NA    . NA  D 3 .  ? 6.260   -0.125  -2.261  1.00 10.53 ? 402 NA  A NA    1 
HETATM 517 O  O     . HOH E 4 .  ? -2.987  0.289   -2.965  1.00 39.19 ? 501 HOH A O     1 
HETATM 518 O  O     . HOH E 4 .  ? -3.411  4.666   -8.636  1.00 40.12 ? 502 HOH A O     1 
HETATM 519 O  O     . HOH E 4 .  ? -10.641 0.037   8.581   1.00 35.05 ? 503 HOH A O     1 
HETATM 520 O  O     . HOH E 4 .  ? 16.011  0.142   -2.692  1.00 64.90 ? 504 HOH A O     1 
HETATM 521 O  O     . HOH E 4 .  ? 14.413  6.266   -1.815  1.00 13.30 ? 505 HOH A O     1 
HETATM 522 O  O     . HOH E 4 .  ? 5.367   -20.370 -8.530  1.00 47.58 ? 506 HOH A O     1 
HETATM 523 O  O     . HOH E 4 .  ? -11.543 1.870   12.540  1.00 27.03 ? 507 HOH A O     1 
HETATM 524 O  O     . HOH E 4 .  ? -17.845 -1.648  8.854   1.00 25.99 ? 508 HOH A O     1 
HETATM 525 O  O     . HOH E 4 .  ? 1.848   8.207   -4.774  1.00 30.40 ? 509 HOH A O     1 
HETATM 526 O  O     . HOH E 4 .  ? 6.858   5.949   -6.239  1.00 35.94 ? 510 HOH A O     1 
HETATM 527 O  O     . HOH E 4 .  ? 3.690   -11.206 0.843   1.00 21.59 ? 511 HOH A O     1 
HETATM 528 O  O     . HOH E 4 .  ? 4.978   -13.129 2.169   1.00 22.24 ? 512 HOH A O     1 
HETATM 529 O  O     . HOH E 4 .  ? 14.290  -10.124 5.336   1.00 14.09 ? 513 HOH A O     1 
HETATM 530 O  O     . HOH E 4 .  ? -7.430  -0.786  -6.575  1.00 15.64 ? 514 HOH A O     1 
HETATM 531 O  O     . HOH E 4 .  ? 9.639   -2.635  -3.074  1.00 17.42 ? 515 HOH A O     1 
HETATM 532 O  O     . HOH E 4 .  ? -10.882 5.141   -3.738  1.00 15.44 ? 516 HOH A O     1 
HETATM 533 O  O     . HOH E 4 .  ? 17.512  -4.945  1.630   1.00 46.72 ? 517 HOH A O     1 
HETATM 534 O  O     . HOH E 4 .  ? 8.378   -21.360 -3.157  1.00 19.63 ? 518 HOH A O     1 
HETATM 535 O  O     . HOH E 4 .  ? 3.629   -15.017 -4.044  1.00 25.98 ? 519 HOH A O     1 
HETATM 536 O  O     . HOH E 4 .  ? 14.934  -1.214  4.370   1.00 17.93 ? 520 HOH A O     1 
HETATM 537 O  O     . HOH E 4 .  ? 9.421   -0.106  -4.108  1.00 13.93 ? 521 HOH A O     1 
HETATM 538 O  O     . HOH E 4 .  ? 11.985  -14.297 -2.342  1.00 18.55 ? 522 HOH A O     1 
HETATM 539 O  O     . HOH E 4 .  ? -10.669 5.709   10.924  1.00 26.64 ? 523 HOH A O     1 
HETATM 540 O  O     . HOH E 4 .  ? 11.740  -2.081  -2.750  1.00 35.47 ? 524 HOH A O     1 
HETATM 541 O  O     . HOH E 4 .  ? -0.334  2.195   -7.282  1.00 38.77 ? 525 HOH A O     1 
HETATM 542 O  O     . HOH E 4 .  ? 12.011  -16.524 -5.399  1.00 22.01 ? 526 HOH A O     1 
HETATM 543 O  O     . HOH E 4 .  ? 9.244   7.120   4.615   1.00 17.67 ? 527 HOH A O     1 
HETATM 544 O  O     . HOH E 4 .  ? 2.894   0.670   -5.187  1.00 18.53 ? 528 HOH A O     1 
HETATM 545 O  O     . HOH E 4 .  ? -4.549  -0.683  -1.166  1.00 24.65 ? 529 HOH A O     1 
HETATM 546 O  O     . HOH E 4 .  ? 7.282   -6.913  4.040   1.00 11.91 ? 530 HOH A O     1 
HETATM 547 O  O     . HOH E 4 .  ? -10.331 2.435   7.156   1.00 23.37 ? 531 HOH A O     1 
HETATM 548 O  O     . HOH E 4 .  ? -5.207  8.194   -2.720  1.00 19.88 ? 532 HOH A O     1 
HETATM 549 O  O     . HOH E 4 .  ? 9.769   -20.016 -7.347  1.00 30.14 ? 533 HOH A O     1 
HETATM 550 O  O     . HOH E 4 .  ? -10.748 -0.516  4.142   1.00 19.56 ? 534 HOH A O     1 
HETATM 551 O  O     . HOH E 4 .  ? 5.653   0.882   -6.131  1.00 20.96 ? 535 HOH A O     1 
HETATM 552 O  O     . HOH E 4 .  ? -12.908 -6.152  1.605   1.00 16.02 ? 536 HOH A O     1 
HETATM 553 O  O     . HOH E 4 .  ? 6.882   -2.044  -3.547  1.00 11.84 ? 537 HOH A O     1 
HETATM 554 O  O     . HOH E 4 .  ? 10.452  8.331   1.654   1.00 18.16 ? 538 HOH A O     1 
HETATM 555 O  O     . HOH E 4 .  ? -9.333  5.317   7.253   1.00 26.31 ? 539 HOH A O     1 
HETATM 556 O  O     . HOH E 4 .  ? 9.109   -5.329  -4.660  1.00 31.91 ? 540 HOH A O     1 
HETATM 557 O  O     . HOH E 4 .  ? -9.660  -3.976  2.410   1.00 34.16 ? 541 HOH A O     1 
HETATM 558 O  O     . HOH E 4 .  ? -0.792  0.745   3.994   1.00 13.69 ? 542 HOH A O     1 
HETATM 559 O  O     . HOH E 4 .  ? -3.545  -0.556  1.444   1.00 22.16 ? 543 HOH A O     1 
HETATM 560 O  O     . HOH E 4 .  ? -8.180  1.972   5.482   1.00 24.44 ? 544 HOH A O     1 
HETATM 561 O  O     . HOH E 4 .  ? 2.500   7.301   -0.396  1.00 19.13 ? 545 HOH A O     1 
HETATM 562 O  O     . HOH E 4 .  ? 12.150  -10.404 -1.133  1.00 14.16 ? 546 HOH A O     1 
HETATM 563 O  O     . HOH E 4 .  ? 4.241   -16.701 0.347   1.00 33.87 ? 547 HOH A O     1 
HETATM 564 O  O     . HOH E 4 .  ? 6.266   6.847   1.118   1.00 22.23 ? 548 HOH A O     1 
HETATM 565 O  O     . HOH E 4 .  ? 8.745   2.834   -7.054  1.00 22.19 ? 549 HOH A O     1 
HETATM 566 O  O     . HOH E 4 .  ? -7.051  -3.824  -3.422  1.00 31.28 ? 550 HOH A O     1 
HETATM 567 O  O     . HOH E 4 .  ? -5.821  0.485   3.238   1.00 21.34 ? 551 HOH A O     1 
HETATM 568 O  O     . HOH E 4 .  ? 11.575  -9.558  -3.735  1.00 18.53 ? 552 HOH A O     1 
HETATM 569 O  O     . HOH E 4 .  ? 16.166  -2.570  -2.495  1.00 24.46 ? 553 HOH A O     1 
HETATM 570 O  O     . HOH E 4 .  ? -12.245 -4.504  4.303   1.00 26.39 ? 554 HOH A O     1 
HETATM 571 O  O     . HOH E 4 .  ? 2.693   -16.223 -9.591  1.00 37.43 ? 555 HOH A O     1 
HETATM 572 O  O     . HOH E 4 .  ? -14.615 6.906   -1.426  1.00 19.17 ? 556 HOH A O     1 
HETATM 573 O  O     . HOH E 4 .  ? -7.745  -0.534  1.468   1.00 24.68 ? 557 HOH A O     1 
HETATM 574 O  O     . HOH E 4 .  ? 16.420  -6.003  -0.132  1.00 45.45 ? 558 HOH A O     1 
HETATM 575 O  O     . HOH E 4 .  ? -0.697  9.455   -3.749  1.00 30.84 ? 559 HOH A O     1 
HETATM 576 O  O     . HOH E 4 .  ? 13.608  -5.785  -1.756  1.00 45.15 ? 560 HOH A O     1 
HETATM 577 O  O     . HOH E 4 .  ? 2.885   -16.533 -6.595  1.00 31.79 ? 561 HOH A O     1 
HETATM 578 O  O     . HOH E 4 .  ? 4.152   -18.871 -10.490 1.00 34.44 ? 562 HOH A O     1 
HETATM 579 O  O     . HOH E 4 .  ? -9.438  7.751   8.785   1.00 41.22 ? 563 HOH A O     1 
HETATM 580 O  O     . HOH E 4 .  ? 0.886   2.328   -2.033  1.00 14.44 ? 564 HOH A O     1 
HETATM 581 O  O     . HOH E 4 .  ? 12.254  -12.253 -4.687  1.00 21.23 ? 565 HOH A O     1 
HETATM 582 O  O     . HOH E 4 .  ? 5.411   -9.004  3.838   1.00 12.94 ? 566 HOH A O     1 
HETATM 583 O  O     . HOH E 4 .  ? 8.313   8.109   -0.338  1.00 27.34 ? 567 HOH A O     1 
HETATM 584 O  O     . HOH E 4 .  ? -3.037  8.836   -4.273  1.00 35.47 ? 568 HOH A O     1 
HETATM 585 O  O     . HOH E 4 .  ? -11.103 8.742   9.927   1.00 52.86 ? 569 HOH A O     1 
HETATM 586 O  O     . HOH E 4 .  ? -4.960  -0.158  -7.290  1.00 45.57 ? 570 HOH A O     1 
HETATM 587 O  O     . HOH E 4 .  ? -5.054  -3.237  -4.435  1.00 44.47 ? 571 HOH A O     1 
HETATM 588 O  O     . HOH E 4 .  ? -0.759  0.202   -2.776  1.00 30.39 ? 572 HOH A O     1 
HETATM 589 O  O     . HOH E 4 .  ? 9.235   -21.837 -5.318  1.00 51.15 ? 573 HOH A O     1 
HETATM 590 O  O     . HOH E 4 .  ? -8.899  -3.039  5.890   1.00 39.59 ? 574 HOH A O     1 
HETATM 591 O  O     . HOH E 4 .  ? 9.670   -0.721  -6.560  1.00 45.75 ? 575 HOH A O     1 
HETATM 592 O  O     . HOH E 4 .  ? -1.597  8.444   -6.727  1.00 44.20 ? 576 HOH A O     1 
HETATM 593 O  O     . HOH E 4 .  ? 4.962   8.884   -2.768  1.00 36.75 ? 577 HOH A O     1 
HETATM 594 O  O     . HOH F 4 .  ? -2.561  -3.193  -1.355  1.00 34.92 ? 101 HOH B O     1 
HETATM 595 O  O     . HOH F 4 .  ? 0.446   -3.322  -12.883 1.00 35.92 ? 102 HOH B O     1 
HETATM 596 O  O     . HOH F 4 .  ? -4.288  12.859  8.291   1.00 41.12 ? 103 HOH B O     1 
HETATM 597 O  O     . HOH F 4 .  ? -4.021  10.117  8.945   1.00 31.86 ? 104 HOH B O     1 
HETATM 598 O  O     . HOH F 4 .  ? -3.946  4.115   6.469   1.00 43.72 ? 105 HOH B O     1 
HETATM 599 O  O     . HOH F 4 .  ? 4.064   6.062   14.497  1.00 16.43 ? 106 HOH B O     1 
HETATM 600 O  O     . HOH F 4 .  ? -19.368 11.215  -1.237  1.00 28.33 ? 107 HOH B O     1 
HETATM 601 O  O     . HOH F 4 .  ? 1.927   -9.791  2.449   1.00 19.81 ? 108 HOH B O     1 
HETATM 602 O  O     . HOH F 4 .  ? -10.288 6.933   -1.723  1.00 19.85 ? 109 HOH B O     1 
HETATM 603 O  O     . HOH F 4 .  ? 3.150   -5.419  -7.983  1.00 25.38 ? 110 HOH B O     1 
HETATM 604 O  O     . HOH F 4 .  ? -1.056  3.731   8.779   1.00 17.80 ? 111 HOH B O     1 
HETATM 605 O  O     . HOH F 4 .  ? -0.339  1.624   11.258  1.00 22.24 ? 112 HOH B O     1 
HETATM 606 O  O     . HOH F 4 .  ? -16.408 16.112  0.644   1.00 25.82 ? 113 HOH B O     1 
HETATM 607 O  O     . HOH F 4 .  ? 1.874   -1.680  10.632  1.00 19.37 ? 114 HOH B O     1 
HETATM 608 O  O     . HOH F 4 .  ? -4.326  -5.891  -9.147  1.00 41.93 ? 115 HOH B O     1 
HETATM 609 O  O     . HOH F 4 .  ? 1.419   7.165   15.102  1.00 21.03 ? 116 HOH B O     1 
HETATM 610 O  O     . HOH F 4 .  ? 7.896   -0.052  5.236   1.00 17.08 ? 117 HOH B O     1 
HETATM 611 O  O     . HOH F 4 .  ? 5.529   -5.055  5.085   1.00 12.89 ? 118 HOH B O     1 
HETATM 612 O  O     . HOH F 4 .  ? -20.202 9.163   0.511   1.00 28.33 ? 119 HOH B O     1 
HETATM 613 O  O     . HOH F 4 .  ? -17.112 7.938   -1.890  1.00 27.42 ? 120 HOH B O     1 
HETATM 614 O  O     . HOH F 4 .  ? -13.857 9.462   -2.676  1.00 20.68 ? 121 HOH B O     1 
HETATM 615 O  O     . HOH F 4 .  ? -0.019  -4.993  -6.565  1.00 15.82 ? 122 HOH B O     1 
HETATM 616 O  O     . HOH F 4 .  ? -1.435  -0.588  8.243   1.00 22.57 ? 123 HOH B O     1 
HETATM 617 O  O     . HOH F 4 .  ? -13.978 14.902  4.153   1.00 28.03 ? 124 HOH B O     1 
HETATM 618 O  O     . HOH F 4 .  ? -4.030  -11.271 -5.077  1.00 33.03 ? 125 HOH B O     1 
HETATM 619 O  O     . HOH F 4 .  ? -17.659 14.016  2.431   1.00 40.17 ? 126 HOH B O     1 
HETATM 620 O  O     . HOH F 4 .  ? -2.494  -10.107 2.390   1.00 30.97 ? 127 HOH B O     1 
HETATM 621 O  O     . HOH F 4 .  ? 0.508   -2.081  -3.861  1.00 19.42 ? 128 HOH B O     1 
HETATM 622 O  O     . HOH F 4 .  ? 3.701   -6.439  -16.925 1.00 27.45 ? 129 HOH B O     1 
HETATM 623 O  O     . HOH F 4 .  ? 6.984   -5.634  -9.196  1.00 33.20 ? 130 HOH B O     1 
HETATM 624 O  O     . HOH F 4 .  ? -1.789  -10.173 -12.178 1.00 30.14 ? 131 HOH B O     1 
HETATM 625 O  O     . HOH F 4 .  ? -2.640  6.348   8.072   1.00 24.89 ? 132 HOH B O     1 
HETATM 626 O  O     . HOH F 4 .  ? 11.657  -6.128  -9.852  1.00 32.45 ? 133 HOH B O     1 
HETATM 627 O  O     . HOH F 4 .  ? 3.886   -0.258  -2.765  1.00 11.38 ? 134 HOH B O     1 
HETATM 628 O  O     . HOH F 4 .  ? -1.557  2.925   5.736   1.00 17.00 ? 135 HOH B O     1 
HETATM 629 O  O     . HOH F 4 .  ? 6.921   9.093   6.481   1.00 14.68 ? 136 HOH B O     1 
HETATM 630 O  O     . HOH F 4 .  ? -1.612  -3.743  -3.753  1.00 27.68 ? 137 HOH B O     1 
HETATM 631 O  O     . HOH F 4 .  ? 6.094   0.044   9.173   1.00 26.38 ? 138 HOH B O     1 
HETATM 632 O  O     . HOH F 4 .  ? -5.789  14.928  -2.407  1.00 19.08 ? 139 HOH B O     1 
HETATM 633 O  O     . HOH F 4 .  ? -0.643  -0.686  -0.513  1.00 22.93 ? 140 HOH B O     1 
HETATM 634 O  O     . HOH F 4 .  ? 0.553   14.981  2.358   1.00 24.70 ? 141 HOH B O     1 
HETATM 635 O  O     . HOH F 4 .  ? -18.245 14.491  0.020   1.00 36.26 ? 142 HOH B O     1 
HETATM 636 O  O     . HOH F 4 .  ? 1.244   -5.092  -15.756 1.00 26.44 ? 143 HOH B O     1 
HETATM 637 O  O     . HOH F 4 .  ? -6.482  12.635  4.865   1.00 19.66 ? 144 HOH B O     1 
HETATM 638 O  O     . HOH F 4 .  ? 5.377   -10.699 -14.196 1.00 15.63 ? 145 HOH B O     1 
HETATM 639 O  O     . HOH F 4 .  ? -0.133  10.010  0.455   1.00 30.55 ? 146 HOH B O     1 
HETATM 640 O  O     . HOH F 4 .  ? 4.306   9.674   5.188   1.00 20.99 ? 147 HOH B O     1 
HETATM 641 O  O     . HOH F 4 .  ? -0.282  -3.362  9.763   1.00 53.51 ? 148 HOH B O     1 
HETATM 642 O  O     . HOH F 4 .  ? 3.328   -1.372  -13.683 1.00 52.10 ? 149 HOH B O     1 
HETATM 643 O  O     . HOH F 4 .  ? 1.549   -12.685 -3.213  1.00 31.45 ? 150 HOH B O     1 
HETATM 644 O  O     . HOH F 4 .  ? -5.405  17.715  1.108   1.00 38.67 ? 151 HOH B O     1 
HETATM 645 O  O     . HOH F 4 .  ? -10.507 13.538  3.620   1.00 18.43 ? 152 HOH B O     1 
HETATM 646 O  O     . HOH F 4 .  ? 2.709   -3.682  -5.991  1.00 20.25 ? 153 HOH B O     1 
HETATM 647 O  O     . HOH F 4 .  ? -1.625  -2.682  1.681   1.00 37.14 ? 154 HOH B O     1 
HETATM 648 O  O     . HOH F 4 .  ? 2.991   -8.241  4.731   1.00 19.95 ? 155 HOH B O     1 
HETATM 649 O  O     . HOH F 4 .  ? 11.060  -3.048  -13.515 1.00 34.06 ? 156 HOH B O     1 
HETATM 650 O  O     . HOH F 4 .  ? -13.023 18.052  0.406   1.00 32.71 ? 157 HOH B O     1 
HETATM 651 O  O     . HOH F 4 .  ? 1.628   -13.643 -7.234  1.00 18.35 ? 158 HOH B O     1 
HETATM 652 O  O     . HOH F 4 .  ? -5.716  -3.828  1.960   1.00 46.81 ? 159 HOH B O     1 
HETATM 653 O  O     . HOH F 4 .  ? -10.537 11.824  5.982   1.00 18.53 ? 160 HOH B O     1 
HETATM 654 O  O     . HOH F 4 .  ? 5.607   -5.199  -6.953  1.00 21.35 ? 161 HOH B O     1 
HETATM 655 O  O     . HOH F 4 .  ? 6.979   8.250   3.316   1.00 20.59 ? 162 HOH B O     1 
HETATM 656 O  O     . HOH F 4 .  ? -5.252  6.848   7.490   1.00 42.78 ? 163 HOH B O     1 
HETATM 657 O  O     . HOH F 4 .  ? -0.590  16.700  3.348   1.00 36.38 ? 164 HOH B O     1 
HETATM 658 O  O     . HOH F 4 .  ? 9.655   -7.072  -7.141  1.00 28.77 ? 165 HOH B O     1 
HETATM 659 O  O     . HOH F 4 .  ? -11.037 16.997  1.939   1.00 36.11 ? 166 HOH B O     1 
HETATM 660 O  O     . HOH F 4 .  ? 4.863   9.584   1.795   1.00 42.88 ? 167 HOH B O     1 
HETATM 661 O  O     . HOH F 4 .  ? -2.172  10.154  -1.391  1.00 22.60 ? 168 HOH B O     1 
HETATM 662 O  O     . HOH F 4 .  ? -11.925 16.339  -2.196  1.00 18.86 ? 169 HOH B O     1 
HETATM 663 O  O     . HOH F 4 .  ? -7.174  17.198  -1.709  1.00 24.58 ? 170 HOH B O     1 
HETATM 664 O  O     . HOH F 4 .  ? -2.644  5.072   10.856  1.00 40.08 ? 171 HOH B O     1 
HETATM 665 O  O     . HOH F 4 .  ? -3.008  11.761  12.069  1.00 30.64 ? 172 HOH B O     1 
HETATM 666 O  O     . HOH F 4 .  ? -7.886  10.351  6.288   1.00 28.17 ? 173 HOH B O     1 
HETATM 667 O  O     . HOH F 4 .  ? -2.602  6.611   12.621  1.00 45.81 ? 174 HOH B O     1 
HETATM 668 O  O     . HOH F 4 .  ? -8.533  8.296   -2.145  1.00 28.57 ? 175 HOH B O     1 
HETATM 669 O  O     . HOH F 4 .  ? -0.873  16.978  7.221   1.00 42.03 ? 176 HOH B O     1 
HETATM 670 O  O     . HOH F 4 .  ? 4.444   8.626   -0.534  1.00 32.52 ? 177 HOH B O     1 
HETATM 671 O  O     . HOH F 4 .  ? -3.441  -2.653  -6.101  1.00 36.85 ? 178 HOH B O     1 
HETATM 672 O  O     . HOH F 4 .  ? 4.506   -2.231  10.153  1.00 25.93 ? 179 HOH B O     1 
HETATM 673 O  O     . HOH F 4 .  ? 5.575   -2.365  -6.050  1.00 24.02 ? 180 HOH B O     1 
HETATM 674 O  O     . HOH F 4 .  ? -4.808  -10.710 0.388   1.00 42.15 ? 181 HOH B O     1 
HETATM 675 O  O     . HOH F 4 .  ? 0.396   -12.162 3.823   1.00 41.58 ? 182 HOH B O     1 
HETATM 676 O  O     . HOH F 4 .  ? -2.927  -0.448  10.407  1.00 35.17 ? 183 HOH B O     1 
HETATM 677 O  O     . HOH F 4 .  ? 2.342   -12.998 -0.770  1.00 35.46 ? 184 HOH B O     1 
HETATM 678 O  O     . HOH F 4 .  ? 0.077   2.148   15.630  1.00 51.91 ? 185 HOH B O     1 
HETATM 679 O  O     . HOH F 4 .  ? -3.152  1.715   9.300   1.00 47.00 ? 186 HOH B O     1 
# 
loop_
_atom_site_anisotrop.id 
_atom_site_anisotrop.type_symbol 
_atom_site_anisotrop.pdbx_label_atom_id 
_atom_site_anisotrop.pdbx_label_alt_id 
_atom_site_anisotrop.pdbx_label_comp_id 
_atom_site_anisotrop.pdbx_label_asym_id 
_atom_site_anisotrop.pdbx_label_seq_id 
_atom_site_anisotrop.pdbx_PDB_ins_code 
_atom_site_anisotrop.U[1][1] 
_atom_site_anisotrop.U[2][2] 
_atom_site_anisotrop.U[3][3] 
_atom_site_anisotrop.U[1][2] 
_atom_site_anisotrop.U[1][3] 
_atom_site_anisotrop.U[2][3] 
_atom_site_anisotrop.pdbx_auth_seq_id 
_atom_site_anisotrop.pdbx_auth_comp_id 
_atom_site_anisotrop.pdbx_auth_asym_id 
_atom_site_anisotrop.pdbx_auth_atom_id 
1   O  "O5'" . G   A 1  ? 0.2370 0.2132 0.1755 -0.0072 -0.0154 0.0293  1  G   A "O5'" 
2   C  "C5'" . G   A 1  ? 0.2061 0.1723 0.1532 0.0122  -0.0076 0.0159  1  G   A "C5'" 
3   C  "C4'" . G   A 1  ? 0.1910 0.1365 0.1266 0.0304  0.0031  -0.0072 1  G   A "C4'" 
4   O  "O4'" . G   A 1  ? 0.1837 0.1372 0.1115 0.0308  -0.0036 0.0079  1  G   A "O4'" 
5   C  "C3'" . G   A 1  ? 0.1895 0.1083 0.1215 0.0384  0.0046  -0.0112 1  G   A "C3'" 
6   O  "O3'" . G   A 1  ? 0.2127 0.1095 0.1171 0.0378  -0.0089 -0.0209 1  G   A "O3'" 
7   C  "C2'" . G   A 1  ? 0.1677 0.1225 0.1251 0.0066  0.0137  -0.0149 1  G   A "C2'" 
8   O  "O2'" . G   A 1  ? 0.1652 0.1474 0.1307 -0.0104 -0.0025 0.0096  1  G   A "O2'" 
9   C  "C1'" . G   A 1  ? 0.1675 0.1199 0.1079 0.0151  0.0061  -0.0070 1  G   A "C1'" 
10  N  N9    . G   A 1  ? 0.1606 0.1215 0.1205 0.0099  0.0025  -0.0113 1  G   A N9    
11  C  C8    . G   A 1  ? 0.1679 0.1359 0.1316 0.0103  -0.0008 -0.0133 1  G   A C8    
12  N  N7    . G   A 1  ? 0.1594 0.1246 0.1259 0.0228  -0.0097 -0.0255 1  G   A N7    
13  C  C5    . G   A 1  ? 0.1307 0.1244 0.1093 0.0000  0.0030  -0.0232 1  G   A C5    
14  C  C6    . G   A 1  ? 0.1319 0.1122 0.1131 -0.0011 -0.0044 -0.0306 1  G   A C6    
15  O  O6    . G   A 1  ? 0.1550 0.1532 0.1252 -0.0152 -0.0162 -0.0282 1  G   A O6    
16  N  N1    . G   A 1  ? 0.1211 0.1010 0.1184 0.0136  0.0049  -0.0331 1  G   A N1    
17  C  C2    . G   A 1  ? 0.1073 0.0902 0.1285 0.0278  0.0133  -0.0247 1  G   A C2    
18  N  N2    . G   A 1  ? 0.1008 0.1019 0.1292 0.0217  0.0091  -0.0189 1  G   A N2    
19  N  N3    . G   A 1  ? 0.1201 0.1046 0.1257 0.0177  0.0135  -0.0150 1  G   A N3    
20  C  C4    . G   A 1  ? 0.1342 0.1095 0.1146 0.0124  0.0130  -0.0255 1  G   A C4    
21  P  P     . G   A 2  ? 0.2188 0.1418 0.1477 0.0396  -0.0131 -0.0204 2  G   A P     
22  O  OP1   . G   A 2  ? 0.2522 0.1409 0.1741 0.0515  -0.0011 -0.0312 2  G   A OP1   
23  O  OP2   . G   A 2  ? 0.2108 0.1729 0.1560 0.0329  -0.0174 -0.0275 2  G   A OP2   
24  O  "O5'" . G   A 2  ? 0.1749 0.1346 0.1315 0.0137  -0.0072 -0.0148 2  G   A "O5'" 
25  C  "C5'" . G   A 2  ? 0.1510 0.1449 0.1390 0.0157  0.0086  -0.0102 2  G   A "C5'" 
26  C  "C4'" . G   A 2  ? 0.1417 0.1369 0.1278 0.0039  0.0102  -0.0145 2  G   A "C4'" 
27  O  "O4'" . G   A 2  ? 0.1333 0.1306 0.1254 0.0031  0.0122  -0.0110 2  G   A "O4'" 
28  C  "C3'" . G   A 2  ? 0.1421 0.1317 0.1207 -0.0077 0.0035  -0.0187 2  G   A "C3'" 
29  O  "O3'" . G   A 2  ? 0.1441 0.1230 0.1335 -0.0167 0.0177  -0.0290 2  G   A "O3'" 
30  C  "C2'" . G   A 2  ? 0.1314 0.1375 0.1224 -0.0195 -0.0126 -0.0266 2  G   A "C2'" 
31  O  "O2'" . G   A 2  ? 0.1338 0.1567 0.1370 -0.0166 -0.0078 -0.0114 2  G   A "O2'" 
32  C  "C1'" . G   A 2  ? 0.1306 0.1285 0.1271 -0.0071 -0.0021 -0.0184 2  G   A "C1'" 
33  N  N9    . G   A 2  ? 0.1265 0.1239 0.1260 0.0028  -0.0074 -0.0287 2  G   A N9    
34  C  C8    . G   A 2  ? 0.1261 0.1163 0.1325 0.0140  -0.0033 -0.0284 2  G   A C8    
35  N  N7    . G   A 2  ? 0.1254 0.1326 0.1308 0.0084  -0.0099 -0.0128 2  G   A N7    
36  C  C5    . G   A 2  ? 0.1186 0.1316 0.1292 0.0197  0.0000  -0.0146 2  G   A C5    
37  C  C6    . G   A 2  ? 0.1271 0.1406 0.1263 0.0098  -0.0105 -0.0122 2  G   A C6    
38  O  O6    . G   A 2  ? 0.1307 0.1267 0.1287 0.0065  -0.0231 -0.0074 2  G   A O6    
39  N  N1    . G   A 2  ? 0.1196 0.1313 0.1170 0.0129  -0.0139 -0.0211 2  G   A N1    
40  C  C2    . G   A 2  ? 0.1246 0.1347 0.1239 0.0107  -0.0076 -0.0132 2  G   A C2    
41  N  N2    . G   A 2  ? 0.1335 0.1336 0.1213 0.0113  -0.0053 -0.0120 2  G   A N2    
42  N  N3    . G   A 2  ? 0.1251 0.1217 0.1185 0.0011  -0.0144 -0.0185 2  G   A N3    
43  C  C4    . G   A 2  ? 0.1163 0.1181 0.1255 0.0119  -0.0057 -0.0215 2  G   A C4    
44  P  P     . A   A 3  ? 0.1565 0.1231 0.1409 -0.0142 0.0112  -0.0214 3  A   A P     
45  O  OP1   . A   A 3  ? 0.1618 0.1081 0.1519 -0.0121 0.0111  -0.0255 3  A   A OP1   
46  O  OP2   . A   A 3  ? 0.1753 0.1501 0.1435 -0.0139 -0.0161 -0.0097 3  A   A OP2   
47  O  "O5'" . A   A 3  ? 0.1403 0.1385 0.1424 -0.0434 0.0122  -0.0137 3  A   A "O5'" 
48  C  "C5'" . A   A 3  ? 0.1351 0.1192 0.1504 -0.0409 0.0185  -0.0213 3  A   A "C5'" 
49  C  "C4'" . A   A 3  ? 0.1244 0.1179 0.1363 -0.0456 0.0106  -0.0302 3  A   A "C4'" 
50  O  "O4'" . A   A 3  ? 0.1308 0.1198 0.1224 -0.0324 0.0041  -0.0290 3  A   A "O4'" 
51  C  "C3'" . A   A 3  ? 0.1248 0.1246 0.1192 -0.0432 -0.0032 -0.0360 3  A   A "C3'" 
52  O  "O3'" . A   A 3  ? 0.1193 0.1397 0.1237 -0.0300 -0.0077 -0.0273 3  A   A "O3'" 
53  C  "C2'" . A   A 3  ? 0.1118 0.1171 0.1205 -0.0156 -0.0057 -0.0214 3  A   A "C2'" 
54  O  "O2'" . A   A 3  ? 0.1068 0.1300 0.1304 -0.0168 -0.0132 -0.0015 3  A   A "O2'" 
55  C  "C1'" . A   A 3  ? 0.1148 0.1249 0.1239 -0.0275 -0.0018 -0.0159 3  A   A "C1'" 
56  N  N9    . A   A 3  ? 0.1219 0.1254 0.1373 -0.0189 -0.0017 -0.0194 3  A   A N9    
57  C  C8    . A   A 3  ? 0.1265 0.1239 0.1433 -0.0055 -0.0033 -0.0169 3  A   A C8    
58  N  N7    . A   A 3  ? 0.1439 0.1204 0.1332 -0.0026 -0.0049 -0.0178 3  A   A N7    
59  C  C5    . A   A 3  ? 0.1304 0.1098 0.1422 -0.0043 0.0031  -0.0249 3  A   A C5    
60  C  C6    . A   A 3  ? 0.1326 0.1164 0.1457 -0.0019 0.0014  -0.0286 3  A   A C6    
61  N  N6    . A   A 3  ? 0.1366 0.1198 0.1589 0.0003  0.0028  -0.0197 3  A   A N6    
62  N  N1    . A   A 3  ? 0.1152 0.1125 0.1551 0.0006  -0.0072 -0.0199 3  A   A N1    
63  C  C2    . A   A 3  ? 0.0967 0.1033 0.1527 0.0061  -0.0141 -0.0127 3  A   A C2    
64  N  N3    . A   A 3  ? 0.1059 0.1119 0.1377 0.0024  -0.0215 -0.0117 3  A   A N3    
65  C  C4    . A   A 3  ? 0.1156 0.1114 0.1420 -0.0033 -0.0035 -0.0220 3  A   A C4    
66  P  P     . C   A 4  ? 0.1119 0.1582 0.1375 -0.0167 -0.0080 -0.0209 4  C   A P     
67  O  OP1   . C   A 4  ? 0.1158 0.1734 0.1317 -0.0077 0.0038  -0.0365 4  C   A OP1   
68  O  OP2   . C   A 4  ? 0.1261 0.1756 0.1409 -0.0082 -0.0135 -0.0101 4  C   A OP2   
69  O  "O5'" . C   A 4  ? 0.0921 0.1582 0.1338 -0.0361 -0.0071 -0.0128 4  C   A "O5'" 
70  C  "C5'" . C   A 4  ? 0.1007 0.1603 0.1445 -0.0251 -0.0067 -0.0115 4  C   A "C5'" 
71  C  "C4'" . C   A 4  ? 0.0893 0.1624 0.1567 -0.0356 -0.0084 -0.0287 4  C   A "C4'" 
72  O  "O4'" . C   A 4  ? 0.0962 0.1740 0.1560 -0.0372 -0.0087 -0.0282 4  C   A "O4'" 
73  C  "C3'" . C   A 4  ? 0.1138 0.1899 0.1629 -0.0433 -0.0049 -0.0187 4  C   A "C3'" 
74  O  "O3'" . C   A 4  ? 0.1315 0.2385 0.1664 -0.0691 0.0048  -0.0203 4  C   A "O3'" 
75  C  "C2'" . C   A 4  ? 0.1178 0.1746 0.1684 -0.0253 -0.0073 -0.0044 4  C   A "C2'" 
76  O  "O2'" . C   A 4  ? 0.1360 0.1835 0.1872 -0.0444 -0.0069 0.0114  4  C   A "O2'" 
77  C  "C1'" . C   A 4  ? 0.1076 0.1706 0.1584 -0.0431 -0.0098 -0.0031 4  C   A "C1'" 
78  N  N1    . C   A 4  ? 0.1208 0.1591 0.1527 -0.0367 -0.0032 -0.0148 4  C   A N1    
79  C  C2    . C   A 4  ? 0.1223 0.1430 0.1586 -0.0244 -0.0054 -0.0230 4  C   A C2    
80  O  O2    . C   A 4  ? 0.1262 0.1356 0.1625 -0.0110 -0.0120 -0.0116 4  C   A O2    
81  N  N3    . C   A 4  ? 0.1240 0.1452 0.1557 -0.0173 -0.0137 -0.0203 4  C   A N3    
82  C  C4    . C   A 4  ? 0.1310 0.1530 0.1501 -0.0200 -0.0190 -0.0078 4  C   A C4    
83  N  N4    . C   A 4  ? 0.1394 0.1562 0.1459 -0.0128 -0.0169 -0.0040 4  C   A N4    
84  C  C5    . C   A 4  ? 0.1260 0.1587 0.1556 -0.0332 -0.0153 -0.0115 4  C   A C5    
85  C  C6    . C   A 4  ? 0.1277 0.1640 0.1579 -0.0336 -0.0021 -0.0024 4  C   A C6    
86  P  P     . U   A 5  ? 0.1607 0.2458 0.1954 -0.0589 0.0238  -0.0492 5  U   A P     
87  O  OP1   . U   A 5  ? 0.1630 0.2996 0.1831 -0.0807 0.0265  -0.0351 5  U   A OP1   
88  O  OP2   . U   A 5  ? 0.1849 0.2195 0.2319 -0.0404 0.0199  -0.0679 5  U   A OP2   
89  O  "O5'" . U   A 5  ? 0.1262 0.2175 0.1740 -0.0608 -0.0094 -0.0299 5  U   A "O5'" 
90  C  "C5'" . U   A 5  ? 0.1180 0.2208 0.1594 -0.0369 -0.0148 -0.0142 5  U   A "C5'" 
91  C  "C4'" . U   A 5  ? 0.1041 0.2317 0.1418 -0.0204 -0.0177 -0.0099 5  U   A "C4'" 
92  O  "O4'" . U   A 5  ? 0.1054 0.2135 0.1390 -0.0166 -0.0132 -0.0339 5  U   A "O4'" 
93  C  "C3'" . U   A 5  ? 0.1140 0.2320 0.1440 0.0014  -0.0090 -0.0125 5  U   A "C3'" 
94  O  "O3'" . U   A 5  ? 0.1175 0.2364 0.1653 0.0069  -0.0023 -0.0173 5  U   A "O3'" 
95  C  "C2'" . U   A 5  ? 0.1230 0.2250 0.1471 -0.0221 -0.0061 -0.0169 5  U   A "C2'" 
96  O  "O2'" . U   A 5  ? 0.1401 0.2244 0.1656 -0.0324 -0.0041 -0.0126 5  U   A "O2'" 
97  C  "C1'" . U   A 5  ? 0.1122 0.2101 0.1380 -0.0115 -0.0114 -0.0251 5  U   A "C1'" 
98  N  N1    . U   A 5  ? 0.1116 0.1844 0.1418 -0.0019 -0.0077 -0.0332 5  U   A N1    
99  C  C2    . U   A 5  ? 0.1177 0.1728 0.1485 -0.0054 -0.0054 -0.0283 5  U   A C2    
100 O  O2    . U   A 5  ? 0.1133 0.1706 0.1366 -0.0105 -0.0213 -0.0110 5  U   A O2    
101 N  N3    . U   A 5  ? 0.1110 0.1727 0.1635 -0.0053 0.0026  -0.0398 5  U   A N3    
102 C  C4    . U   A 5  ? 0.1227 0.1768 0.1698 -0.0118 0.0061  -0.0350 5  U   A C4    
103 O  O4    . U   A 5  ? 0.1270 0.1798 0.1743 -0.0266 0.0090  -0.0293 5  U   A O4    
104 C  C5    . U   A 5  ? 0.1283 0.1847 0.1623 -0.0152 -0.0081 -0.0294 5  U   A C5    
105 C  C6    . U   A 5  ? 0.1296 0.1985 0.1500 -0.0203 -0.0101 -0.0219 5  U   A C6    
106 P  P     . C   A 6  ? 0.1396 0.2347 0.1738 0.0038  -0.0126 -0.0285 6  C   A P     
107 O  OP1   . C   A 6  ? 0.1527 0.2773 0.1946 0.0120  -0.0063 0.0013  6  C   A OP1   
108 O  OP2   . C   A 6  ? 0.1538 0.2283 0.1914 0.0089  0.0009  -0.0405 6  C   A OP2   
109 O  "O5'" . C   A 6  ? 0.1177 0.1988 0.1617 -0.0150 -0.0171 -0.0137 6  C   A "O5'" 
110 C  "C5'" . C   A 6  ? 0.1149 0.1639 0.1504 -0.0097 -0.0230 0.0021  6  C   A "C5'" 
111 C  "C4'" . C   A 6  ? 0.1278 0.1488 0.1369 -0.0053 -0.0132 0.0055  6  C   A "C4'" 
112 O  "O4'" . C   A 6  ? 0.1310 0.1496 0.1377 -0.0033 -0.0105 0.0045  6  C   A "O4'" 
113 C  "C3'" . C   A 6  ? 0.1060 0.1424 0.1280 -0.0138 -0.0043 -0.0011 6  C   A "C3'" 
114 O  "O3'" . C   A 6  ? 0.1076 0.1401 0.1224 -0.0185 0.0021  -0.0098 6  C   A "O3'" 
115 C  "C2'" . C   A 6  ? 0.1006 0.1290 0.1340 0.0089  0.0070  -0.0119 6  C   A "C2'" 
116 O  "O2'" . C   A 6  ? 0.1134 0.1282 0.1288 -0.0194 0.0031  -0.0123 6  C   A "O2'" 
117 C  "C1'" . C   A 6  ? 0.1236 0.1272 0.1317 0.0085  -0.0023 -0.0116 6  C   A "C1'" 
118 N  N1    . C   A 6  ? 0.1393 0.1321 0.1218 -0.0059 0.0020  -0.0208 6  C   A N1    
119 C  C2    . C   A 6  ? 0.1391 0.1513 0.1234 -0.0166 0.0108  -0.0181 6  C   A C2    
120 O  O2    . C   A 6  ? 0.1412 0.1663 0.1254 -0.0277 0.0134  -0.0196 6  C   A O2    
121 N  N3    . C   A 6  ? 0.1366 0.1289 0.1132 0.0182  0.0134  -0.0224 6  C   A N3    
122 C  C4    . C   A 6  ? 0.1413 0.1324 0.1216 0.0030  0.0152  -0.0236 6  C   A C4    
123 N  N4    . C   A 6  ? 0.1446 0.1560 0.1177 -0.0193 0.0219  -0.0123 6  C   A N4    
124 C  C5    . C   A 6  ? 0.1373 0.1196 0.1228 0.0077  0.0104  -0.0257 6  C   A C5    
125 C  C6    . C   A 6  ? 0.1296 0.1450 0.1240 -0.0077 0.0081  -0.0175 6  C   A C6    
126 P  P     . C   A 7  ? 0.1170 0.1476 0.1315 -0.0224 -0.0057 0.0080  7  C   A P     
127 O  OP1   . C   A 7  ? 0.1391 0.1774 0.1490 -0.0260 0.0025  0.0295  7  C   A OP1   
128 O  OP2   . C   A 7  ? 0.1270 0.1542 0.1359 -0.0240 -0.0094 0.0064  7  C   A OP2   
129 O  "O5'" . C   A 7  ? 0.1012 0.1428 0.1342 -0.0262 -0.0064 0.0105  7  C   A "O5'" 
130 C  "C5'" . C   A 7  ? 0.1026 0.1358 0.1321 -0.0137 -0.0184 0.0087  7  C   A "C5'" 
131 C  "C4'" . C   A 7  ? 0.1132 0.1209 0.1339 0.0107  -0.0311 0.0011  7  C   A "C4'" 
132 O  "O4'" . C   A 7  ? 0.1436 0.1138 0.1461 0.0242  -0.0340 0.0007  7  C   A "O4'" 
133 C  "C3'" . C   A 7  ? 0.1204 0.1314 0.1380 0.0015  -0.0243 0.0052  7  C   A "C3'" 
134 O  "O3'" . C   A 7  ? 0.1098 0.1278 0.1427 -0.0148 -0.0141 0.0182  7  C   A "O3'" 
135 C  "C2'" . C   A 7  ? 0.1364 0.1396 0.1573 0.0001  -0.0255 -0.0037 7  C   A "C2'" 
136 O  "O2'" . C   A 7  ? 0.1312 0.1663 0.1993 -0.0106 -0.0306 -0.0138 7  C   A "O2'" 
137 C  "C1'" . C   A 7  ? 0.1508 0.1170 0.1425 0.0172  -0.0321 -0.0016 7  C   A "C1'" 
138 N  N1    . C   A 7  ? 0.1542 0.1211 0.1483 0.0059  -0.0176 0.0066  7  C   A N1    
139 C  C2    . C   A 7  ? 0.1746 0.1428 0.1510 -0.0264 -0.0258 -0.0017 7  C   A C2    
140 O  O2    . C   A 7  ? 0.2061 0.1505 0.1469 -0.0391 -0.0346 0.0007  7  C   A O2    
141 N  N3    . C   A 7  ? 0.1776 0.1411 0.1480 -0.0203 -0.0222 -0.0043 7  C   A N3    
142 C  C4    . C   A 7  ? 0.1732 0.1362 0.1337 -0.0084 -0.0040 -0.0068 7  C   A C4    
143 N  N4    . C   A 7  ? 0.1931 0.1596 0.1410 -0.0096 0.0103  -0.0069 7  C   A N4    
144 C  C5    . C   A 7  ? 0.1521 0.1244 0.1413 0.0055  0.0123  -0.0114 7  C   A C5    
145 C  C6    . C   A 7  ? 0.1473 0.1286 0.1433 -0.0023 0.0026  -0.0065 7  C   A C6    
146 P  P     . G   A 8  ? 0.1175 0.1336 0.1281 -0.0144 0.0056  0.0078  8  G   A P     
147 O  OP1   . G   A 8  ? 0.1367 0.1510 0.1495 -0.0304 0.0127  0.0139  8  G   A OP1   
148 O  OP2   . G   A 8  ? 0.1291 0.1351 0.1185 -0.0066 0.0065  0.0044  8  G   A OP2   
149 O  "O5'" . G   A 8  ? 0.1129 0.1162 0.1047 0.0015  -0.0040 0.0148  8  G   A "O5'" 
150 C  "C5'" . G   A 8  ? 0.1304 0.1177 0.1198 0.0015  -0.0139 0.0249  8  G   A "C5'" 
151 C  "C4'" . G   A 8  ? 0.1249 0.0914 0.1315 0.0098  -0.0051 0.0019  8  G   A "C4'" 
152 O  "O4'" . G   A 8  ? 0.1102 0.0944 0.1319 -0.0032 -0.0005 0.0151  8  G   A "O4'" 
153 C  "C3'" . G   A 8  ? 0.1395 0.1036 0.1287 0.0032  -0.0125 0.0014  8  G   A "C3'" 
154 O  "O3'" . G   A 8  ? 0.1283 0.0974 0.1529 0.0078  -0.0041 0.0149  8  G   A "O3'" 
155 C  "C2'" . G   A 8  ? 0.1207 0.0975 0.1231 -0.0057 -0.0172 0.0160  8  G   A "C2'" 
156 O  "O2'" . G   A 8  ? 0.1347 0.1073 0.1277 -0.0115 -0.0178 0.0035  8  G   A "O2'" 
157 C  "C1'" . G   A 8  ? 0.1134 0.0905 0.1339 -0.0144 -0.0112 0.0117  8  G   A "C1'" 
158 N  N9    . G   A 8  ? 0.1134 0.1009 0.1356 -0.0105 0.0011  0.0041  8  G   A N9    
159 C  C8    . G   A 8  ? 0.0972 0.0879 0.1398 -0.0179 0.0008  -0.0016 8  G   A C8    
160 N  N7    . G   A 8  ? 0.1088 0.0852 0.1417 -0.0299 0.0201  -0.0054 8  G   A N7    
161 C  C5    . G   A 8  ? 0.1226 0.0870 0.1361 -0.0169 0.0101  -0.0109 8  G   A C5    
162 C  C6    . G   A 8  ? 0.1112 0.0877 0.1184 -0.0073 -0.0012 -0.0172 8  G   A C6    
163 O  O6    . G   A 8  ? 0.1191 0.0945 0.1218 -0.0039 0.0015  -0.0200 8  G   A O6    
164 N  N1    . G   A 8  ? 0.1181 0.0911 0.1236 -0.0020 -0.0003 -0.0050 8  G   A N1    
165 C  C2    . G   A 8  ? 0.1290 0.0960 0.1208 -0.0138 0.0098  -0.0004 8  G   A C2    
166 N  N2    . G   A 8  ? 0.1367 0.1100 0.1255 -0.0158 0.0269  -0.0063 8  G   A N2    
167 N  N3    . G   A 8  ? 0.1171 0.1074 0.1114 -0.0312 0.0141  0.0034  8  G   A N3    
168 C  C4    . G   A 8  ? 0.1190 0.0899 0.1335 -0.0119 0.0174  -0.0039 8  G   A C4    
169 P  P     . G   A 9  ? 0.1364 0.1138 0.1952 0.0081  0.0007  0.0003  9  G   A P     
170 O  OP1   . G   A 9  ? 0.1413 0.1546 0.2249 0.0130  -0.0022 0.0066  9  G   A OP1   
171 O  OP2   . G   A 9  ? 0.1769 0.1213 0.1806 0.0033  0.0252  -0.0183 9  G   A OP2   
172 O  "O5'" . G   A 9  ? 0.1344 0.1035 0.1877 -0.0142 -0.0220 0.0055  9  G   A "O5'" 
173 C  "C5'" . G   A 9  ? 0.1442 0.1037 0.1731 -0.0217 -0.0387 0.0027  9  G   A "C5'" 
174 C  "C4'" . G   A 9  ? 0.1462 0.0878 0.1657 -0.0064 -0.0359 0.0009  9  G   A "C4'" 
175 O  "O4'" . G   A 9  ? 0.1550 0.0765 0.1546 -0.0009 -0.0357 -0.0063 9  G   A "O4'" 
176 C  "C3'" . G   A 9  ? 0.1466 0.0865 0.1611 -0.0021 -0.0310 0.0093  9  G   A "C3'" 
177 O  "O3'" . G   A 9  ? 0.1424 0.0906 0.1497 0.0079  -0.0226 0.0072  9  G   A "O3'" 
178 C  "C2'" . G   A 9  ? 0.1566 0.0799 0.1497 0.0010  -0.0361 0.0089  9  G   A "C2'" 
179 O  "O2'" . G   A 9  ? 0.1641 0.1083 0.1546 0.0020  -0.0474 0.0187  9  G   A "O2'" 
180 C  "C1'" . G   A 9  ? 0.1447 0.0845 0.1446 -0.0091 -0.0427 0.0065  9  G   A "C1'" 
181 N  N9    . G   A 9  ? 0.1311 0.0953 0.1530 0.0042  -0.0232 0.0108  9  G   A N9    
182 C  C8    . G   A 9  ? 0.1313 0.0982 0.1552 0.0086  -0.0192 0.0193  9  G   A C8    
183 N  N7    . G   A 9  ? 0.1342 0.0934 0.1415 0.0001  -0.0237 0.0036  9  G   A N7    
184 C  C5    . G   A 9  ? 0.1370 0.0785 0.1333 0.0089  -0.0253 -0.0082 9  G   A C5    
185 C  C6    . G   A 9  ? 0.1443 0.0813 0.1167 -0.0026 -0.0210 -0.0181 9  G   A C6    
186 O  O6    . G   A 9  ? 0.1625 0.0928 0.1172 -0.0078 -0.0268 -0.0109 9  G   A O6    
187 N  N1    . G   A 9  ? 0.1399 0.1011 0.1198 -0.0024 -0.0110 0.0024  9  G   A N1    
188 C  C2    . G   A 9  ? 0.1349 0.1056 0.1320 -0.0006 -0.0123 0.0015  9  G   A C2    
189 N  N2    . G   A 9  ? 0.1394 0.1119 0.1408 0.0004  -0.0059 0.0024  9  G   A N2    
190 N  N3    . G   A 9  ? 0.1370 0.0925 0.1278 -0.0071 -0.0237 -0.0024 9  G   A N3    
191 C  C4    . G   A 9  ? 0.1322 0.0923 0.1421 0.0016  -0.0231 -0.0009 9  G   A C4    
192 P  P     . 5BU A 10 ? 0.1439 0.1215 0.1450 0.0058  -0.0285 0.0094  10 5BU A P     
193 O  OP1   . 5BU A 10 ? 0.1631 0.1468 0.1560 0.0066  -0.0555 0.0181  10 5BU A OP1   
194 O  OP2   . 5BU A 10 ? 0.1604 0.1420 0.1373 -0.0028 -0.0183 0.0025  10 5BU A OP2   
195 O  "O5'" . 5BU A 10 ? 0.1344 0.1028 0.1388 -0.0186 -0.0181 0.0061  10 5BU A "O5'" 
196 C  "C5'" . 5BU A 10 ? 0.1542 0.1070 0.1361 -0.0174 -0.0142 0.0047  10 5BU A "C5'" 
197 C  "C4'" . 5BU A 10 ? 0.1624 0.0884 0.1490 0.0022  -0.0200 -0.0004 10 5BU A "C4'" 
198 O  "O4'" . 5BU A 10 ? 0.1621 0.0865 0.1522 0.0126  -0.0181 -0.0147 10 5BU A "O4'" 
199 C  "C3'" . 5BU A 10 ? 0.1558 0.0921 0.1519 0.0100  -0.0226 -0.0107 10 5BU A "C3'" 
200 O  "O3'" . 5BU A 10 ? 0.1585 0.0883 0.1466 0.0185  -0.0342 -0.0123 10 5BU A "O3'" 
201 C  "C2'" . 5BU A 10 ? 0.1711 0.1015 0.1536 0.0016  -0.0176 -0.0084 10 5BU A "C2'" 
202 O  "O2'" . 5BU A 10 ? 0.1830 0.1211 0.1617 -0.0175 -0.0210 -0.0060 10 5BU A "O2'" 
203 C  "C1'" . 5BU A 10 ? 0.1679 0.1050 0.1500 0.0054  -0.0240 -0.0046 10 5BU A "C1'" 
204 N  N1    . 5BU A 10 ? 0.1699 0.0979 0.1376 0.0140  -0.0285 -0.0032 10 5BU A N1    
205 C  C2    . 5BU A 10 ? 0.1539 0.1144 0.1418 0.0121  -0.0208 -0.0174 10 5BU A C2    
206 O  O2    . 5BU A 10 ? 0.1618 0.1383 0.1492 -0.0030 -0.0248 -0.0197 10 5BU A O2    
207 N  N3    . 5BU A 10 ? 0.1400 0.1191 0.1472 0.0083  -0.0233 -0.0039 10 5BU A N3    
208 C  C4    . 5BU A 10 ? 0.1418 0.1044 0.1430 0.0164  -0.0377 -0.0176 10 5BU A C4    
209 O  O4    . 5BU A 10 ? 0.1464 0.1294 0.1427 0.0120  -0.0371 -0.0071 10 5BU A O4    
210 C  C5    . 5BU A 10 ? 0.1775 0.1052 0.1635 0.0229  -0.0335 -0.0063 10 5BU A C5    
211 C  C6    . 5BU A 10 ? 0.1806 0.0937 0.1457 0.0100  -0.0220 -0.0022 10 5BU A C6    
212 BR BR    . 5BU A 10 ? 0.2416 0.1898 0.2149 0.0055  -0.0226 0.0118  10 5BU A BR    
213 P  P     . C   A 11 ? 0.1430 0.1097 0.1554 -0.0012 -0.0284 -0.0127 11 C   A P     
214 O  OP1   . C   A 11 ? 0.1600 0.1091 0.1695 0.0443  -0.0440 -0.0171 11 C   A OP1   
215 O  OP2   . C   A 11 ? 0.1331 0.1330 0.1827 -0.0178 0.0090  -0.0226 11 C   A OP2   
216 O  "O5'" . C   A 11 ? 0.1439 0.1033 0.1427 -0.0020 -0.0241 0.0050  11 C   A "O5'" 
217 C  "C5'" . C   A 11 ? 0.1477 0.1161 0.1431 -0.0035 -0.0268 0.0084  11 C   A "C5'" 
218 C  "C4'" . C   A 11 ? 0.1515 0.1200 0.1262 -0.0025 -0.0246 0.0046  11 C   A "C4'" 
219 O  "O4'" . C   A 11 ? 0.1607 0.1444 0.1269 -0.0028 -0.0357 0.0078  11 C   A "O4'" 
220 C  "C3'" . C   A 11 ? 0.1446 0.1147 0.1273 0.0124  -0.0230 -0.0023 11 C   A "C3'" 
221 O  "O3'" . C   A 11 ? 0.1491 0.1086 0.1205 0.0141  -0.0104 0.0020  11 C   A "O3'" 
222 C  "C2'" . C   A 11 ? 0.1465 0.1228 0.1420 0.0089  -0.0185 -0.0166 11 C   A "C2'" 
223 O  "O2'" . C   A 11 ? 0.1576 0.1695 0.1606 -0.0124 -0.0172 -0.0148 11 C   A "O2'" 
224 C  "C1'" . C   A 11 ? 0.1532 0.1316 0.1356 0.0124  -0.0208 -0.0038 11 C   A "C1'" 
225 N  N1    . C   A 11 ? 0.1640 0.1149 0.1308 0.0148  -0.0200 -0.0083 11 C   A N1    
226 C  C2    . C   A 11 ? 0.1637 0.1075 0.1376 0.0259  -0.0233 -0.0115 11 C   A C2    
227 O  O2    . C   A 11 ? 0.1750 0.1290 0.1296 0.0205  -0.0276 0.0045  11 C   A O2    
228 N  N3    . C   A 11 ? 0.1637 0.0920 0.1375 0.0280  -0.0196 -0.0190 11 C   A N3    
229 C  C4    . C   A 11 ? 0.1757 0.1001 0.1181 0.0167  -0.0238 -0.0212 11 C   A C4    
230 N  N4    . C   A 11 ? 0.1900 0.1064 0.1257 0.0205  -0.0155 -0.0064 11 C   A N4    
231 C  C5    . C   A 11 ? 0.1850 0.0923 0.1161 0.0217  -0.0247 -0.0178 11 C   A C5    
232 C  C6    . C   A 11 ? 0.1646 0.0878 0.1274 0.0247  -0.0217 -0.0176 11 C   A C6    
233 P  P     . C   A 12 ? 0.1541 0.1212 0.1405 0.0049  -0.0099 0.0150  12 C   A P     
234 O  OP1   . C   A 12 ? 0.1907 0.1278 0.1473 0.0316  0.0012  0.0168  12 C   A OP1   
235 O  OP2   . C   A 12 ? 0.1402 0.1513 0.1542 -0.0145 0.0006  0.0143  12 C   A OP2   
236 O  "O5'" . C   A 12 ? 0.1639 0.1210 0.1516 0.0039  -0.0092 0.0112  12 C   A "O5'" 
237 C  "C5'" . C   A 12 ? 0.1828 0.1253 0.1456 -0.0156 -0.0149 -0.0043 12 C   A "C5'" 
238 C  "C4'" . C   A 12 ? 0.1956 0.1287 0.1327 -0.0114 -0.0121 -0.0070 12 C   A "C4'" 
239 O  "O4'" . C   A 12 ? 0.1756 0.1228 0.1299 -0.0089 -0.0172 -0.0060 12 C   A "O4'" 
240 C  "C3'" . C   A 12 ? 0.2170 0.1360 0.1341 0.0008  -0.0129 -0.0142 12 C   A "C3'" 
241 O  "O3'" . C   A 12 ? 0.2569 0.1476 0.1458 0.0143  -0.0043 -0.0179 12 C   A "O3'" 
242 C  "C2'" . C   A 12 ? 0.1949 0.1384 0.1377 -0.0222 -0.0184 -0.0191 12 C   A "C2'" 
243 O  "O2'" . C   A 12 ? 0.2116 0.1713 0.1581 -0.0358 -0.0289 -0.0124 12 C   A "O2'" 
244 C  "C1'" . C   A 12 ? 0.1691 0.1335 0.1229 -0.0106 -0.0165 -0.0098 12 C   A "C1'" 
245 N  N1    . C   A 12 ? 0.1557 0.1190 0.0992 0.0001  -0.0126 -0.0171 12 C   A N1    
246 C  C2    . C   A 12 ? 0.1408 0.1254 0.0874 0.0036  -0.0136 -0.0164 12 C   A C2    
247 O  O2    . C   A 12 ? 0.1510 0.1197 0.1006 0.0062  -0.0149 -0.0053 12 C   A O2    
248 N  N3    . C   A 12 ? 0.1413 0.1198 0.0925 0.0093  -0.0114 -0.0257 12 C   A N3    
249 C  C4    . C   A 12 ? 0.1323 0.1320 0.1040 -0.0058 -0.0039 -0.0228 12 C   A C4    
250 N  N4    . C   A 12 ? 0.1382 0.1309 0.1200 -0.0124 -0.0049 -0.0282 12 C   A N4    
251 C  C5    . C   A 12 ? 0.1406 0.1209 0.1073 -0.0055 -0.0101 -0.0199 12 C   A C5    
252 C  C6    . C   A 12 ? 0.1507 0.1092 0.0980 -0.0026 -0.0153 -0.0287 12 C   A C6    
253 O  "O5'" . G   B 1  ? 0.3111 0.1600 0.2267 -0.0028 0.0069  0.0144  13 G   B "O5'" 
254 C  "C5'" . G   B 1  ? 0.2806 0.1398 0.1938 0.0181  0.0092  0.0112  13 G   B "C5'" 
255 C  "C4'" . G   B 1  ? 0.2467 0.1286 0.1680 0.0353  0.0205  0.0143  13 G   B "C4'" 
256 O  "O4'" . G   B 1  ? 0.2408 0.1165 0.1537 0.0234  0.0261  0.0215  13 G   B "O4'" 
257 C  "C3'" . G   B 1  ? 0.2210 0.1450 0.1468 0.0607  0.0085  0.0119  13 G   B "C3'" 
258 O  "O3'" . G   B 1  ? 0.2368 0.1722 0.1464 0.0775  -0.0034 0.0196  13 G   B "O3'" 
259 C  "C2'" . G   B 1  ? 0.2090 0.1537 0.1325 0.0397  -0.0048 0.0091  13 G   B "C2'" 
260 O  "O2'" . G   B 1  ? 0.2072 0.1871 0.1212 0.0444  -0.0222 0.0083  13 G   B "O2'" 
261 C  "C1'" . G   B 1  ? 0.2107 0.1176 0.1358 0.0305  0.0149  0.0097  13 G   B "C1'" 
262 N  N9    . G   B 1  ? 0.1843 0.1199 0.1263 0.0175  0.0120  0.0087  13 G   B N9    
263 C  C8    . G   B 1  ? 0.1845 0.1133 0.1263 0.0142  0.0106  -0.0045 13 G   B C8    
264 N  N7    . G   B 1  ? 0.1832 0.1382 0.1241 -0.0113 0.0132  -0.0117 13 G   B N7    
265 C  C5    . G   B 1  ? 0.1660 0.1170 0.1175 0.0001  0.0127  -0.0168 13 G   B C5    
266 C  C6    . G   B 1  ? 0.1481 0.1223 0.1254 0.0046  0.0003  -0.0215 13 G   B C6    
267 O  O6    . G   B 1  ? 0.1391 0.1304 0.1337 -0.0114 -0.0009 -0.0205 13 G   B O6    
268 N  N1    . G   B 1  ? 0.1574 0.1012 0.1171 0.0064  0.0007  -0.0378 13 G   B N1    
269 C  C2    . G   B 1  ? 0.1528 0.1087 0.1011 0.0144  0.0114  -0.0201 13 G   B C2    
270 N  N2    . G   B 1  ? 0.1378 0.1274 0.1222 0.0059  0.0335  -0.0070 13 G   B N2    
271 N  N3    . G   B 1  ? 0.1626 0.1045 0.1056 0.0215  0.0086  -0.0122 13 G   B N3    
272 C  C4    . G   B 1  ? 0.1632 0.1089 0.1096 0.0153  0.0189  -0.0053 13 G   B C4    
273 P  P     . G   B 2  ? 0.2569 0.1805 0.1624 0.0971  -0.0064 -0.0093 14 G   B P     
274 O  OP1   . G   B 2  ? 0.2665 0.2176 0.1797 0.0821  0.0069  0.0092  14 G   B OP1   
275 O  OP2   . G   B 2  ? 0.2714 0.1877 0.1922 0.0853  -0.0037 -0.0407 14 G   B OP2   
276 O  "O5'" . G   B 2  ? 0.2396 0.1950 0.1269 0.0815  -0.0108 -0.0118 14 G   B "O5'" 
277 C  "C5'" . G   B 2  ? 0.2110 0.1991 0.1208 0.0879  -0.0119 -0.0148 14 G   B "C5'" 
278 C  "C4'" . G   B 2  ? 0.1999 0.2047 0.1179 0.0858  -0.0130 -0.0173 14 G   B "C4'" 
279 O  "O4'" . G   B 2  ? 0.2122 0.2054 0.1118 0.0774  -0.0181 -0.0218 14 G   B "O4'" 
280 C  "C3'" . G   B 2  ? 0.1953 0.1972 0.1232 0.0804  -0.0251 -0.0201 14 G   B "C3'" 
281 O  "O3'" . G   B 2  ? 0.1805 0.2032 0.1243 0.0844  -0.0249 -0.0280 14 G   B "O3'" 
282 C  "C2'" . G   B 2  ? 0.2090 0.1941 0.1305 0.0633  -0.0200 -0.0351 14 G   B "C2'" 
283 O  "O2'" . G   B 2  ? 0.2207 0.2063 0.1244 0.0498  -0.0185 -0.0428 14 G   B "O2'" 
284 C  "C1'" . G   B 2  ? 0.2109 0.1919 0.1027 0.0636  -0.0316 -0.0192 14 G   B "C1'" 
285 N  N9    . G   B 2  ? 0.1922 0.1654 0.1104 0.0705  -0.0135 -0.0236 14 G   B N9    
286 C  C8    . G   B 2  ? 0.1945 0.1707 0.1081 0.0697  -0.0011 -0.0215 14 G   B C8    
287 N  N7    . G   B 2  ? 0.1936 0.1630 0.1117 0.0678  0.0095  -0.0221 14 G   B N7    
288 C  C5    . G   B 2  ? 0.1853 0.1504 0.0941 0.0686  0.0027  -0.0253 14 G   B C5    
289 C  C6    . G   B 2  ? 0.1839 0.1463 0.0966 0.0591  0.0058  -0.0238 14 G   B C6    
290 O  O6    . G   B 2  ? 0.1860 0.1553 0.1184 0.0532  -0.0055 -0.0062 14 G   B O6    
291 N  N1    . G   B 2  ? 0.1840 0.1451 0.1134 0.0510  -0.0007 -0.0184 14 G   B N1    
292 C  C2    . G   B 2  ? 0.1815 0.1384 0.1014 0.0603  -0.0049 -0.0178 14 G   B C2    
293 N  N2    . G   B 2  ? 0.1995 0.1283 0.1195 0.0516  0.0012  -0.0240 14 G   B N2    
294 N  N3    . G   B 2  ? 0.1722 0.1695 0.1067 0.0551  -0.0096 -0.0088 14 G   B N3    
295 C  C4    . G   B 2  ? 0.1754 0.1536 0.1007 0.0730  -0.0081 -0.0216 14 G   B C4    
296 P  P     . A   B 3  ? 0.1830 0.2126 0.1490 0.0605  -0.0262 -0.0257 15 A   B P     
297 O  OP1   . A   B 3  ? 0.2029 0.2474 0.1526 0.0564  -0.0372 -0.0102 15 A   B OP1   
298 O  OP2   . A   B 3  ? 0.1918 0.2051 0.1905 0.0790  -0.0144 -0.0246 15 A   B OP2   
299 O  "O5'" . A   B 3  ? 0.1529 0.2006 0.1360 0.0350  -0.0255 -0.0357 15 A   B "O5'" 
300 C  "C5'" . A   B 3  ? 0.1494 0.2044 0.1437 0.0194  -0.0213 -0.0328 15 A   B "C5'" 
301 C  "C4'" . A   B 3  ? 0.1555 0.1880 0.1526 0.0144  -0.0188 -0.0308 15 A   B "C4'" 
302 O  "O4'" . A   B 3  ? 0.1487 0.1839 0.1480 0.0223  -0.0191 -0.0444 15 A   B "O4'" 
303 C  "C3'" . A   B 3  ? 0.1531 0.1833 0.1629 0.0133  -0.0155 -0.0199 15 A   B "C3'" 
304 O  "O3'" . A   B 3  ? 0.1408 0.1826 0.1658 -0.0028 -0.0015 -0.0288 15 A   B "O3'" 
305 C  "C2'" . A   B 3  ? 0.1572 0.1663 0.1618 0.0148  -0.0103 -0.0221 15 A   B "C2'" 
306 O  "O2'" . A   B 3  ? 0.1896 0.1701 0.1735 -0.0050 -0.0027 -0.0291 15 A   B "O2'" 
307 C  "C1'" . A   B 3  ? 0.1488 0.1700 0.1557 0.0233  -0.0232 -0.0397 15 A   B "C1'" 
308 N  N9    . A   B 3  ? 0.1325 0.1656 0.1432 0.0317  -0.0307 -0.0446 15 A   B N9    
309 C  C8    . A   B 3  ? 0.1232 0.1771 0.1431 0.0310  -0.0235 -0.0378 15 A   B C8    
310 N  N7    . A   B 3  ? 0.1198 0.1752 0.1381 0.0290  -0.0283 -0.0231 15 A   B N7    
311 C  C5    . A   B 3  ? 0.1253 0.1551 0.1420 0.0416  -0.0227 -0.0390 15 A   B C5    
312 C  C6    . A   B 3  ? 0.1185 0.1522 0.1448 0.0412  -0.0169 -0.0412 15 A   B C6    
313 N  N6    . A   B 3  ? 0.1374 0.1520 0.1438 0.0294  -0.0095 -0.0460 15 A   B N6    
314 N  N1    . A   B 3  ? 0.1226 0.1408 0.1514 0.0425  -0.0295 -0.0334 15 A   B N1    
315 C  C2    . A   B 3  ? 0.1372 0.1552 0.1658 0.0266  -0.0348 -0.0308 15 A   B C2    
316 N  N3    . A   B 3  ? 0.1370 0.1447 0.1676 0.0400  -0.0291 -0.0408 15 A   B N3    
317 C  C4    . A   B 3  ? 0.1270 0.1548 0.1492 0.0463  -0.0253 -0.0353 15 A   B C4    
318 P  P     . C   B 4  ? 0.1396 0.1843 0.1751 -0.0071 0.0107  -0.0258 16 C   B P     
319 O  OP1   . C   B 4  ? 0.1403 0.2205 0.1814 -0.0218 0.0055  -0.0164 16 C   B OP1   
320 O  OP2   . C   B 4  ? 0.1581 0.1788 0.1983 0.0086  0.0283  -0.0260 16 C   B OP2   
321 O  "O5'" . C   B 4  ? 0.1338 0.1925 0.1817 -0.0369 0.0117  -0.0162 16 C   B "O5'" 
322 C  "C5'" . C   B 4  ? 0.1571 0.1986 0.1793 -0.0572 -0.0030 -0.0129 16 C   B "C5'" 
323 C  "C4'" . C   B 4  ? 0.1739 0.2070 0.1687 -0.0632 -0.0094 -0.0095 16 C   B "C4'" 
324 O  "O4'" . C   B 4  ? 0.1643 0.1955 0.1529 -0.0537 -0.0147 -0.0214 16 C   B "O4'" 
325 C  "C3'" . C   B 4  ? 0.1703 0.2036 0.1627 -0.0618 0.0105  -0.0123 16 C   B "C3'" 
326 O  "O3'" . C   B 4  ? 0.1604 0.2273 0.1831 -0.0665 0.0357  -0.0324 16 C   B "O3'" 
327 C  "C2'" . C   B 4  ? 0.1752 0.1840 0.1524 -0.0640 0.0114  -0.0086 16 C   B "C2'" 
328 O  "O2'" . C   B 4  ? 0.1948 0.1786 0.1631 -0.0774 0.0086  -0.0074 16 C   B "O2'" 
329 C  "C1'" . C   B 4  ? 0.1586 0.1666 0.1422 -0.0543 -0.0062 -0.0231 16 C   B "C1'" 
330 N  N1    . C   B 4  ? 0.1403 0.1275 0.1321 -0.0203 -0.0014 -0.0280 16 C   B N1    
331 C  C2    . C   B 4  ? 0.1472 0.1259 0.1278 -0.0204 -0.0159 -0.0195 16 C   B C2    
332 O  O2    . C   B 4  ? 0.1718 0.1211 0.1400 -0.0215 -0.0233 -0.0014 16 C   B O2    
333 N  N3    . C   B 4  ? 0.1273 0.1160 0.1393 -0.0071 -0.0139 -0.0198 16 C   B N3    
334 C  C4    . C   B 4  ? 0.1271 0.1177 0.1284 -0.0203 -0.0110 -0.0308 16 C   B C4    
335 N  N4    . C   B 4  ? 0.1375 0.1189 0.1339 -0.0112 -0.0115 -0.0218 16 C   B N4    
336 C  C5    . C   B 4  ? 0.1336 0.1158 0.1409 -0.0134 0.0022  -0.0389 16 C   B C5    
337 C  C6    . C   B 4  ? 0.1379 0.1241 0.1370 -0.0160 0.0039  -0.0222 16 C   B C6    
338 P  P     . U   B 5  ? 0.1657 0.2639 0.2312 -0.0424 0.0656  -0.0443 17 U   B P     
339 O  OP1   . U   B 5  ? 0.1672 0.3163 0.2608 -0.0725 0.0596  -0.0267 17 U   B OP1   
340 O  OP2   . U   B 5  ? 0.1862 0.2836 0.2563 -0.0089 0.0659  -0.0362 17 U   B OP2   
341 O  "O5'" . U   B 5  ? 0.1527 0.2336 0.2168 -0.0606 0.0759  -0.0483 17 U   B "O5'" 
342 C  "C5'" . U   B 5  ? 0.1652 0.2090 0.1993 -0.0766 0.0539  -0.0474 17 U   B "C5'" 
343 C  "C4'" . U   B 5  ? 0.1776 0.1810 0.1673 -0.0687 0.0394  -0.0397 17 U   B "C4'" 
344 O  "O4'" . U   B 5  ? 0.1648 0.1509 0.1523 -0.0569 0.0375  -0.0296 17 U   B "O4'" 
345 C  "C3'" . U   B 5  ? 0.1753 0.1826 0.1593 -0.0712 0.0409  -0.0535 17 U   B "C3'" 
346 O  "O3'" . U   B 5  ? 0.1841 0.2166 0.1733 -0.0687 0.0462  -0.0608 17 U   B "O3'" 
347 C  "C2'" . U   B 5  ? 0.1669 0.1561 0.1393 -0.0644 0.0320  -0.0334 17 U   B "C2'" 
348 O  "O2'" . U   B 5  ? 0.1824 0.1588 0.1550 -0.0592 0.0324  -0.0467 17 U   B "O2'" 
349 C  "C1'" . U   B 5  ? 0.1545 0.1249 0.1405 -0.0471 0.0319  -0.0263 17 U   B "C1'" 
350 N  N1    . U   B 5  ? 0.1406 0.1167 0.1348 -0.0297 0.0396  -0.0288 17 U   B N1    
351 C  C2    . U   B 5  ? 0.1296 0.0969 0.1455 -0.0339 0.0321  -0.0389 17 U   B C2    
352 O  O2    . U   B 5  ? 0.1423 0.1038 0.1530 -0.0473 0.0328  -0.0185 17 U   B O2    
353 N  N3    . U   B 5  ? 0.1155 0.0970 0.1533 -0.0307 0.0290  -0.0298 17 U   B N3    
354 C  C4    . U   B 5  ? 0.1258 0.0967 0.1620 -0.0245 0.0167  -0.0264 17 U   B C4    
355 O  O4    . U   B 5  ? 0.1126 0.1054 0.1557 -0.0325 0.0134  -0.0194 17 U   B O4    
356 C  C5    . U   B 5  ? 0.1194 0.0976 0.1605 -0.0232 0.0249  -0.0374 17 U   B C5    
357 C  C6    . U   B 5  ? 0.1323 0.0975 0.1512 -0.0217 0.0355  -0.0257 17 U   B C6    
358 P  P     . C   B 6  ? 0.1868 0.2104 0.1849 -0.0428 0.0415  -0.0711 18 C   B P     
359 O  OP1   . C   B 6  ? 0.2088 0.2325 0.1670 -0.0448 0.0430  -0.0497 18 C   B OP1   
360 O  OP2   . C   B 6  ? 0.2145 0.2380 0.2159 -0.0344 0.0263  -0.0771 18 C   B OP2   
361 O  "O5'" . C   B 6  ? 0.1597 0.1685 0.1688 -0.0328 0.0346  -0.0465 18 C   B "O5'" 
362 C  "C5'" . C   B 6  ? 0.1701 0.1513 0.1650 -0.0190 0.0322  -0.0369 18 C   B "C5'" 
363 C  "C4'" . C   B 6  ? 0.1700 0.1334 0.1532 -0.0165 0.0214  -0.0275 18 C   B "C4'" 
364 O  "O4'" . C   B 6  ? 0.1604 0.1131 0.1395 -0.0065 0.0319  -0.0257 18 C   B "O4'" 
365 C  "C3'" . C   B 6  ? 0.1568 0.1326 0.1533 -0.0059 0.0250  -0.0298 18 C   B "C3'" 
366 O  "O3'" . C   B 6  ? 0.1757 0.1381 0.1478 -0.0009 0.0125  -0.0472 18 C   B "O3'" 
367 C  "C2'" . C   B 6  ? 0.1521 0.1205 0.1605 -0.0118 0.0158  -0.0250 18 C   B "C2'" 
368 O  "O2'" . C   B 6  ? 0.1756 0.1138 0.1665 -0.0284 -0.0064 -0.0151 18 C   B "O2'" 
369 C  "C1'" . C   B 6  ? 0.1483 0.1044 0.1573 -0.0064 0.0317  -0.0276 18 C   B "C1'" 
370 N  N1    . C   B 6  ? 0.1470 0.1111 0.1519 -0.0067 0.0367  -0.0230 18 C   B N1    
371 C  C2    . C   B 6  ? 0.1350 0.1119 0.1515 0.0015  0.0426  -0.0216 18 C   B C2    
372 O  O2    . C   B 6  ? 0.1514 0.1075 0.1594 -0.0081 0.0350  -0.0137 18 C   B O2    
373 N  N3    . C   B 6  ? 0.1446 0.1149 0.1407 -0.0196 0.0302  -0.0149 18 C   B N3    
374 C  C4    . C   B 6  ? 0.1566 0.1152 0.1411 -0.0172 0.0223  -0.0275 18 C   B C4    
375 N  N4    . C   B 6  ? 0.1760 0.1325 0.1428 -0.0108 0.0246  -0.0223 18 C   B N4    
376 C  C5    . C   B 6  ? 0.1613 0.1303 0.1422 -0.0066 0.0155  -0.0135 18 C   B C5    
377 C  C6    . C   B 6  ? 0.1534 0.1340 0.1451 -0.0081 0.0294  -0.0210 18 C   B C6    
378 P  P     . C   B 7  ? 0.1712 0.1201 0.1397 -0.0129 0.0134  -0.0317 19 C   B P     
379 O  OP1   . C   B 7  ? 0.1355 0.1503 0.1729 -0.0280 0.0338  -0.0226 19 C   B OP1   
380 O  OP2   . C   B 7  ? 0.1869 0.1512 0.1243 0.0004  0.0057  -0.0265 19 C   B OP2   
381 O  "O5'" . C   B 7  ? 0.1877 0.1149 0.1383 -0.0136 0.0045  -0.0313 19 C   B "O5'" 
382 C  "C5'" . C   B 7  ? 0.1899 0.1188 0.1263 -0.0094 -0.0037 -0.0043 19 C   B "C5'" 
383 C  "C4'" . C   B 7  ? 0.1824 0.1263 0.1274 0.0024  -0.0029 -0.0106 19 C   B "C4'" 
384 O  "O4'" . C   B 7  ? 0.1714 0.1178 0.1250 0.0120  -0.0113 -0.0131 19 C   B "O4'" 
385 C  "C3'" . C   B 7  ? 0.1740 0.1287 0.1100 0.0028  -0.0084 -0.0251 19 C   B "C3'" 
386 O  "O3'" . C   B 7  ? 0.1851 0.1631 0.1090 -0.0137 -0.0091 -0.0397 19 C   B "O3'" 
387 C  "C2'" . C   B 7  ? 0.1522 0.1272 0.1057 0.0111  -0.0129 -0.0227 19 C   B "C2'" 
388 O  "O2'" . C   B 7  ? 0.1576 0.1481 0.1021 -0.0006 -0.0181 -0.0056 19 C   B "O2'" 
389 C  "C1'" . C   B 7  ? 0.1552 0.1207 0.1181 0.0198  -0.0022 -0.0185 19 C   B "C1'" 
390 N  N1    . C   B 7  ? 0.1436 0.1151 0.1044 -0.0001 -0.0116 -0.0167 19 C   B N1    
391 C  C2    . C   B 7  ? 0.1381 0.1224 0.1201 -0.0001 0.0062  -0.0275 19 C   B C2    
392 O  O2    . C   B 7  ? 0.1502 0.1339 0.1199 -0.0202 -0.0100 -0.0298 19 C   B O2    
393 N  N3    . C   B 7  ? 0.1279 0.1254 0.1244 -0.0066 -0.0075 -0.0176 19 C   B N3    
394 C  C4    . C   B 7  ? 0.1425 0.1399 0.1235 -0.0068 -0.0098 -0.0010 19 C   B C4    
395 N  N4    . C   B 7  ? 0.1631 0.1456 0.1256 -0.0111 -0.0158 0.0030  19 C   B N4    
396 C  C5    . C   B 7  ? 0.1446 0.1298 0.1295 -0.0232 -0.0019 -0.0166 19 C   B C5    
397 C  C6    . C   B 7  ? 0.1558 0.1157 0.1239 -0.0044 -0.0049 -0.0163 19 C   B C6    
398 P  P     . G   B 8  ? 0.1766 0.1663 0.1495 0.0140  0.0212  -0.0199 20 G   B P     
399 O  OP1   . G   B 8  ? 0.1956 0.2036 0.1513 -0.0086 0.0366  -0.0290 20 G   B OP1   
400 O  OP2   . G   B 8  ? 0.1804 0.2021 0.1542 -0.0139 -0.0058 -0.0337 20 G   B OP2   
401 O  "O5'" . G   B 8  ? 0.2008 0.1686 0.1815 0.0142  0.0255  -0.0298 20 G   B "O5'" 
402 C  "C5'" . G   B 8  ? 0.2006 0.1645 0.1662 0.0167  0.0089  -0.0348 20 G   B "C5'" 
403 C  "C4'" . G   B 8  ? 0.1669 0.1447 0.1438 0.0313  -0.0264 -0.0254 20 G   B "C4'" 
404 O  "O4'" . G   B 8  ? 0.1557 0.1312 0.1292 0.0282  -0.0402 -0.0222 20 G   B "O4'" 
405 C  "C3'" . G   B 8  ? 0.1604 0.1556 0.1453 0.0240  -0.0364 -0.0358 20 G   B "C3'" 
406 O  "O3'" . G   B 8  ? 0.1742 0.1816 0.1486 0.0402  -0.0518 -0.0465 20 G   B "O3'" 
407 C  "C2'" . G   B 8  ? 0.1538 0.1479 0.1521 -0.0143 -0.0368 -0.0364 20 G   B "C2'" 
408 O  "O2'" . G   B 8  ? 0.1775 0.1633 0.1634 -0.0284 -0.0413 -0.0206 20 G   B "O2'" 
409 C  "C1'" . G   B 8  ? 0.1455 0.1497 0.1421 -0.0057 -0.0339 -0.0273 20 G   B "C1'" 
410 N  N9    . G   B 8  ? 0.1428 0.1534 0.1389 -0.0092 -0.0271 -0.0252 20 G   B N9    
411 C  C8    . G   B 8  ? 0.1372 0.1473 0.1454 -0.0037 -0.0271 -0.0153 20 G   B C8    
412 N  N7    . G   B 8  ? 0.1320 0.1380 0.1451 -0.0006 -0.0213 -0.0135 20 G   B N7    
413 C  C5    . G   B 8  ? 0.1315 0.1359 0.1318 0.0057  -0.0156 -0.0209 20 G   B C5    
414 C  C6    . G   B 8  ? 0.1351 0.1340 0.1339 -0.0006 -0.0124 -0.0236 20 G   B C6    
415 O  O6    . G   B 8  ? 0.1316 0.1265 0.1250 -0.0114 -0.0060 -0.0262 20 G   B O6    
416 N  N1    . G   B 8  ? 0.1360 0.1496 0.1434 0.0017  -0.0181 -0.0219 20 G   B N1    
417 C  C2    . G   B 8  ? 0.1416 0.1582 0.1295 -0.0097 -0.0185 -0.0177 20 G   B C2    
418 N  N2    . G   B 8  ? 0.1586 0.1781 0.1263 -0.0087 -0.0218 -0.0121 20 G   B N2    
419 N  N3    . G   B 8  ? 0.1387 0.1484 0.1215 0.0036  -0.0135 -0.0227 20 G   B N3    
420 C  C4    . G   B 8  ? 0.1429 0.1379 0.1337 0.0083  -0.0161 -0.0276 20 G   B C4    
421 P  P     . G   B 9  ? 0.1880 0.2182 0.1724 0.0565  -0.0497 -0.0343 21 G   B P     
422 O  OP1   . G   B 9  ? 0.1944 0.2463 0.2025 0.0736  -0.0398 -0.0493 21 G   B OP1   
423 O  OP2   . G   B 9  ? 0.2024 0.2609 0.1935 0.0309  -0.0417 -0.0174 21 G   B OP2   
424 O  "O5'" . G   B 9  ? 0.1687 0.1974 0.1717 0.0189  -0.0687 -0.0067 21 G   B "O5'" 
425 C  "C5'" . G   B 9  ? 0.1569 0.1699 0.1831 -0.0059 -0.0719 -0.0023 21 G   B "C5'" 
426 C  "C4'" . G   B 9  ? 0.1528 0.1499 0.1860 -0.0247 -0.0604 -0.0072 21 G   B "C4'" 
427 O  "O4'" . G   B 9  ? 0.1511 0.1395 0.1953 -0.0345 -0.0462 0.0014  21 G   B "O4'" 
428 C  "C3'" . G   B 9  ? 0.1595 0.1331 0.1914 -0.0227 -0.0578 -0.0047 21 G   B "C3'" 
429 O  "O3'" . G   B 9  ? 0.1723 0.1241 0.2118 -0.0222 -0.0601 0.0112  21 G   B "O3'" 
430 C  "C2'" . G   B 9  ? 0.1541 0.1404 0.1945 -0.0365 -0.0478 0.0112  21 G   B "C2'" 
431 O  "O2'" . G   B 9  ? 0.1742 0.1687 0.2069 -0.0339 -0.0408 0.0348  21 G   B "O2'" 
432 C  "C1'" . G   B 9  ? 0.1508 0.1375 0.1818 -0.0302 -0.0555 0.0073  21 G   B "C1'" 
433 N  N9    . G   B 9  ? 0.1343 0.1364 0.1774 -0.0089 -0.0474 -0.0010 21 G   B N9    
434 C  C8    . G   B 9  ? 0.1393 0.1512 0.1657 -0.0077 -0.0347 0.0036  21 G   B C8    
435 N  N7    . G   B 9  ? 0.1318 0.1328 0.1532 0.0064  -0.0342 -0.0032 21 G   B N7    
436 C  C5    . G   B 9  ? 0.1355 0.1298 0.1563 0.0034  -0.0307 -0.0197 21 G   B C5    
437 C  C6    . G   B 9  ? 0.1411 0.1228 0.1569 -0.0089 -0.0282 -0.0232 21 G   B C6    
438 O  O6    . G   B 9  ? 0.1450 0.1355 0.1624 -0.0139 -0.0204 -0.0167 21 G   B O6    
439 N  N1    . G   B 9  ? 0.1449 0.1209 0.1524 -0.0044 -0.0260 -0.0171 21 G   B N1    
440 C  C2    . G   B 9  ? 0.1532 0.1363 0.1442 -0.0117 -0.0300 -0.0121 21 G   B C2    
441 N  N2    . G   B 9  ? 0.1456 0.1317 0.1333 0.0072  -0.0230 -0.0104 21 G   B N2    
442 N  N3    . G   B 9  ? 0.1455 0.1310 0.1555 -0.0179 -0.0225 -0.0162 21 G   B N3    
443 C  C4    . G   B 9  ? 0.1351 0.1392 0.1694 -0.0097 -0.0289 -0.0098 21 G   B C4    
444 P  P     . 5BU B 10 ? 0.1916 0.1276 0.2390 -0.0090 -0.0495 -0.0068 22 5BU B P     
445 O  OP1   . 5BU B 10 ? 0.2228 0.1343 0.2592 -0.0106 -0.0529 -0.0130 22 5BU B OP1   
446 O  OP2   . 5BU B 10 ? 0.1932 0.1695 0.2395 -0.0151 -0.0258 -0.0051 22 5BU B OP2   
447 O  "O5'" . 5BU B 10 ? 0.1668 0.1401 0.2255 -0.0309 -0.0483 0.0195  22 5BU B "O5'" 
448 C  "C5'" . 5BU B 10 ? 0.1575 0.1494 0.2216 -0.0357 -0.0416 0.0207  22 5BU B "C5'" 
449 C  "C4'" . 5BU B 10 ? 0.1479 0.1387 0.2124 -0.0283 -0.0421 0.0199  22 5BU B "C4'" 
450 O  "O4'" . 5BU B 10 ? 0.1395 0.1425 0.2054 -0.0182 -0.0437 0.0278  22 5BU B "O4'" 
451 C  "C3'" . 5BU B 10 ? 0.1615 0.1318 0.1985 -0.0231 -0.0459 0.0122  22 5BU B "C3'" 
452 O  "O3'" . 5BU B 10 ? 0.1770 0.1384 0.2094 -0.0181 -0.0488 0.0098  22 5BU B "O3'" 
453 C  "C2'" . 5BU B 10 ? 0.1638 0.1316 0.1814 -0.0171 -0.0421 0.0243  22 5BU B "C2'" 
454 O  "O2'" . 5BU B 10 ? 0.1703 0.1531 0.1758 -0.0132 -0.0465 0.0454  22 5BU B "O2'" 
455 C  "C1'" . 5BU B 10 ? 0.1401 0.1371 0.1865 -0.0236 -0.0292 0.0233  22 5BU B "C1'" 
456 N  N1    . 5BU B 10 ? 0.1360 0.1356 0.1738 -0.0083 -0.0228 0.0125  22 5BU B N1    
457 C  C2    . 5BU B 10 ? 0.1347 0.1327 0.1597 -0.0127 -0.0211 0.0070  22 5BU B C2    
458 O  O2    . 5BU B 10 ? 0.1472 0.1488 0.1454 -0.0206 -0.0291 0.0079  22 5BU B O2    
459 N  N3    . 5BU B 10 ? 0.1412 0.1322 0.1635 -0.0138 -0.0267 0.0036  22 5BU B N3    
460 C  C4    . 5BU B 10 ? 0.1356 0.1216 0.1766 -0.0034 -0.0342 -0.0050 22 5BU B C4    
461 O  O4    . 5BU B 10 ? 0.1499 0.1209 0.1702 -0.0141 -0.0418 0.0018  22 5BU B O4    
462 C  C5    . 5BU B 10 ? 0.1592 0.1429 0.1906 0.0050  -0.0320 -0.0068 22 5BU B C5    
463 C  C6    . 5BU B 10 ? 0.1473 0.1346 0.1729 0.0080  -0.0337 0.0017  22 5BU B C6    
464 BR BR    . 5BU B 10 ? 0.2250 0.2090 0.2194 -0.0162 -0.0366 0.0030  22 5BU B BR    
465 P  P     . C   B 11 ? 0.1888 0.1572 0.2055 -0.0104 -0.0454 -0.0015 23 C   B P     
466 O  OP1   . C   B 11 ? 0.2081 0.1567 0.2302 -0.0085 -0.0497 0.0193  23 C   B OP1   
467 O  OP2   . C   B 11 ? 0.2114 0.1850 0.1942 0.0004  -0.0284 -0.0061 23 C   B OP2   
468 O  "O5'" . C   B 11 ? 0.1652 0.1515 0.1700 -0.0320 -0.0405 0.0127  23 C   B "O5'" 
469 C  "C5'" . C   B 11 ? 0.1429 0.1561 0.1695 -0.0454 -0.0395 0.0293  23 C   B "C5'" 
470 C  "C4'" . C   B 11 ? 0.1327 0.1374 0.1720 -0.0195 -0.0143 0.0277  23 C   B "C4'" 
471 O  "O4'" . C   B 11 ? 0.1249 0.1353 0.1714 -0.0175 0.0010  0.0185  23 C   B "O4'" 
472 C  "C3'" . C   B 11 ? 0.1387 0.1249 0.1589 -0.0119 -0.0141 0.0250  23 C   B "C3'" 
473 O  "O3'" . C   B 11 ? 0.1378 0.1316 0.1521 -0.0036 -0.0102 0.0158  23 C   B "O3'" 
474 C  "C2'" . C   B 11 ? 0.1316 0.1369 0.1541 -0.0213 -0.0079 0.0172  23 C   B "C2'" 
475 O  "O2'" . C   B 11 ? 0.1427 0.1502 0.1539 -0.0271 -0.0085 0.0081  23 C   B "O2'" 
476 C  "C1'" . C   B 11 ? 0.1282 0.1398 0.1608 -0.0248 -0.0049 0.0087  23 C   B "C1'" 
477 N  N1    . C   B 11 ? 0.1151 0.1277 0.1630 -0.0146 -0.0049 -0.0005 23 C   B N1    
478 C  C2    . C   B 11 ? 0.1252 0.1137 0.1601 -0.0039 0.0010  -0.0019 23 C   B C2    
479 O  O2    . C   B 11 ? 0.1395 0.1179 0.1623 -0.0204 -0.0028 -0.0067 23 C   B O2    
480 N  N3    . C   B 11 ? 0.1318 0.1227 0.1415 -0.0095 -0.0040 -0.0030 23 C   B N3    
481 C  C4    . C   B 11 ? 0.1276 0.1338 0.1449 -0.0161 -0.0048 -0.0127 23 C   B C4    
482 N  N4    . C   B 11 ? 0.1463 0.1301 0.1366 -0.0010 -0.0133 -0.0275 23 C   B N4    
483 C  C5    . C   B 11 ? 0.1344 0.1503 0.1635 -0.0324 -0.0067 -0.0032 23 C   B C5    
484 C  C6    . C   B 11 ? 0.1352 0.1429 0.1655 -0.0262 -0.0130 -0.0037 23 C   B C6    
485 P  P     . C   B 12 ? 0.1658 0.1220 0.1641 -0.0198 -0.0109 -0.0014 24 C   B P     
486 O  OP1   . C   B 12 ? 0.1777 0.1178 0.1968 -0.0060 0.0164  0.0063  24 C   B OP1   
487 O  OP2   . C   B 12 ? 0.1798 0.1405 0.1640 -0.0213 -0.0014 0.0036  24 C   B OP2   
488 O  "O5'" . C   B 12 ? 0.1580 0.1258 0.1523 -0.0272 -0.0065 0.0010  24 C   B "O5'" 
489 C  "C5'" . C   B 12 ? 0.1568 0.1435 0.1627 -0.0325 -0.0188 0.0186  24 C   B "C5'" 
490 C  "C4'" . C   B 12 ? 0.1519 0.1269 0.1558 -0.0271 -0.0045 0.0098  24 C   B "C4'" 
491 O  "O4'" . C   B 12 ? 0.1586 0.1159 0.1427 -0.0217 -0.0053 0.0045  24 C   B "O4'" 
492 C  "C3'" . C   B 12 ? 0.1462 0.1437 0.1738 -0.0122 0.0035  0.0077  24 C   B "C3'" 
493 O  "O3'" . C   B 12 ? 0.1566 0.1820 0.2083 -0.0095 0.0017  0.0176  24 C   B "O3'" 
494 C  "C2'" . C   B 12 ? 0.1526 0.1508 0.1596 -0.0279 -0.0101 0.0101  24 C   B "C2'" 
495 O  "O2'" . C   B 12 ? 0.1682 0.1629 0.1716 -0.0364 -0.0259 0.0148  24 C   B "O2'" 
496 C  "C1'" . C   B 12 ? 0.1508 0.1331 0.1410 -0.0320 -0.0093 0.0079  24 C   B "C1'" 
497 N  N1    . C   B 12 ? 0.1467 0.1158 0.1303 -0.0127 -0.0064 -0.0064 24 C   B N1    
498 C  C2    . C   B 12 ? 0.1491 0.1022 0.1258 -0.0041 0.0003  -0.0200 24 C   B C2    
499 O  O2    . C   B 12 ? 0.1688 0.1070 0.1295 -0.0181 0.0036  -0.0158 24 C   B O2    
500 N  N3    . C   B 12 ? 0.1481 0.1105 0.1302 0.0018  -0.0015 0.0024  24 C   B N3    
501 C  C4    . C   B 12 ? 0.1524 0.1188 0.1305 0.0008  -0.0027 -0.0016 24 C   B C4    
502 N  N4    . C   B 12 ? 0.1401 0.1322 0.1402 -0.0089 -0.0024 -0.0156 24 C   B N4    
503 C  C5    . C   B 12 ? 0.1492 0.1176 0.1431 -0.0105 -0.0007 -0.0050 24 C   B C5    
504 C  C6    . C   B 12 ? 0.1335 0.1223 0.1356 -0.0156 0.0002  -0.0045 24 C   B C6    
# 
